data_4K31
# 
_entry.id   4K31 
# 
_audit_conform.dict_name       mmcif_pdbx.dic 
_audit_conform.dict_version    5.379 
_audit_conform.dict_location   http://mmcif.pdb.org/dictionaries/ascii/mmcif_pdbx.dic 
# 
loop_
_database_2.database_id 
_database_2.database_code 
_database_2.pdbx_database_accession 
_database_2.pdbx_DOI 
PDB   4K31         pdb_00004k31 10.2210/pdb4k31/pdb 
NDB   NA2343       ?            ?                   
RCSB  RCSB078827   ?            ?                   
WWPDB D_1000078827 ?            ?                   
# 
_pdbx_database_related.db_name        PDB 
_pdbx_database_related.db_id          4K32 
_pdbx_database_related.details        . 
_pdbx_database_related.content_type   unspecified 
# 
_pdbx_database_status.status_code                     REL 
_pdbx_database_status.entry_id                        4K31 
_pdbx_database_status.recvd_initial_deposition_date   2013-04-10 
_pdbx_database_status.deposit_site                    RCSB 
_pdbx_database_status.process_site                    RCSB 
_pdbx_database_status.status_code_sf                  REL 
_pdbx_database_status.status_code_mr                  ? 
_pdbx_database_status.SG_entry                        ? 
_pdbx_database_status.status_code_cs                  ? 
_pdbx_database_status.methods_development_category    ? 
_pdbx_database_status.pdb_format_compatible           Y 
_pdbx_database_status.status_code_nmr_data            ? 
# 
loop_
_audit_author.name 
_audit_author.pdbx_ordinal 
'Shalev, M.' 1 
'Kondo, J.'  2 
'Adir, N.'   3 
'Baasov, T.' 4 
# 
_citation.id                        primary 
_citation.title                     
'Identification of the molecular attributes required for aminoglycoside activity against Leishmania.' 
_citation.journal_abbrev            Proc.Natl.Acad.Sci.USA 
_citation.journal_volume            110 
_citation.page_first                13333 
_citation.page_last                 13338 
_citation.year                      2013 
_citation.journal_id_ASTM           PNASA6 
_citation.country                   US 
_citation.journal_id_ISSN           0027-8424 
_citation.journal_id_CSD            0040 
_citation.book_publisher            ? 
_citation.pdbx_database_id_PubMed   23898171 
_citation.pdbx_database_id_DOI      10.1073/pnas.1307365110 
# 
loop_
_citation_author.citation_id 
_citation_author.name 
_citation_author.ordinal 
_citation_author.identifier_ORCID 
primary 'Shalev, M.'       1 ? 
primary 'Kondo, J.'        2 ? 
primary 'Kopelyanskiy, D.' 3 ? 
primary 'Jaffe, C.L.'      4 ? 
primary 'Adir, N.'         5 ? 
primary 'Baasov, T.'       6 ? 
# 
_cell.entry_id           4K31 
_cell.length_a           32.790 
_cell.length_b           32.790 
_cell.length_c           107.400 
_cell.angle_alpha        90.00 
_cell.angle_beta         90.00 
_cell.angle_gamma        120.00 
_cell.Z_PDB              6 
_cell.pdbx_unique_axis   ? 
_cell.length_a_esd       ? 
_cell.length_b_esd       ? 
_cell.length_c_esd       ? 
_cell.angle_alpha_esd    ? 
_cell.angle_beta_esd     ? 
_cell.angle_gamma_esd    ? 
# 
_symmetry.entry_id                         4K31 
_symmetry.space_group_name_H-M             'P 31' 
_symmetry.pdbx_full_space_group_name_H-M   ? 
_symmetry.cell_setting                     ? 
_symmetry.Int_Tables_number                144 
_symmetry.space_group_name_Hall            ? 
# 
loop_
_entity.id 
_entity.type 
_entity.src_method 
_entity.pdbx_description 
_entity.formula_weight 
_entity.pdbx_number_of_molecules 
_entity.pdbx_ec 
_entity.pdbx_mutation 
_entity.pdbx_fragment 
_entity.details 
1 polymer     syn 
;RNA (5'-R(*UP*UP*GP*CP*GP*UP*CP*GP*UP*UP*CP*CP*GP*GP*AP*AP*AP*AP*GP*UP*CP*GP*C)-3')
;
7356.393 2   ? ? ? ? 
2 non-polymer syn APRAMYCIN                                                                             539.577  4   ? ? ? ? 
3 water       nat water                                                                                 18.015   209 ? ? ? ? 
# 
_entity_poly.entity_id                      1 
_entity_poly.type                           polyribonucleotide 
_entity_poly.nstd_linkage                   no 
_entity_poly.nstd_monomer                   no 
_entity_poly.pdbx_seq_one_letter_code       UUGCGUCGUUCCGGAAAAGUCGC 
_entity_poly.pdbx_seq_one_letter_code_can   UUGCGUCGUUCCGGAAAAGUCGC 
_entity_poly.pdbx_strand_id                 B,C 
_entity_poly.pdbx_target_identifier         ? 
# 
loop_
_entity_poly_seq.entity_id 
_entity_poly_seq.num 
_entity_poly_seq.mon_id 
_entity_poly_seq.hetero 
1 1  U n 
1 2  U n 
1 3  G n 
1 4  C n 
1 5  G n 
1 6  U n 
1 7  C n 
1 8  G n 
1 9  U n 
1 10 U n 
1 11 C n 
1 12 C n 
1 13 G n 
1 14 G n 
1 15 A n 
1 16 A n 
1 17 A n 
1 18 A n 
1 19 G n 
1 20 U n 
1 21 C n 
1 22 G n 
1 23 C n 
# 
_pdbx_entity_src_syn.entity_id              1 
_pdbx_entity_src_syn.pdbx_src_id            1 
_pdbx_entity_src_syn.pdbx_alt_source_flag   sample 
_pdbx_entity_src_syn.pdbx_beg_seq_num       ? 
_pdbx_entity_src_syn.pdbx_end_seq_num       ? 
_pdbx_entity_src_syn.organism_scientific    Leishmania 
_pdbx_entity_src_syn.organism_common_name   ? 
_pdbx_entity_src_syn.ncbi_taxonomy_id       38568 
_pdbx_entity_src_syn.details                ? 
# 
_struct_ref.id                         1 
_struct_ref.db_name                    PDB 
_struct_ref.db_code                    4K31 
_struct_ref.pdbx_db_accession          4K31 
_struct_ref.entity_id                  1 
_struct_ref.pdbx_align_begin           ? 
_struct_ref.pdbx_seq_one_letter_code   ? 
_struct_ref.pdbx_db_isoform            ? 
# 
loop_
_struct_ref_seq.align_id 
_struct_ref_seq.ref_id 
_struct_ref_seq.pdbx_PDB_id_code 
_struct_ref_seq.pdbx_strand_id 
_struct_ref_seq.seq_align_beg 
_struct_ref_seq.pdbx_seq_align_beg_ins_code 
_struct_ref_seq.seq_align_end 
_struct_ref_seq.pdbx_seq_align_end_ins_code 
_struct_ref_seq.pdbx_db_accession 
_struct_ref_seq.db_align_beg 
_struct_ref_seq.pdbx_db_align_beg_ins_code 
_struct_ref_seq.db_align_end 
_struct_ref_seq.pdbx_db_align_end_ins_code 
_struct_ref_seq.pdbx_auth_seq_align_beg 
_struct_ref_seq.pdbx_auth_seq_align_end 
1 1 4K31 B 1 ? 23 ? 4K31 1 ? 23 ? 1 23 
2 1 4K31 C 1 ? 23 ? 4K31 1 ? 23 ? 1 23 
# 
loop_
_chem_comp.id 
_chem_comp.type 
_chem_comp.mon_nstd_flag 
_chem_comp.name 
_chem_comp.pdbx_synonyms 
_chem_comp.formula 
_chem_comp.formula_weight 
A   'RNA linking' y "ADENOSINE-5'-MONOPHOSPHATE" ? 'C10 H14 N5 O7 P' 347.221 
AM2 non-polymer   . APRAMYCIN                    
;NEBRAMYCIN II; 4-O-(3ALPHA-AMINO-6ALPHA-((4-AMINO-4-DEOXY-ALPHA-D-GLUCOPYRANOSYL)OXY)-2,3,4,5ABETA,6,7,8,8AALPHA-OCTAHYDRO-8BETA-HYDROXY-7BETA-(METHYLAMINO)PYRANO(3,2-B)PYRAN-2ALPHA-YL)-2-DEOXY-D-STREPTAMINE
;
'C21 H41 N5 O11'  539.577 
C   'RNA linking' y "CYTIDINE-5'-MONOPHOSPHATE"  ? 'C9 H14 N3 O8 P'  323.197 
G   'RNA linking' y "GUANOSINE-5'-MONOPHOSPHATE" ? 'C10 H14 N5 O8 P' 363.221 
HOH non-polymer   . WATER                        ? 'H2 O'            18.015  
U   'RNA linking' y "URIDINE-5'-MONOPHOSPHATE"   ? 'C9 H13 N2 O9 P'  324.181 
# 
_exptl.entry_id          4K31 
_exptl.method            'X-RAY DIFFRACTION' 
_exptl.crystals_number   1 
# 
_exptl_crystal.id                    1 
_exptl_crystal.density_meas          ? 
_exptl_crystal.density_Matthews      2.27 
_exptl_crystal.density_percent_sol   45.71 
_exptl_crystal.description           ? 
_exptl_crystal.F_000                 ? 
_exptl_crystal.preparation           ? 
# 
_exptl_crystal_grow.crystal_id      1 
_exptl_crystal_grow.method          'VAPOR DIFFUSION, HANGING DROP' 
_exptl_crystal_grow.temp            293.15 
_exptl_crystal_grow.temp_details    ? 
_exptl_crystal_grow.pH              7.0 
_exptl_crystal_grow.pdbx_details    
;50 mM Na cacodylate, 1 mM spermine tetrahydrochloride, 1% 2-methyl-2,4-pentadiol (vs. 40% reservoir), 100-250 mM NaCl, pH 7.0, VAPOR DIFFUSION, HANGING DROP, temperature 293.15K
;
_exptl_crystal_grow.pdbx_pH_range   ? 
# 
_diffrn.id                     1 
_diffrn.ambient_temp           100 
_diffrn.ambient_temp_details   ? 
_diffrn.crystal_id             1 
# 
_diffrn_detector.diffrn_id              1 
_diffrn_detector.detector               CCD 
_diffrn_detector.type                   'ADSC QUANTUM 315r' 
_diffrn_detector.pdbx_collection_date   2012-01-01 
_diffrn_detector.details                ? 
# 
_diffrn_radiation.diffrn_id                        1 
_diffrn_radiation.wavelength_id                    1 
_diffrn_radiation.pdbx_monochromatic_or_laue_m_l   M 
_diffrn_radiation.monochromator                    ? 
_diffrn_radiation.pdbx_diffrn_protocol             'SINGLE WAVELENGTH' 
_diffrn_radiation.pdbx_scattering_type             x-ray 
# 
_diffrn_radiation_wavelength.id           1 
_diffrn_radiation_wavelength.wavelength   0.9394 
_diffrn_radiation_wavelength.wt           1.0 
# 
_diffrn_source.diffrn_id                   1 
_diffrn_source.source                      SYNCHROTRON 
_diffrn_source.type                        'ESRF BEAMLINE ID14-4' 
_diffrn_source.pdbx_synchrotron_site       ESRF 
_diffrn_source.pdbx_synchrotron_beamline   ID14-4 
_diffrn_source.pdbx_wavelength             ? 
_diffrn_source.pdbx_wavelength_list        0.9394 
# 
_reflns.entry_id                     4K31 
_reflns.observed_criterion_sigma_I   21.5 
_reflns.observed_criterion_sigma_F   21.5 
_reflns.d_resolution_low             35.8 
_reflns.d_resolution_high            1.4 
_reflns.number_obs                   23325 
_reflns.number_all                   67545 
_reflns.percent_possible_obs         94.5 
_reflns.pdbx_Rmerge_I_obs            0.048 
_reflns.pdbx_Rsym_value              ? 
_reflns.pdbx_netI_over_sigmaI        14.1 
_reflns.B_iso_Wilson_estimate        ? 
_reflns.pdbx_redundancy              2.9 
_reflns.R_free_details               ? 
_reflns.limit_h_max                  ? 
_reflns.limit_h_min                  ? 
_reflns.limit_k_max                  ? 
_reflns.limit_k_min                  ? 
_reflns.limit_l_max                  ? 
_reflns.limit_l_min                  ? 
_reflns.observed_criterion_F_max     ? 
_reflns.observed_criterion_F_min     ? 
_reflns.pdbx_chi_squared             ? 
_reflns.pdbx_scaling_rejects         ? 
_reflns.pdbx_ordinal                 1 
_reflns.pdbx_diffrn_id               1 
# 
_reflns_shell.d_res_high             1.42 
_reflns_shell.d_res_low              1.49 
_reflns_shell.percent_possible_obs   ? 
_reflns_shell.percent_possible_all   98 
_reflns_shell.Rmerge_I_obs           0.137 
_reflns_shell.meanI_over_sigI_obs    5.7 
_reflns_shell.pdbx_Rsym_value        ? 
_reflns_shell.pdbx_redundancy        ? 
_reflns_shell.number_unique_all      ? 
_reflns_shell.number_measured_all    ? 
_reflns_shell.number_measured_obs    ? 
_reflns_shell.number_unique_obs      ? 
_reflns_shell.pdbx_chi_squared       ? 
_reflns_shell.pdbx_ordinal           1 
_reflns_shell.pdbx_diffrn_id         1 
# 
_refine.entry_id                                 4K31 
_refine.ls_number_reflns_obs                     23271 
_refine.ls_number_reflns_all                     22089 
_refine.pdbx_ls_sigma_I                          ? 
_refine.pdbx_ls_sigma_F                          2.00 
_refine.pdbx_data_cutoff_high_absF               ? 
_refine.pdbx_data_cutoff_low_absF                ? 
_refine.pdbx_data_cutoff_high_rms_absF           ? 
_refine.ls_d_res_low                             19.510 
_refine.ls_d_res_high                            1.415 
_refine.ls_percent_reflns_obs                    94.51 
_refine.ls_R_factor_obs                          0.2277 
_refine.ls_R_factor_all                          ? 
_refine.ls_R_factor_R_work                       0.2258 
_refine.ls_R_factor_R_free                       0.2644 
_refine.ls_R_factor_R_free_error                 ? 
_refine.ls_R_factor_R_free_error_details         ? 
_refine.ls_percent_reflns_R_free                 5.11 
_refine.ls_number_reflns_R_free                  1190 
_refine.ls_number_parameters                     ? 
_refine.ls_number_restraints                     ? 
_refine.occupancy_min                            ? 
_refine.occupancy_max                            ? 
_refine.correlation_coeff_Fo_to_Fc               ? 
_refine.correlation_coeff_Fo_to_Fc_free          ? 
_refine.B_iso_mean                               ? 
_refine.aniso_B[1][1]                            0.0000 
_refine.aniso_B[2][2]                            0.0000 
_refine.aniso_B[3][3]                            0.0000 
_refine.aniso_B[1][2]                            0.0000 
_refine.aniso_B[1][3]                            0.0000 
_refine.aniso_B[2][3]                            0.0000 
_refine.solvent_model_details                    'FLAT BULK SOLVENT MODEL' 
_refine.solvent_model_param_ksol                 0.600 
_refine.solvent_model_param_bsol                 80.000 
_refine.pdbx_solvent_vdw_probe_radii             1.11 
_refine.pdbx_solvent_ion_probe_radii             ? 
_refine.pdbx_solvent_shrinkage_radii             0.90 
_refine.pdbx_ls_cross_valid_method               ? 
_refine.details                                  ? 
_refine.pdbx_starting_model                      'pdb entry 2G5K' 
_refine.pdbx_method_to_determine_struct          'MOLECULAR REPLACEMENT' 
_refine.pdbx_isotropic_thermal_model             ? 
_refine.pdbx_stereochemistry_target_values       ML 
_refine.pdbx_stereochem_target_val_spec_case     ? 
_refine.pdbx_R_Free_selection_details            RANDOM 
_refine.pdbx_overall_ESU_R                       ? 
_refine.pdbx_overall_ESU_R_Free                  ? 
_refine.overall_SU_ML                            0.19 
_refine.pdbx_overall_phase_error                 21.40 
_refine.overall_SU_B                             ? 
_refine.overall_SU_R_Cruickshank_DPI             ? 
_refine.ls_redundancy_reflns_obs                 ? 
_refine.B_iso_min                                ? 
_refine.B_iso_max                                ? 
_refine.overall_SU_R_free                        ? 
_refine.ls_wR_factor_R_free                      ? 
_refine.ls_wR_factor_R_work                      ? 
_refine.overall_FOM_free_R_set                   ? 
_refine.overall_FOM_work_R_set                   ? 
_refine.pdbx_diffrn_id                           1 
_refine.pdbx_refine_id                           'X-RAY DIFFRACTION' 
_refine.pdbx_TLS_residual_ADP_flag               ? 
_refine.pdbx_overall_SU_R_free_Cruickshank_DPI   ? 
_refine.pdbx_overall_SU_R_Blow_DPI               ? 
_refine.pdbx_overall_SU_R_free_Blow_DPI          ? 
# 
_refine_hist.pdbx_refine_id                   'X-RAY DIFFRACTION' 
_refine_hist.cycle_id                         LAST 
_refine_hist.pdbx_number_atoms_protein        0 
_refine_hist.pdbx_number_atoms_nucleic_acid   938 
_refine_hist.pdbx_number_atoms_ligand         148 
_refine_hist.number_atoms_solvent             209 
_refine_hist.number_atoms_total               1295 
_refine_hist.d_res_high                       1.415 
_refine_hist.d_res_low                        19.510 
# 
loop_
_refine_ls_restr.type 
_refine_ls_restr.dev_ideal 
_refine_ls_restr.dev_ideal_target 
_refine_ls_restr.weight 
_refine_ls_restr.number 
_refine_ls_restr.pdbx_restraint_function 
_refine_ls_restr.pdbx_refine_id 
f_bond_d           0.006  ? ? 1208 ? 'X-RAY DIFFRACTION' 
f_angle_d          0.976  ? ? 1872 ? 'X-RAY DIFFRACTION' 
f_dihedral_angle_d 15.785 ? ? 638  ? 'X-RAY DIFFRACTION' 
f_chiral_restr     0.051  ? ? 288  ? 'X-RAY DIFFRACTION' 
f_plane_restr      0.009  ? ? 44   ? 'X-RAY DIFFRACTION' 
# 
loop_
_refine_ls_shell.pdbx_total_number_of_bins_used 
_refine_ls_shell.d_res_high 
_refine_ls_shell.d_res_low 
_refine_ls_shell.number_reflns_R_work 
_refine_ls_shell.R_factor_R_work 
_refine_ls_shell.percent_reflns_obs 
_refine_ls_shell.R_factor_R_free 
_refine_ls_shell.R_factor_R_free_error 
_refine_ls_shell.percent_reflns_R_free 
_refine_ls_shell.number_reflns_R_free 
_refine_ls_shell.number_reflns_all 
_refine_ls_shell.R_factor_all 
_refine_ls_shell.number_reflns_obs 
_refine_ls_shell.redundancy_reflns_obs 
_refine_ls_shell.pdbx_refine_id 
. 1.4151 1.4795  2826 0.2456 98.00  0.2827 . . 165 . . . . 'X-RAY DIFFRACTION' 
. 1.4795 1.5574  2929 0.2222 100.00 0.2323 . . 167 . . . . 'X-RAY DIFFRACTION' 
. 1.5574 1.6549  2921 0.2165 100.00 0.2402 . . 144 . . . . 'X-RAY DIFFRACTION' 
. 1.6549 1.7826  2908 0.2077 100.00 0.2234 . . 157 . . . . 'X-RAY DIFFRACTION' 
. 1.7826 1.9619  2941 0.2114 100.00 0.2291 . . 137 . . . . 'X-RAY DIFFRACTION' 
. 1.9619 2.2454  2904 0.2052 100.00 0.2239 . . 167 . . . . 'X-RAY DIFFRACTION' 
. 2.2454 2.8276  2912 0.2219 99.00  0.2846 . . 159 . . . . 'X-RAY DIFFRACTION' 
. 2.8276 19.5116 1740 0.2566 60.00  0.3155 . . 94  . . . . 'X-RAY DIFFRACTION' 
# 
_struct.entry_id                  4K31 
_struct.title                     'Crystal structure of apramycin bound to the leishmanial rRNA A-site' 
_struct.pdbx_model_details        ? 
_struct.pdbx_CASP_flag            ? 
_struct.pdbx_model_type_details   ? 
# 
_struct_keywords.entry_id        4K31 
_struct_keywords.pdbx_keywords   RNA/antibiotic 
_struct_keywords.text            'rRNA duplex, Ribosomal A-site, Aminoglycoside, Ribosome, RNA, RNA-antibiotic complex' 
# 
loop_
_struct_asym.id 
_struct_asym.pdbx_blank_PDB_chainid_flag 
_struct_asym.pdbx_modified 
_struct_asym.entity_id 
_struct_asym.details 
A N N 1 ? 
B N N 1 ? 
C N N 2 ? 
D N N 2 ? 
E N N 2 ? 
F N N 2 ? 
G N N 3 ? 
H N N 3 ? 
# 
_struct_biol.id        1 
_struct_biol.details   ? 
# 
loop_
_struct_conn.id 
_struct_conn.conn_type_id 
_struct_conn.pdbx_leaving_atom_flag 
_struct_conn.pdbx_PDB_id 
_struct_conn.ptnr1_label_asym_id 
_struct_conn.ptnr1_label_comp_id 
_struct_conn.ptnr1_label_seq_id 
_struct_conn.ptnr1_label_atom_id 
_struct_conn.pdbx_ptnr1_label_alt_id 
_struct_conn.pdbx_ptnr1_PDB_ins_code 
_struct_conn.pdbx_ptnr1_standard_comp_id 
_struct_conn.ptnr1_symmetry 
_struct_conn.ptnr2_label_asym_id 
_struct_conn.ptnr2_label_comp_id 
_struct_conn.ptnr2_label_seq_id 
_struct_conn.ptnr2_label_atom_id 
_struct_conn.pdbx_ptnr2_label_alt_id 
_struct_conn.pdbx_ptnr2_PDB_ins_code 
_struct_conn.ptnr1_auth_asym_id 
_struct_conn.ptnr1_auth_comp_id 
_struct_conn.ptnr1_auth_seq_id 
_struct_conn.ptnr2_auth_asym_id 
_struct_conn.ptnr2_auth_comp_id 
_struct_conn.ptnr2_auth_seq_id 
_struct_conn.ptnr2_symmetry 
_struct_conn.pdbx_ptnr3_label_atom_id 
_struct_conn.pdbx_ptnr3_label_seq_id 
_struct_conn.pdbx_ptnr3_label_comp_id 
_struct_conn.pdbx_ptnr3_label_asym_id 
_struct_conn.pdbx_ptnr3_label_alt_id 
_struct_conn.pdbx_ptnr3_PDB_ins_code 
_struct_conn.details 
_struct_conn.pdbx_dist_value 
_struct_conn.pdbx_value_order 
_struct_conn.pdbx_role 
hydrog1  hydrog ? ? A G 3  N1 ? ? ? 1_555 B C 23 N3 ? ? B G 3  C C 23 1_555 ? ? ? ? ? ? WATSON-CRICK ? ? ? 
hydrog2  hydrog ? ? A G 3  N2 ? ? ? 1_555 B C 23 O2 ? ? B G 3  C C 23 1_555 ? ? ? ? ? ? WATSON-CRICK ? ? ? 
hydrog3  hydrog ? ? A G 3  O6 ? ? ? 1_555 B C 23 N4 ? ? B G 3  C C 23 1_555 ? ? ? ? ? ? WATSON-CRICK ? ? ? 
hydrog4  hydrog ? ? A C 4  N3 ? ? ? 1_555 B G 22 N1 ? ? B C 4  C G 22 1_555 ? ? ? ? ? ? WATSON-CRICK ? ? ? 
hydrog5  hydrog ? ? A C 4  N4 ? ? ? 1_555 B G 22 O6 ? ? B C 4  C G 22 1_555 ? ? ? ? ? ? WATSON-CRICK ? ? ? 
hydrog6  hydrog ? ? A C 4  O2 ? ? ? 1_555 B G 22 N2 ? ? B C 4  C G 22 1_555 ? ? ? ? ? ? WATSON-CRICK ? ? ? 
hydrog7  hydrog ? ? A G 5  N1 ? ? ? 1_555 B C 21 N3 ? ? B G 5  C C 21 1_555 ? ? ? ? ? ? WATSON-CRICK ? ? ? 
hydrog8  hydrog ? ? A G 5  N2 ? ? ? 1_555 B C 21 O2 ? ? B G 5  C C 21 1_555 ? ? ? ? ? ? WATSON-CRICK ? ? ? 
hydrog9  hydrog ? ? A G 5  O6 ? ? ? 1_555 B C 21 N4 ? ? B G 5  C C 21 1_555 ? ? ? ? ? ? WATSON-CRICK ? ? ? 
hydrog10 hydrog ? ? A U 6  N3 ? ? ? 1_555 B U 20 O4 ? ? B U 6  C U 20 1_555 ? ? ? ? ? ? TYPE_16_PAIR ? ? ? 
hydrog11 hydrog ? ? A U 6  O2 ? ? ? 1_555 B U 20 N3 ? ? B U 6  C U 20 1_555 ? ? ? ? ? ? TYPE_16_PAIR ? ? ? 
hydrog12 hydrog ? ? A C 7  N3 ? ? ? 1_555 B G 19 N1 ? ? B C 7  C G 19 1_555 ? ? ? ? ? ? WATSON-CRICK ? ? ? 
hydrog13 hydrog ? ? A C 7  N4 ? ? ? 1_555 B G 19 O6 ? ? B C 7  C G 19 1_555 ? ? ? ? ? ? WATSON-CRICK ? ? ? 
hydrog14 hydrog ? ? A C 7  O2 ? ? ? 1_555 B G 19 N2 ? ? B C 7  C G 19 1_555 ? ? ? ? ? ? WATSON-CRICK ? ? ? 
hydrog15 hydrog ? ? A G 8  N1 ? ? ? 1_555 B A 17 N1 ? ? B G 8  C A 17 1_555 ? ? ? ? ? ? TYPE_8_PAIR  ? ? ? 
hydrog16 hydrog ? ? A G 8  O6 ? ? ? 1_555 B A 17 N6 ? ? B G 8  C A 17 1_555 ? ? ? ? ? ? TYPE_8_PAIR  ? ? ? 
hydrog17 hydrog ? ? A U 9  N3 ? ? ? 1_555 B A 16 N1 ? ? B U 9  C A 16 1_555 ? ? ? ? ? ? WATSON-CRICK ? ? ? 
hydrog18 hydrog ? ? A U 9  O4 ? ? ? 1_555 B A 16 N6 ? ? B U 9  C A 16 1_555 ? ? ? ? ? ? WATSON-CRICK ? ? ? 
hydrog19 hydrog ? ? A U 10 N3 ? ? ? 1_555 B A 15 N1 ? ? B U 10 C A 15 1_555 ? ? ? ? ? ? WATSON-CRICK ? ? ? 
hydrog20 hydrog ? ? A U 10 O4 ? ? ? 1_555 B A 15 N6 ? ? B U 10 C A 15 1_555 ? ? ? ? ? ? WATSON-CRICK ? ? ? 
hydrog21 hydrog ? ? A C 11 N3 ? ? ? 1_555 B G 14 N1 ? ? B C 11 C G 14 1_555 ? ? ? ? ? ? WATSON-CRICK ? ? ? 
hydrog22 hydrog ? ? A C 11 N4 ? ? ? 1_555 B G 14 O6 ? ? B C 11 C G 14 1_555 ? ? ? ? ? ? WATSON-CRICK ? ? ? 
hydrog23 hydrog ? ? A C 11 O2 ? ? ? 1_555 B G 14 N2 ? ? B C 11 C G 14 1_555 ? ? ? ? ? ? WATSON-CRICK ? ? ? 
hydrog24 hydrog ? ? A C 12 N3 ? ? ? 1_555 B G 13 N1 ? ? B C 12 C G 13 1_555 ? ? ? ? ? ? WATSON-CRICK ? ? ? 
hydrog25 hydrog ? ? A C 12 N4 ? ? ? 1_555 B G 13 O6 ? ? B C 12 C G 13 1_555 ? ? ? ? ? ? WATSON-CRICK ? ? ? 
hydrog26 hydrog ? ? A C 12 O2 ? ? ? 1_555 B G 13 N2 ? ? B C 12 C G 13 1_555 ? ? ? ? ? ? WATSON-CRICK ? ? ? 
hydrog27 hydrog ? ? A G 13 N1 ? ? ? 1_555 B C 12 N3 ? ? B G 13 C C 12 1_555 ? ? ? ? ? ? WATSON-CRICK ? ? ? 
hydrog28 hydrog ? ? A G 13 N2 ? ? ? 1_555 B C 12 O2 ? ? B G 13 C C 12 1_555 ? ? ? ? ? ? WATSON-CRICK ? ? ? 
hydrog29 hydrog ? ? A G 13 O6 ? ? ? 1_555 B C 12 N4 ? ? B G 13 C C 12 1_555 ? ? ? ? ? ? WATSON-CRICK ? ? ? 
hydrog30 hydrog ? ? A G 14 N1 ? ? ? 1_555 B C 11 N3 ? ? B G 14 C C 11 1_555 ? ? ? ? ? ? WATSON-CRICK ? ? ? 
hydrog31 hydrog ? ? A G 14 N2 ? ? ? 1_555 B C 11 O2 ? ? B G 14 C C 11 1_555 ? ? ? ? ? ? WATSON-CRICK ? ? ? 
hydrog32 hydrog ? ? A G 14 O6 ? ? ? 1_555 B C 11 N4 ? ? B G 14 C C 11 1_555 ? ? ? ? ? ? WATSON-CRICK ? ? ? 
hydrog33 hydrog ? ? A A 15 N1 ? ? ? 1_555 B U 10 N3 ? ? B A 15 C U 10 1_555 ? ? ? ? ? ? WATSON-CRICK ? ? ? 
hydrog34 hydrog ? ? A A 15 N6 ? ? ? 1_555 B U 10 O4 ? ? B A 15 C U 10 1_555 ? ? ? ? ? ? WATSON-CRICK ? ? ? 
hydrog35 hydrog ? ? A A 16 N1 ? ? ? 1_555 B U 9  N3 ? ? B A 16 C U 9  1_555 ? ? ? ? ? ? WATSON-CRICK ? ? ? 
hydrog36 hydrog ? ? A A 16 N6 ? ? ? 1_555 B U 9  O4 ? ? B A 16 C U 9  1_555 ? ? ? ? ? ? WATSON-CRICK ? ? ? 
hydrog37 hydrog ? ? A A 17 N1 ? ? ? 1_555 B G 8  N1 ? ? B A 17 C G 8  1_555 ? ? ? ? ? ? TYPE_8_PAIR  ? ? ? 
hydrog38 hydrog ? ? A A 17 N6 ? ? ? 1_555 B G 8  O6 ? ? B A 17 C G 8  1_555 ? ? ? ? ? ? TYPE_8_PAIR  ? ? ? 
hydrog39 hydrog ? ? A G 19 N1 ? ? ? 1_555 B C 7  N3 ? ? B G 19 C C 7  1_555 ? ? ? ? ? ? WATSON-CRICK ? ? ? 
hydrog40 hydrog ? ? A G 19 N2 ? ? ? 1_555 B C 7  O2 ? ? B G 19 C C 7  1_555 ? ? ? ? ? ? WATSON-CRICK ? ? ? 
hydrog41 hydrog ? ? A G 19 O6 ? ? ? 1_555 B C 7  N4 ? ? B G 19 C C 7  1_555 ? ? ? ? ? ? WATSON-CRICK ? ? ? 
hydrog42 hydrog ? ? A U 20 N3 ? ? ? 1_555 B U 6  O2 ? ? B U 20 C U 6  1_555 ? ? ? ? ? ? TYPE_16_PAIR ? ? ? 
hydrog43 hydrog ? ? A U 20 O4 ? ? ? 1_555 B U 6  N3 ? ? B U 20 C U 6  1_555 ? ? ? ? ? ? TYPE_16_PAIR ? ? ? 
hydrog44 hydrog ? ? A C 21 N3 ? ? ? 1_555 B G 5  N1 ? ? B C 21 C G 5  1_555 ? ? ? ? ? ? WATSON-CRICK ? ? ? 
hydrog45 hydrog ? ? A C 21 N4 ? ? ? 1_555 B G 5  O6 ? ? B C 21 C G 5  1_555 ? ? ? ? ? ? WATSON-CRICK ? ? ? 
hydrog46 hydrog ? ? A C 21 O2 ? ? ? 1_555 B G 5  N2 ? ? B C 21 C G 5  1_555 ? ? ? ? ? ? WATSON-CRICK ? ? ? 
hydrog47 hydrog ? ? A G 22 N1 ? ? ? 1_555 B C 4  N3 ? ? B G 22 C C 4  1_555 ? ? ? ? ? ? WATSON-CRICK ? ? ? 
hydrog48 hydrog ? ? A G 22 N2 ? ? ? 1_555 B C 4  O2 ? ? B G 22 C C 4  1_555 ? ? ? ? ? ? WATSON-CRICK ? ? ? 
hydrog49 hydrog ? ? A G 22 O6 ? ? ? 1_555 B C 4  N4 ? ? B G 22 C C 4  1_555 ? ? ? ? ? ? WATSON-CRICK ? ? ? 
hydrog50 hydrog ? ? A C 23 N3 ? ? ? 1_555 B G 3  N1 ? ? B C 23 C G 3  1_555 ? ? ? ? ? ? WATSON-CRICK ? ? ? 
hydrog51 hydrog ? ? A C 23 N4 ? ? ? 1_555 B G 3  O6 ? ? B C 23 C G 3  1_555 ? ? ? ? ? ? WATSON-CRICK ? ? ? 
hydrog52 hydrog ? ? A C 23 O2 ? ? ? 1_555 B G 3  N2 ? ? B C 23 C G 3  1_555 ? ? ? ? ? ? WATSON-CRICK ? ? ? 
# 
_struct_conn_type.id          hydrog 
_struct_conn_type.criteria    ? 
_struct_conn_type.reference   ? 
# 
loop_
_struct_site.id 
_struct_site.pdbx_evidence_code 
_struct_site.pdbx_auth_asym_id 
_struct_site.pdbx_auth_comp_id 
_struct_site.pdbx_auth_seq_id 
_struct_site.pdbx_auth_ins_code 
_struct_site.pdbx_num_residues 
_struct_site.details 
AC1 Software B AM2 101 ? 13 'BINDING SITE FOR RESIDUE AM2 B 101' 
AC2 Software B AM2 102 ? 24 'BINDING SITE FOR RESIDUE AM2 B 102' 
AC3 Software C AM2 101 ? 23 'BINDING SITE FOR RESIDUE AM2 C 101' 
AC4 Software C AM2 102 ? 17 'BINDING SITE FOR RESIDUE AM2 C 102' 
# 
loop_
_struct_site_gen.id 
_struct_site_gen.site_id 
_struct_site_gen.pdbx_num_res 
_struct_site_gen.label_comp_id 
_struct_site_gen.label_asym_id 
_struct_site_gen.label_seq_id 
_struct_site_gen.pdbx_auth_ins_code 
_struct_site_gen.auth_comp_id 
_struct_site_gen.auth_asym_id 
_struct_site_gen.auth_seq_id 
_struct_site_gen.label_atom_id 
_struct_site_gen.label_alt_id 
_struct_site_gen.symmetry 
_struct_site_gen.details 
1  AC1 13 C   A 4  ? C   B 4   . ? 1_555 ? 
2  AC1 13 G   A 5  ? G   B 5   . ? 1_555 ? 
3  AC1 13 U   A 6  ? U   B 6   . ? 1_555 ? 
4  AC1 13 G   A 8  ? G   B 8   . ? 1_555 ? 
5  AC1 13 HOH G .  ? HOH B 207 . ? 1_555 ? 
6  AC1 13 HOH G .  ? HOH B 211 . ? 1_555 ? 
7  AC1 13 HOH G .  ? HOH B 239 . ? 1_555 ? 
8  AC1 13 HOH G .  ? HOH B 258 . ? 1_555 ? 
9  AC1 13 HOH G .  ? HOH B 295 . ? 1_555 ? 
10 AC1 13 A   B 17 ? A   C 17  . ? 1_555 ? 
11 AC1 13 G   B 19 ? G   C 19  . ? 1_555 ? 
12 AC1 13 U   B 20 ? U   C 20  . ? 1_555 ? 
13 AC1 13 HOH H .  ? HOH C 219 . ? 1_555 ? 
14 AC2 24 U   A 9  ? U   B 9   . ? 1_555 ? 
15 AC2 24 U   A 10 ? U   B 10  . ? 1_555 ? 
16 AC2 24 C   A 11 ? C   B 11  . ? 1_555 ? 
17 AC2 24 HOH G .  ? HOH B 205 . ? 1_555 ? 
18 AC2 24 HOH G .  ? HOH B 225 . ? 1_555 ? 
19 AC2 24 HOH G .  ? HOH B 232 . ? 1_555 ? 
20 AC2 24 HOH G .  ? HOH B 233 . ? 1_555 ? 
21 AC2 24 HOH G .  ? HOH B 235 . ? 1_555 ? 
22 AC2 24 HOH G .  ? HOH B 240 . ? 1_555 ? 
23 AC2 24 HOH G .  ? HOH B 253 . ? 1_555 ? 
24 AC2 24 HOH G .  ? HOH B 260 . ? 1_555 ? 
25 AC2 24 HOH G .  ? HOH B 274 . ? 1_555 ? 
26 AC2 24 HOH G .  ? HOH B 287 . ? 1_555 ? 
27 AC2 24 HOH G .  ? HOH B 297 . ? 1_555 ? 
28 AC2 24 HOH G .  ? HOH B 301 . ? 1_555 ? 
29 AC2 24 HOH G .  ? HOH B 308 . ? 1_555 ? 
30 AC2 24 G   B 8  ? G   C 8   . ? 1_555 ? 
31 AC2 24 U   B 9  ? U   C 9   . ? 1_555 ? 
32 AC2 24 C   B 23 ? C   C 23  . ? 2_545 ? 
33 AC2 24 HOH H .  ? HOH C 201 . ? 1_555 ? 
34 AC2 24 HOH H .  ? HOH C 210 . ? 1_555 ? 
35 AC2 24 HOH H .  ? HOH C 215 . ? 1_555 ? 
36 AC2 24 HOH H .  ? HOH C 274 . ? 1_555 ? 
37 AC2 24 HOH H .  ? HOH C 280 . ? 1_555 ? 
38 AC3 23 G   A 8  ? G   B 8   . ? 1_555 ? 
39 AC3 23 U   A 9  ? U   B 9   . ? 1_555 ? 
40 AC3 23 C   A 23 ? C   B 23  . ? 3_544 ? 
41 AC3 23 HOH G .  ? HOH B 210 . ? 1_555 ? 
42 AC3 23 HOH G .  ? HOH B 294 . ? 1_555 ? 
43 AC3 23 HOH G .  ? HOH B 308 . ? 1_555 ? 
44 AC3 23 U   B 9  ? U   C 9   . ? 1_555 ? 
45 AC3 23 U   B 10 ? U   C 10  . ? 1_555 ? 
46 AC3 23 C   B 11 ? C   C 11  . ? 1_555 ? 
47 AC3 23 HOH H .  ? HOH C 202 . ? 1_555 ? 
48 AC3 23 HOH H .  ? HOH C 204 . ? 1_555 ? 
49 AC3 23 HOH H .  ? HOH C 205 . ? 1_555 ? 
50 AC3 23 HOH H .  ? HOH C 225 . ? 1_555 ? 
51 AC3 23 HOH H .  ? HOH C 236 . ? 1_555 ? 
52 AC3 23 HOH H .  ? HOH C 238 . ? 1_555 ? 
53 AC3 23 HOH H .  ? HOH C 240 . ? 1_555 ? 
54 AC3 23 HOH H .  ? HOH C 257 . ? 1_555 ? 
55 AC3 23 HOH H .  ? HOH C 262 . ? 1_555 ? 
56 AC3 23 HOH H .  ? HOH C 269 . ? 1_555 ? 
57 AC3 23 HOH H .  ? HOH C 270 . ? 1_555 ? 
58 AC3 23 HOH H .  ? HOH C 275 . ? 1_555 ? 
59 AC3 23 HOH H .  ? HOH C 283 . ? 1_555 ? 
60 AC3 23 HOH H .  ? HOH C 295 . ? 1_555 ? 
61 AC4 17 G   A 14 ? G   B 14  . ? 1_555 ? 
62 AC4 17 A   A 17 ? A   B 17  . ? 1_555 ? 
63 AC4 17 G   A 19 ? G   B 19  . ? 1_555 ? 
64 AC4 17 U   A 20 ? U   B 20  . ? 1_555 ? 
65 AC4 17 HOH G .  ? HOH B 218 . ? 1_555 ? 
66 AC4 17 HOH G .  ? HOH B 227 . ? 1_555 ? 
67 AC4 17 C   B 4  ? C   C 4   . ? 1_555 ? 
68 AC4 17 G   B 5  ? G   C 5   . ? 1_555 ? 
69 AC4 17 U   B 6  ? U   C 6   . ? 1_555 ? 
70 AC4 17 G   B 8  ? G   C 8   . ? 1_555 ? 
71 AC4 17 HOH H .  ? HOH C 216 . ? 1_555 ? 
72 AC4 17 HOH H .  ? HOH C 239 . ? 1_555 ? 
73 AC4 17 HOH H .  ? HOH C 247 . ? 1_555 ? 
74 AC4 17 HOH H .  ? HOH C 278 . ? 1_555 ? 
75 AC4 17 HOH H .  ? HOH C 282 . ? 1_555 ? 
76 AC4 17 HOH H .  ? HOH C 284 . ? 1_555 ? 
77 AC4 17 HOH H .  ? HOH C 296 . ? 1_555 ? 
# 
_atom_sites.entry_id                    4K31 
_atom_sites.fract_transf_matrix[1][1]   0.02906189 
_atom_sites.fract_transf_matrix[1][2]   -0.01927990 
_atom_sites.fract_transf_matrix[1][3]   0.00487856 
_atom_sites.fract_transf_matrix[2][1]   -0.00038439 
_atom_sites.fract_transf_matrix[2][2]   -0.03451092 
_atom_sites.fract_transf_matrix[2][3]   -0.00699604 
_atom_sites.fract_transf_matrix[3][1]   0.00262910 
_atom_sites.fract_transf_matrix[3][2]   0.00174648 
_atom_sites.fract_transf_matrix[3][3]   -0.00875970 
_atom_sites.fract_transf_vector[1]      0.000256 
_atom_sites.fract_transf_vector[2]      -0.239828 
_atom_sites.fract_transf_vector[3]      0.005344 
# 
loop_
_atom_type.symbol 
C 
N 
O 
P 
# 
loop_
_atom_site.group_PDB 
_atom_site.id 
_atom_site.type_symbol 
_atom_site.label_atom_id 
_atom_site.label_alt_id 
_atom_site.label_comp_id 
_atom_site.label_asym_id 
_atom_site.label_entity_id 
_atom_site.label_seq_id 
_atom_site.pdbx_PDB_ins_code 
_atom_site.Cartn_x 
_atom_site.Cartn_y 
_atom_site.Cartn_z 
_atom_site.occupancy 
_atom_site.B_iso_or_equiv 
_atom_site.pdbx_formal_charge 
_atom_site.auth_seq_id 
_atom_site.auth_comp_id 
_atom_site.auth_asym_id 
_atom_site.auth_atom_id 
_atom_site.pdbx_PDB_model_num 
ATOM   1    P P     . U   A 1 2  ? 16.401  -14.166 14.054  1.00 36.94 ? 2   U   B P     1 
ATOM   2    O OP1   . U   A 1 2  ? 17.298  -14.379 15.219  1.00 31.74 ? 2   U   B OP1   1 
ATOM   3    O OP2   . U   A 1 2  ? 15.626  -12.908 13.962  1.00 35.49 ? 2   U   B OP2   1 
ATOM   4    O "O5'" . U   A 1 2  ? 15.437  -15.422 13.862  1.00 28.15 ? 2   U   B "O5'" 1 
ATOM   5    C "C5'" . U   A 1 2  ? 14.419  -15.428 12.865  1.00 25.14 ? 2   U   B "C5'" 1 
ATOM   6    C "C4'" . U   A 1 2  ? 13.559  -16.666 12.960  1.00 21.94 ? 2   U   B "C4'" 1 
ATOM   7    O "O4'" . U   A 1 2  ? 14.427  -17.843 12.919  1.00 19.93 ? 2   U   B "O4'" 1 
ATOM   8    C "C3'" . U   A 1 2  ? 12.753  -16.791 14.254  1.00 18.09 ? 2   U   B "C3'" 1 
ATOM   9    O "O3'" . U   A 1 2  ? 11.576  -17.566 14.010  1.00 19.88 ? 2   U   B "O3'" 1 
ATOM   10   C "C2'" . U   A 1 2  ? 13.707  -17.589 15.134  1.00 17.73 ? 2   U   B "C2'" 1 
ATOM   11   O "O2'" . U   A 1 2  ? 13.107  -18.232 16.237  1.00 16.82 ? 2   U   B "O2'" 1 
ATOM   12   C "C1'" . U   A 1 2  ? 14.275  -18.582 14.121  1.00 19.43 ? 2   U   B "C1'" 1 
ATOM   13   N N1    . U   A 1 2  ? 15.590  -19.152 14.513  1.00 17.77 ? 2   U   B N1    1 
ATOM   14   C C2    . U   A 1 2  ? 15.678  -20.526 14.660  1.00 16.75 ? 2   U   B C2    1 
ATOM   15   O O2    . U   A 1 2  ? 14.766  -21.308 14.463  1.00 16.88 ? 2   U   B O2    1 
ATOM   16   N N3    . U   A 1 2  ? 16.903  -20.991 15.063  1.00 16.67 ? 2   U   B N3    1 
ATOM   17   C C4    . U   A 1 2  ? 18.029  -20.263 15.331  1.00 17.81 ? 2   U   B C4    1 
ATOM   18   O O4    . U   A 1 2  ? 19.041  -20.855 15.694  1.00 21.65 ? 2   U   B O4    1 
ATOM   19   C C5    . U   A 1 2  ? 17.871  -18.850 15.170  1.00 20.46 ? 2   U   B C5    1 
ATOM   20   C C6    . U   A 1 2  ? 16.680  -18.362 14.785  1.00 19.77 ? 2   U   B C6    1 
ATOM   21   P P     . G   A 1 3  ? 10.198  -16.870 13.532  1.00 21.00 ? 3   G   B P     1 
ATOM   22   O OP1   . G   A 1 3  ? 9.822   -17.482 12.240  1.00 25.33 ? 3   G   B OP1   1 
ATOM   23   O OP2   . G   A 1 3  ? 10.391  -15.407 13.599  1.00 22.19 ? 3   G   B OP2   1 
ATOM   24   O "O5'" . G   A 1 3  ? 9.180   -17.332 14.655  1.00 18.90 ? 3   G   B "O5'" 1 
ATOM   25   C "C5'" . G   A 1 3  ? 8.727   -18.673 14.728  1.00 17.76 ? 3   G   B "C5'" 1 
ATOM   26   C "C4'" . G   A 1 3  ? 7.917   -18.876 15.973  1.00 14.89 ? 3   G   B "C4'" 1 
ATOM   27   O "O4'" . G   A 1 3  ? 8.801   -18.823 17.119  1.00 14.58 ? 3   G   B "O4'" 1 
ATOM   28   C "C3'" . G   A 1 3  ? 6.857   -17.805 16.220  1.00 14.58 ? 3   G   B "C3'" 1 
ATOM   29   O "O3'" . G   A 1 3  ? 5.608   -18.175 15.667  1.00 15.69 ? 3   G   B "O3'" 1 
ATOM   30   C "C2'" . G   A 1 3  ? 6.825   -17.668 17.736  1.00 14.48 ? 3   G   B "C2'" 1 
ATOM   31   O "O2'" . G   A 1 3  ? 5.985   -18.665 18.293  1.00 15.90 ? 3   G   B "O2'" 1 
ATOM   32   C "C1'" . G   A 1 3  ? 8.265   -17.988 18.118  1.00 14.17 ? 3   G   B "C1'" 1 
ATOM   33   N N9    . G   A 1 3  ? 9.120   -16.785 18.222  1.00 14.79 ? 3   G   B N9    1 
ATOM   34   C C8    . G   A 1 3  ? 10.308  -16.567 17.548  1.00 14.65 ? 3   G   B C8    1 
ATOM   35   N N7    . G   A 1 3  ? 10.897  -15.444 17.841  1.00 14.40 ? 3   G   B N7    1 
ATOM   36   C C5    . G   A 1 3  ? 10.050  -14.865 18.802  1.00 12.12 ? 3   G   B C5    1 
ATOM   37   C C6    . G   A 1 3  ? 10.170  -13.639 19.514  1.00 12.64 ? 3   G   B C6    1 
ATOM   38   O O6    . G   A 1 3  ? 11.077  -12.797 19.432  1.00 14.98 ? 3   G   B O6    1 
ATOM   39   N N1    . G   A 1 3  ? 9.124   -13.461 20.407  1.00 12.32 ? 3   G   B N1    1 
ATOM   40   C C2    . G   A 1 3  ? 8.085   -14.344 20.570  1.00 12.96 ? 3   G   B C2    1 
ATOM   41   N N2    . G   A 1 3  ? 7.162   -13.993 21.477  1.00 13.49 ? 3   G   B N2    1 
ATOM   42   N N3    . G   A 1 3  ? 7.950   -15.497 19.913  1.00 14.14 ? 3   G   B N3    1 
ATOM   43   C C4    . G   A 1 3  ? 8.970   -15.692 19.057  1.00 12.38 ? 3   G   B C4    1 
ATOM   44   P P     . C   A 1 4  ? 4.745   -17.142 14.787  1.00 18.22 ? 4   C   B P     1 
ATOM   45   O OP1   . C   A 1 4  ? 3.687   -17.923 14.111  1.00 21.83 ? 4   C   B OP1   1 
ATOM   46   O OP2   . C   A 1 4  ? 5.684   -16.359 13.971  1.00 18.80 ? 4   C   B OP2   1 
ATOM   47   O "O5'" . C   A 1 4  ? 4.101   -16.192 15.883  1.00 15.04 ? 4   C   B "O5'" 1 
ATOM   48   C "C5'" . C   A 1 4  ? 3.190   -16.694 16.831  1.00 14.81 ? 4   C   B "C5'" 1 
ATOM   49   C "C4'" . C   A 1 4  ? 2.957   -15.695 17.927  1.00 15.98 ? 4   C   B "C4'" 1 
ATOM   50   O "O4'" . C   A 1 4  ? 4.175   -15.501 18.686  1.00 14.72 ? 4   C   B "O4'" 1 
ATOM   51   C "C3'" . C   A 1 4  ? 2.603   -14.284 17.489  1.00 16.38 ? 4   C   B "C3'" 1 
ATOM   52   O "O3'" . C   A 1 4  ? 1.269   -14.167 17.036  1.00 16.84 ? 4   C   B "O3'" 1 
ATOM   53   C "C2'" . C   A 1 4  ? 2.881   -13.519 18.763  1.00 15.87 ? 4   C   B "C2'" 1 
ATOM   54   O "O2'" . C   A 1 4  ? 1.898   -13.840 19.740  1.00 16.29 ? 4   C   B "O2'" 1 
ATOM   55   C "C1'" . C   A 1 4  ? 4.195   -14.170 19.178  1.00 15.76 ? 4   C   B "C1'" 1 
ATOM   56   N N1    . C   A 1 4  ? 5.372   -13.468 18.611  1.00 13.74 ? 4   C   B N1    1 
ATOM   57   C C2    . C   A 1 4  ? 5.770   -12.274 19.237  1.00 13.23 ? 4   C   B C2    1 
ATOM   58   O O2    . C   A 1 4  ? 5.087   -11.860 20.192  1.00 14.70 ? 4   C   B O2    1 
ATOM   59   N N3    . C   A 1 4  ? 6.857   -11.616 18.771  1.00 13.25 ? 4   C   B N3    1 
ATOM   60   C C4    . C   A 1 4  ? 7.553   -12.112 17.738  1.00 13.79 ? 4   C   B C4    1 
ATOM   61   N N4    . C   A 1 4  ? 8.629   -11.452 17.309  1.00 16.59 ? 4   C   B N4    1 
ATOM   62   C C5    . C   A 1 4  ? 7.180   -13.326 17.086  1.00 13.43 ? 4   C   B C5    1 
ATOM   63   C C6    . C   A 1 4  ? 6.088   -13.967 17.548  1.00 13.70 ? 4   C   B C6    1 
ATOM   64   P P     . G   A 1 5  ? 0.830   -12.981 16.036  1.00 18.42 ? 5   G   B P     1 
ATOM   65   O OP1   . G   A 1 5  ? -0.560  -13.266 15.633  1.00 21.16 ? 5   G   B OP1   1 
ATOM   66   O OP2   . G   A 1 5  ? 1.860   -12.874 14.986  1.00 19.65 ? 5   G   B OP2   1 
ATOM   67   O "O5'" . G   A 1 5  ? 0.871   -11.686 16.953  1.00 16.25 ? 5   G   B "O5'" 1 
ATOM   68   C "C5'" . G   A 1 5  ? -0.021  -11.527 18.038  1.00 14.88 ? 5   G   B "C5'" 1 
ATOM   69   C "C4'" . G   A 1 5  ? 0.329   -10.299 18.828  1.00 15.10 ? 5   G   B "C4'" 1 
ATOM   70   O "O4'" . G   A 1 5  ? 1.684   -10.424 19.337  1.00 13.71 ? 5   G   B "O4'" 1 
ATOM   71   C "C3'" . G   A 1 5  ? 0.368   -8.999  18.038  1.00 15.09 ? 5   G   B "C3'" 1 
ATOM   72   O "O3'" . G   A 1 5  ? -0.914  -8.448  17.831  1.00 14.78 ? 5   G   B "O3'" 1 
ATOM   73   C "C2'" . G   A 1 5  ? 1.277   -8.129  18.886  1.00 13.31 ? 5   G   B "C2'" 1 
ATOM   74   O "O2'" . G   A 1 5  ? 0.589   -7.647  20.034  1.00 14.28 ? 5   G   B "O2'" 1 
ATOM   75   C "C1'" . G   A 1 5  ? 2.311   -9.158  19.341  1.00 13.32 ? 5   G   B "C1'" 1 
ATOM   76   N N9    . G   A 1 5  ? 3.452   -9.206  18.420  1.00 13.06 ? 5   G   B N9    1 
ATOM   77   C C8    . G   A 1 5  ? 3.802   -10.170 17.492  1.00 12.48 ? 5   G   B C8    1 
ATOM   78   N N7    . G   A 1 5  ? 4.899   -9.860  16.843  1.00 13.12 ? 5   G   B N7    1 
ATOM   79   C C5    . G   A 1 5  ? 5.297   -8.626  17.359  1.00 11.31 ? 5   G   B C5    1 
ATOM   80   C C6    . G   A 1 5  ? 6.389   -7.775  17.062  1.00 12.10 ? 5   G   B C6    1 
ATOM   81   O O6    . G   A 1 5  ? 7.306   -7.955  16.242  1.00 12.95 ? 5   G   B O6    1 
ATOM   82   N N1    . G   A 1 5  ? 6.341   -6.605  17.838  1.00 10.74 ? 5   G   B N1    1 
ATOM   83   C C2    . G   A 1 5  ? 5.401   -6.302  18.785  1.00 12.00 ? 5   G   B C2    1 
ATOM   84   N N2    . G   A 1 5  ? 5.506   -5.125  19.429  1.00 12.47 ? 5   G   B N2    1 
ATOM   85   N N3    . G   A 1 5  ? 4.390   -7.092  19.060  1.00 11.98 ? 5   G   B N3    1 
ATOM   86   C C4    . G   A 1 5  ? 4.403   -8.219  18.327  1.00 13.21 ? 5   G   B C4    1 
ATOM   87   P P     . U   A 1 6  ? -1.253  -7.663  16.470  1.00 16.70 ? 6   U   B P     1 
ATOM   88   O OP1   . U   A 1 6  ? -2.658  -7.183  16.596  1.00 20.37 ? 6   U   B OP1   1 
ATOM   89   O OP2   . U   A 1 6  ? -0.900  -8.534  15.352  1.00 16.51 ? 6   U   B OP2   1 
ATOM   90   O "O5'" . U   A 1 6  ? -0.254  -6.435  16.489  1.00 15.00 ? 6   U   B "O5'" 1 
ATOM   91   C "C5'" . U   A 1 6  ? -0.350  -5.421  17.476  1.00 14.12 ? 6   U   B "C5'" 1 
ATOM   92   C "C4'" . U   A 1 6  ? 0.741   -4.417  17.280  1.00 12.86 ? 6   U   B "C4'" 1 
ATOM   93   O "O4'" . U   A 1 6  ? 2.037   -5.038  17.512  1.00 13.53 ? 6   U   B "O4'" 1 
ATOM   94   C "C3'" . U   A 1 6  ? 0.852   -3.853  15.880  1.00 14.08 ? 6   U   B "C3'" 1 
ATOM   95   O "O3'" . U   A 1 6  ? -0.123  -2.844  15.636  1.00 12.52 ? 6   U   B "O3'" 1 
ATOM   96   C "C2'" . U   A 1 6  ? 2.300   -3.359  15.854  1.00 11.36 ? 6   U   B "C2'" 1 
ATOM   97   O "O2'" . U   A 1 6  ? 2.438   -2.149  16.594  1.00 12.41 ? 6   U   B "O2'" 1 
ATOM   98   C "C1'" . U   A 1 6  ? 3.002   -4.463  16.652  1.00 12.40 ? 6   U   B "C1'" 1 
ATOM   99   N N1    . U   A 1 6  ? 3.559   -5.524  15.774  1.00 11.11 ? 6   U   B N1    1 
ATOM   100  C C2    . U   A 1 6  ? 4.802   -5.267  15.245  1.00 10.43 ? 6   U   B C2    1 
ATOM   101  O O2    . U   A 1 6  ? 5.432   -4.247  15.459  1.00 12.01 ? 6   U   B O2    1 
ATOM   102  N N3    . U   A 1 6  ? 5.298   -6.256  14.426  1.00 11.54 ? 6   U   B N3    1 
ATOM   103  C C4    . U   A 1 6  ? 4.661   -7.437  14.096  1.00 12.65 ? 6   U   B C4    1 
ATOM   104  O O4    . U   A 1 6  ? 5.238   -8.220  13.334  1.00 14.31 ? 6   U   B O4    1 
ATOM   105  C C5    . U   A 1 6  ? 3.362   -7.633  14.667  1.00 12.73 ? 6   U   B C5    1 
ATOM   106  C C6    . U   A 1 6  ? 2.866   -6.678  15.469  1.00 12.09 ? 6   U   B C6    1 
ATOM   107  P P     . C   A 1 7  ? -0.829  -2.673  14.198  1.00 12.89 ? 7   C   B P     1 
ATOM   108  O OP1   . C   A 1 7  ? -2.204  -2.136  14.451  1.00 15.73 ? 7   C   B OP1   1 
ATOM   109  O OP2   . C   A 1 7  ? -0.687  -3.954  13.454  1.00 13.65 ? 7   C   B OP2   1 
ATOM   110  O "O5'" . C   A 1 7  ? 0.060   -1.571  13.514  1.00 11.18 ? 7   C   B "O5'" 1 
ATOM   111  C "C5'" . C   A 1 7  ? 0.236   -0.304  14.136  1.00 11.14 ? 7   C   B "C5'" 1 
ATOM   112  C "C4'" . C   A 1 7  ? 1.570   0.289   13.786  1.00 11.53 ? 7   C   B "C4'" 1 
ATOM   113  O "O4'" . C   A 1 7  ? 2.633   -0.614  14.195  1.00 11.62 ? 7   C   B "O4'" 1 
ATOM   114  C "C3'" . C   A 1 7  ? 1.828   0.477   12.314  1.00 12.09 ? 7   C   B "C3'" 1 
ATOM   115  O "O3'" . C   A 1 7  ? 1.179   1.625   11.802  1.00 12.22 ? 7   C   B "O3'" 1 
ATOM   116  C "C2'" . C   A 1 7  ? 3.350   0.544   12.264  1.00 11.52 ? 7   C   B "C2'" 1 
ATOM   117  O "O2'" . C   A 1 7  ? 3.807   1.780   12.793  1.00 14.03 ? 7   C   B "O2'" 1 
ATOM   118  C "C1'" . C   A 1 7  ? 3.704   -0.536  13.273  1.00 11.56 ? 7   C   B "C1'" 1 
ATOM   119  N N1    . C   A 1 7  ? 3.917   -1.887  12.658  1.00 11.52 ? 7   C   B N1    1 
ATOM   120  C C2    . C   A 1 7  ? 5.213   -2.233  12.251  1.00 12.46 ? 7   C   B C2    1 
ATOM   121  O O2    . C   A 1 7  ? 6.081   -1.353  12.332  1.00 14.00 ? 7   C   B O2    1 
ATOM   122  N N3    . C   A 1 7  ? 5.442   -3.472  11.742  1.00 11.64 ? 7   C   B N3    1 
ATOM   123  C C4    . C   A 1 7  ? 4.458   -4.369  11.670  1.00 12.14 ? 7   C   B C4    1 
ATOM   124  N N4    . C   A 1 7  ? 4.692   -5.591  11.186  1.00 15.34 ? 7   C   B N4    1 
ATOM   125  C C5    . C   A 1 7  ? 3.132   -4.058  12.086  1.00 12.38 ? 7   C   B C5    1 
ATOM   126  C C6    . C   A 1 7  ? 2.923   -2.817  12.570  1.00 10.45 ? 7   C   B C6    1 
ATOM   127  P P     . G   A 1 8  ? 0.920   1.770   10.233  1.00 12.57 ? 8   G   B P     1 
ATOM   128  O OP1   . G   A 1 8  ? 0.328   3.136   10.018  1.00 14.24 ? 8   G   B OP1   1 
ATOM   129  O OP2   . G   A 1 8  ? 0.156   0.584   9.789   1.00 12.51 ? 8   G   B OP2   1 
ATOM   130  O "O5'" . G   A 1 8  ? 2.401   1.717   9.690   1.00 12.27 ? 8   G   B "O5'" 1 
ATOM   131  C "C5'" . G   A 1 8  ? 2.707   1.247   8.399   1.00 12.99 ? 8   G   B "C5'" 1 
ATOM   132  C "C4'" . G   A 1 8  ? 4.189   1.207   8.224   1.00 14.16 ? 8   G   B "C4'" 1 
ATOM   133  O "O4'" . G   A 1 8  ? 4.773   0.217   9.116   1.00 15.01 ? 8   G   B "O4'" 1 
ATOM   134  C "C3'" . G   A 1 8  ? 4.685   0.810   6.858   1.00 15.58 ? 8   G   B "C3'" 1 
ATOM   135  O "O3'" . G   A 1 8  ? 4.619   1.886   5.956   1.00 15.05 ? 8   G   B "O3'" 1 
ATOM   136  C "C2'" . G   A 1 8  ? 6.102   0.351   7.163   1.00 14.62 ? 8   G   B "C2'" 1 
ATOM   137  O "O2'" . G   A 1 8  ? 6.934   1.473   7.399   1.00 15.47 ? 8   G   B "O2'" 1 
ATOM   138  C "C1'" . G   A 1 8  ? 5.891   -0.376  8.497   1.00 14.32 ? 8   G   B "C1'" 1 
ATOM   139  N N9    . G   A 1 8  ? 5.608   -1.811  8.314   1.00 14.43 ? 8   G   B N9    1 
ATOM   140  C C8    . G   A 1 8  ? 4.442   -2.460  8.630   1.00 14.38 ? 8   G   B C8    1 
ATOM   141  N N7    . G   A 1 8  ? 4.471   -3.735  8.368   1.00 16.89 ? 8   G   B N7    1 
ATOM   142  C C5    . G   A 1 8  ? 5.741   -3.952  7.839   1.00 14.56 ? 8   G   B C5    1 
ATOM   143  C C6    . G   A 1 8  ? 6.352   -5.150  7.355   1.00 17.58 ? 8   G   B C6    1 
ATOM   144  O O6    . G   A 1 8  ? 5.875   -6.294  7.312   1.00 19.97 ? 8   G   B O6    1 
ATOM   145  N N1    . G   A 1 8  ? 7.646   -4.890  6.911   1.00 18.93 ? 8   G   B N1    1 
ATOM   146  C C2    . G   A 1 8  ? 8.257   -3.654  6.940   1.00 17.32 ? 8   G   B C2    1 
ATOM   147  N N2    . G   A 1 8  ? 9.501   -3.546  6.471   1.00 20.51 ? 8   G   B N2    1 
ATOM   148  N N3    . G   A 1 8  ? 7.693   -2.540  7.371   1.00 17.36 ? 8   G   B N3    1 
ATOM   149  C C4    . G   A 1 8  ? 6.448   -2.774  7.804   1.00 16.78 ? 8   G   B C4    1 
ATOM   150  P P     . U   A 1 9  ? 4.432   1.631   4.383   1.00 15.04 ? 9   U   B P     1 
ATOM   151  O OP1   . U   A 1 9  ? 4.279   2.965   3.748   1.00 16.18 ? 9   U   B OP1   1 
ATOM   152  O OP2   . U   A 1 9  ? 3.371   0.649   4.219   1.00 14.71 ? 9   U   B OP2   1 
ATOM   153  O "O5'" . U   A 1 9  ? 5.823   0.978   3.973   1.00 16.03 ? 9   U   B "O5'" 1 
ATOM   154  C "C5'" . U   A 1 9  ? 7.033   1.685   4.070   1.00 17.72 ? 9   U   B "C5'" 1 
ATOM   155  C "C4'" . U   A 1 9  ? 8.142   0.883   3.448   1.00 17.65 ? 9   U   B "C4'" 1 
ATOM   156  O "O4'" . U   A 1 9  ? 8.415   -0.290  4.258   1.00 18.38 ? 9   U   B "O4'" 1 
ATOM   157  C "C3'" . U   A 1 9  ? 7.840   0.314   2.070   1.00 17.43 ? 9   U   B "C3'" 1 
ATOM   158  O "O3'" . U   A 1 9  ? 8.043   1.270   1.054   1.00 17.15 ? 9   U   B "O3'" 1 
ATOM   159  C "C2'" . U   A 1 9  ? 8.808   -0.848  1.985   1.00 17.63 ? 9   U   B "C2'" 1 
ATOM   160  O "O2'" . U   A 1 9  ? 10.112  -0.360  1.699   1.00 20.39 ? 9   U   B "O2'" 1 
ATOM   161  C "C1'" . U   A 1 9  ? 8.789   -1.364  3.426   1.00 16.90 ? 9   U   B "C1'" 1 
ATOM   162  N N1    . U   A 1 9  ? 7.830   -2.474  3.627   1.00 17.80 ? 9   U   B N1    1 
ATOM   163  C C2    . U   A 1 9  ? 8.181   -3.750  3.230   1.00 19.50 ? 9   U   B C2    1 
ATOM   164  O O2    . U   A 1 9  ? 9.243   -3.979  2.674   1.00 24.22 ? 9   U   B O2    1 
ATOM   165  N N3    . U   A 1 9  ? 7.251   -4.736  3.476   1.00 19.66 ? 9   U   B N3    1 
ATOM   166  C C4    . U   A 1 9  ? 6.029   -4.586  4.097   1.00 17.15 ? 9   U   B C4    1 
ATOM   167  O O4    . U   A 1 9  ? 5.287   -5.560  4.256   1.00 20.55 ? 9   U   B O4    1 
ATOM   168  C C5    . U   A 1 9  ? 5.746   -3.234  4.479   1.00 15.93 ? 9   U   B C5    1 
ATOM   169  C C6    . U   A 1 9  ? 6.623   -2.263  4.250   1.00 17.92 ? 9   U   B C6    1 
ATOM   170  P P     . U   A 1 10 ? 7.132   1.311   -0.273  1.00 14.49 ? 10  U   B P     1 
ATOM   171  O OP1   . U   A 1 10 ? 7.506   2.556   -0.989  1.00 15.77 ? 10  U   B OP1   1 
ATOM   172  O OP2   . U   A 1 10 ? 5.732   1.105   0.125   1.00 16.08 ? 10  U   B OP2   1 
ATOM   173  O "O5'" . U   A 1 10 ? 7.621   0.036   -1.087  1.00 15.07 ? 10  U   B "O5'" 1 
ATOM   174  C "C5'" . U   A 1 10 ? 8.911   -0.016  -1.666  1.00 16.37 ? 10  U   B "C5'" 1 
ATOM   175  C "C4'" . U   A 1 10 ? 9.189   -1.388  -2.219  1.00 16.46 ? 10  U   B "C4'" 1 
ATOM   176  O "O4'" . U   A 1 10 ? 9.259   -2.358  -1.134  1.00 17.37 ? 10  U   B "O4'" 1 
ATOM   177  C "C3'" . U   A 1 10 ? 8.120   -1.960  -3.129  1.00 16.99 ? 10  U   B "C3'" 1 
ATOM   178  O "O3'" . U   A 1 10 ? 8.187   -1.453  -4.440  1.00 15.59 ? 10  U   B "O3'" 1 
ATOM   179  C "C2'" . U   A 1 10 ? 8.379   -3.452  -3.045  1.00 18.09 ? 10  U   B "C2'" 1 
ATOM   180  O "O2'" . U   A 1 10 ? 9.529   -3.804  -3.808  1.00 21.22 ? 10  U   B "O2'" 1 
ATOM   181  C "C1'" . U   A 1 10 ? 8.726   -3.595  -1.568  1.00 17.44 ? 10  U   B "C1'" 1 
ATOM   182  N N1    . U   A 1 10 ? 7.537   -3.919  -0.749  1.00 19.03 ? 10  U   B N1    1 
ATOM   183  C C2    . U   A 1 10 ? 7.123   -5.236  -0.741  1.00 24.29 ? 10  U   B C2    1 
ATOM   184  O O2    . U   A 1 10 ? 7.697   -6.102  -1.385  1.00 24.18 ? 10  U   B O2    1 
ATOM   185  N N3    . U   A 1 10 ? 6.021   -5.512  0.040   1.00 21.16 ? 10  U   B N3    1 
ATOM   186  C C4    . U   A 1 10 ? 5.302   -4.595  0.799   1.00 20.32 ? 10  U   B C4    1 
ATOM   187  O O4    . U   A 1 10 ? 4.333   -4.968  1.464   1.00 20.42 ? 10  U   B O4    1 
ATOM   188  C C5    . U   A 1 10 ? 5.800   -3.256  0.727   1.00 18.75 ? 10  U   B C5    1 
ATOM   189  C C6    . U   A 1 10 ? 6.868   -2.964  -0.022  1.00 16.95 ? 10  U   B C6    1 
ATOM   190  P P     . C   A 1 11 ? 6.851   -1.302  -5.300  1.00 16.47 ? 11  C   B P     1 
ATOM   191  O OP1   . C   A 1 11 ? 7.192   -0.458  -6.475  1.00 19.98 ? 11  C   B OP1   1 
ATOM   192  O OP2   . C   A 1 11 ? 5.776   -0.866  -4.379  1.00 16.18 ? 11  C   B OP2   1 
ATOM   193  O "O5'" . C   A 1 11 ? 6.538   -2.772  -5.760  1.00 17.70 ? 11  C   B "O5'" 1 
ATOM   194  C "C5'" . C   A 1 11 ? 7.427   -3.507  -6.581  1.00 21.56 ? 11  C   B "C5'" 1 
ATOM   195  C "C4'" . C   A 1 11 ? 6.920   -4.906  -6.760  1.00 23.18 ? 11  C   B "C4'" 1 
ATOM   196  O "O4'" . C   A 1 11 ? 6.957   -5.602  -5.486  1.00 22.07 ? 11  C   B "O4'" 1 
ATOM   197  C "C3'" . C   A 1 11 ? 5.464   -5.024  -7.169  1.00 22.67 ? 11  C   B "C3'" 1 
ATOM   198  O "O3'" . C   A 1 11 ? 5.261   -4.798  -8.544  1.00 22.63 ? 11  C   B "O3'" 1 
ATOM   199  C "C2'" . C   A 1 11 ? 5.123   -6.431  -6.723  1.00 23.05 ? 11  C   B "C2'" 1 
ATOM   200  O "O2'" . C   A 1 11 ? 5.741   -7.382  -7.582  1.00 28.63 ? 11  C   B "O2'" 1 
ATOM   201  C "C1'" . C   A 1 11 ? 5.846   -6.469  -5.384  1.00 23.12 ? 11  C   B "C1'" 1 
ATOM   202  N N1    . C   A 1 11 ? 4.983   -6.005  -4.267  1.00 22.79 ? 11  C   B N1    1 
ATOM   203  C C2    . C   A 1 11 ? 4.050   -6.917  -3.765  1.00 29.46 ? 11  C   B C2    1 
ATOM   204  O O2    . C   A 1 11 ? 3.971   -8.045  -4.277  1.00 30.16 ? 11  C   B O2    1 
ATOM   205  N N3    . C   A 1 11 ? 3.243   -6.560  -2.742  1.00 24.55 ? 11  C   B N3    1 
ATOM   206  C C4    . C   A 1 11 ? 3.349   -5.341  -2.213  1.00 25.51 ? 11  C   B C4    1 
ATOM   207  N N4    . C   A 1 11 ? 2.535   -5.043  -1.195  1.00 24.77 ? 11  C   B N4    1 
ATOM   208  C C5    . C   A 1 11 ? 4.286   -4.380  -2.702  1.00 21.50 ? 11  C   B C5    1 
ATOM   209  C C6    . C   A 1 11 ? 5.073   -4.748  -3.725  1.00 21.05 ? 11  C   B C6    1 
ATOM   210  P P     . C   A 1 12 ? 3.847   -4.256  -9.079  1.00 23.05 ? 12  C   B P     1 
ATOM   211  O OP1   . C   A 1 12 ? 3.999   -3.986  -10.537 1.00 27.61 ? 12  C   B OP1   1 
ATOM   212  O OP2   . C   A 1 12 ? 3.423   -3.140  -8.189  1.00 22.18 ? 12  C   B OP2   1 
ATOM   213  O "O5'" . C   A 1 12 ? 2.892   -5.503  -8.861  1.00 25.71 ? 12  C   B "O5'" 1 
ATOM   214  C "C5'" . C   A 1 12 ? 3.238   -6.782  -9.364  1.00 29.24 ? 12  C   B "C5'" 1 
ATOM   215  C "C4'" . C   A 1 12 ? 2.160   -7.780  -9.066  1.00 29.49 ? 12  C   B "C4'" 1 
ATOM   216  O "O4'" . C   A 1 12 ? 2.195   -8.136  -7.662  1.00 28.97 ? 12  C   B "O4'" 1 
ATOM   217  C "C3'" . C   A 1 12 ? 0.748   -7.283  -9.281  1.00 32.21 ? 12  C   B "C3'" 1 
ATOM   218  O "O3'" . C   A 1 12 ? 0.362   -7.312  -10.642 1.00 30.23 ? 12  C   B "O3'" 1 
ATOM   219  C "C2'" . C   A 1 12 ? -0.067  -8.201  -8.382  1.00 35.14 ? 12  C   B "C2'" 1 
ATOM   220  O "O2'" . C   A 1 12 ? -0.247  -9.472  -8.996  1.00 35.98 ? 12  C   B "O2'" 1 
ATOM   221  C "C1'" . C   A 1 12 ? 0.883   -8.371  -7.195  1.00 31.97 ? 12  C   B "C1'" 1 
ATOM   222  N N1    . C   A 1 12 ? 0.598   -7.415  -6.095  1.00 32.59 ? 12  C   B N1    1 
ATOM   223  C C2    . C   A 1 12 ? -0.368  -7.742  -5.141  1.00 36.70 ? 12  C   B C2    1 
ATOM   224  O O2    . C   A 1 12 ? -0.989  -8.812  -5.254  1.00 37.53 ? 12  C   B O2    1 
ATOM   225  N N3    . C   A 1 12 ? -0.614  -6.871  -4.130  1.00 31.94 ? 12  C   B N3    1 
ATOM   226  C C4    . C   A 1 12 ? 0.065   -5.726  -4.037  1.00 33.87 ? 12  C   B C4    1 
ATOM   227  N N4    . C   A 1 12 ? -0.216  -4.910  -3.018  1.00 31.28 ? 12  C   B N4    1 
ATOM   228  C C5    . C   A 1 12 ? 1.063   -5.370  -4.990  1.00 27.78 ? 12  C   B C5    1 
ATOM   229  C C6    . C   A 1 12 ? 1.294   -6.240  -5.986  1.00 30.03 ? 12  C   B C6    1 
ATOM   230  P P     . G   A 1 13 ? -0.890  -6.445  -11.134 1.00 32.26 ? 13  G   B P     1 
ATOM   231  O OP1   . G   A 1 13 ? -1.071  -6.706  -12.582 1.00 37.40 ? 13  G   B OP1   1 
ATOM   232  O OP2   . G   A 1 13 ? -0.666  -5.048  -10.679 1.00 38.08 ? 13  G   B OP2   1 
ATOM   233  O "O5'" . G   A 1 13 ? -2.072  -7.098  -10.313 1.00 40.10 ? 13  G   B "O5'" 1 
ATOM   234  C "C5'" . G   A 1 13 ? -3.320  -6.455  -10.192 1.00 40.20 ? 13  G   B "C5'" 1 
ATOM   235  C "C4'" . G   A 1 13 ? -4.269  -7.309  -9.409  1.00 39.86 ? 13  G   B "C4'" 1 
ATOM   236  O "O4'" . G   A 1 13 ? -3.646  -7.709  -8.159  1.00 41.55 ? 13  G   B "O4'" 1 
ATOM   237  C "C3'" . G   A 1 13 ? -5.560  -6.642  -8.985  1.00 43.52 ? 13  G   B "C3'" 1 
ATOM   238  O "O3'" . G   A 1 13 ? -6.531  -6.621  -10.016 1.00 43.54 ? 13  G   B "O3'" 1 
ATOM   239  C "C2'" . G   A 1 13 ? -5.961  -7.462  -7.769  1.00 41.97 ? 13  G   B "C2'" 1 
ATOM   240  O "O2'" . G   A 1 13 ? -6.477  -8.724  -8.166  1.00 45.11 ? 13  G   B "O2'" 1 
ATOM   241  C "C1'" . G   A 1 13 ? -4.597  -7.687  -7.121  1.00 40.56 ? 13  G   B "C1'" 1 
ATOM   242  N N9    . G   A 1 13 ? -4.244  -6.589  -6.204  1.00 37.07 ? 13  G   B N9    1 
ATOM   243  C C8    . G   A 1 13 ? -3.277  -5.634  -6.402  1.00 38.51 ? 13  G   B C8    1 
ATOM   244  N N7    . G   A 1 13 ? -3.192  -4.778  -5.424  1.00 34.94 ? 13  G   B N7    1 
ATOM   245  C C5    . G   A 1 13 ? -4.166  -5.199  -4.526  1.00 37.69 ? 13  G   B C5    1 
ATOM   246  C C6    . G   A 1 13 ? -4.549  -4.668  -3.270  1.00 36.28 ? 13  G   B C6    1 
ATOM   247  O O6    . G   A 1 13 ? -4.094  -3.682  -2.676  1.00 31.97 ? 13  G   B O6    1 
ATOM   248  N N1    . G   A 1 13 ? -5.581  -5.414  -2.708  1.00 35.24 ? 13  G   B N1    1 
ATOM   249  C C2    . G   A 1 13 ? -6.171  -6.523  -3.265  1.00 39.17 ? 13  G   B C2    1 
ATOM   250  N N2    . G   A 1 13 ? -7.156  -7.103  -2.563  1.00 37.19 ? 13  G   B N2    1 
ATOM   251  N N3    . G   A 1 13 ? -5.823  -7.027  -4.433  1.00 37.04 ? 13  G   B N3    1 
ATOM   252  C C4    . G   A 1 13 ? -4.822  -6.318  -4.995  1.00 38.40 ? 13  G   B C4    1 
ATOM   253  P P     . G   A 1 14 ? -7.347  -5.272  -10.314 1.00 46.16 ? 14  G   B P     1 
ATOM   254  O OP1   . G   A 1 14 ? -7.694  -5.271  -11.761 1.00 45.55 ? 14  G   B OP1   1 
ATOM   255  O OP2   . G   A 1 14 ? -6.544  -4.150  -9.772  1.00 44.97 ? 14  G   B OP2   1 
ATOM   256  O "O5'" . G   A 1 14 ? -8.656  -5.468  -9.441  1.00 46.03 ? 14  G   B "O5'" 1 
ATOM   257  C "C5'" . G   A 1 14 ? -9.084  -6.766  -9.068  1.00 48.42 ? 14  G   B "C5'" 1 
ATOM   258  C "C4'" . G   A 1 14 ? -9.929  -6.731  -7.826  1.00 46.63 ? 14  G   B "C4'" 1 
ATOM   259  O "O4'" . G   A 1 14 ? -9.096  -6.924  -6.652  1.00 45.86 ? 14  G   B "O4'" 1 
ATOM   260  C "C3'" . G   A 1 14 ? -10.637 -5.421  -7.547  1.00 46.27 ? 14  G   B "C3'" 1 
ATOM   261  O "O3'" . G   A 1 14 ? -11.797 -5.232  -8.334  1.00 48.16 ? 14  G   B "O3'" 1 
ATOM   262  C "C2'" . G   A 1 14 ? -10.903 -5.518  -6.056  1.00 46.24 ? 14  G   B "C2'" 1 
ATOM   263  O "O2'" . G   A 1 14 ? -11.950 -6.439  -5.793  1.00 47.02 ? 14  G   B "O2'" 1 
ATOM   264  C "C1'" . G   A 1 14 ? -9.589  -6.139  -5.586  1.00 43.26 ? 14  G   B "C1'" 1 
ATOM   265  N N9    . G   A 1 14 ? -8.589  -5.105  -5.271  1.00 40.91 ? 14  G   B N9    1 
ATOM   266  C C8    . G   A 1 14 ? -7.511  -4.708  -6.025  1.00 40.52 ? 14  G   B C8    1 
ATOM   267  N N7    . G   A 1 14 ? -6.827  -3.745  -5.465  1.00 37.77 ? 14  G   B N7    1 
ATOM   268  C C5    . G   A 1 14 ? -7.500  -3.490  -4.274  1.00 37.45 ? 14  G   B C5    1 
ATOM   269  C C6    . G   A 1 14 ? -7.235  -2.557  -3.237  1.00 36.36 ? 14  G   B C6    1 
ATOM   270  O O6    . G   A 1 14 ? -6.317  -1.728  -3.159  1.00 31.05 ? 14  G   B O6    1 
ATOM   271  N N1    . G   A 1 14 ? -8.179  -2.649  -2.218  1.00 35.32 ? 14  G   B N1    1 
ATOM   272  C C2    . G   A 1 14 ? -9.241  -3.522  -2.194  1.00 38.73 ? 14  G   B C2    1 
ATOM   273  N N2    . G   A 1 14 ? -10.050 -3.466  -1.127  1.00 37.07 ? 14  G   B N2    1 
ATOM   274  N N3    . G   A 1 14 ? -9.494  -4.393  -3.154  1.00 40.52 ? 14  G   B N3    1 
ATOM   275  C C4    . G   A 1 14 ? -8.590  -4.320  -4.148  1.00 40.21 ? 14  G   B C4    1 
ATOM   276  P P     . A   A 1 15 ? -12.192 -3.756  -8.830  1.00 50.94 ? 15  A   B P     1 
ATOM   277  O OP1   . A   A 1 15 ? -13.275 -3.906  -9.833  1.00 50.79 ? 15  A   B OP1   1 
ATOM   278  O OP2   . A   A 1 15 ? -10.935 -3.076  -9.233  1.00 47.42 ? 15  A   B OP2   1 
ATOM   279  O "O5'" . A   A 1 15 ? -12.772 -3.091  -7.505  1.00 48.21 ? 15  A   B "O5'" 1 
ATOM   280  C "C5'" . A   A 1 15 ? -13.892 -3.661  -6.844  1.00 51.26 ? 15  A   B "C5'" 1 
ATOM   281  C "C4'" . A   A 1 15 ? -14.045 -3.134  -5.439  1.00 49.01 ? 15  A   B "C4'" 1 
ATOM   282  O "O4'" . A   A 1 15 ? -12.838 -3.401  -4.677  1.00 45.47 ? 15  A   B "O4'" 1 
ATOM   283  C "C3'" . A   A 1 15 ? -14.237 -1.634  -5.306  1.00 50.27 ? 15  A   B "C3'" 1 
ATOM   284  O "O3'" . A   A 1 15 ? -15.568 -1.215  -5.566  1.00 47.92 ? 15  A   B "O3'" 1 
ATOM   285  C "C2'" . A   A 1 15 ? -13.770 -1.369  -3.878  1.00 47.17 ? 15  A   B "C2'" 1 
ATOM   286  O "O2'" . A   A 1 15 ? -14.769 -1.750  -2.941  1.00 44.89 ? 15  A   B "O2'" 1 
ATOM   287  C "C1'" . A   A 1 15 ? -12.606 -2.351  -3.761  1.00 44.11 ? 15  A   B "C1'" 1 
ATOM   288  N N9    . A   A 1 15 ? -11.319 -1.718  -4.094  1.00 41.56 ? 15  A   B N9    1 
ATOM   289  C C8    . A   A 1 15 ? -10.509 -1.983  -5.170  1.00 41.37 ? 15  A   B C8    1 
ATOM   290  N N7    . A   A 1 15 ? -9.422  -1.251  -5.194  1.00 37.30 ? 15  A   B N7    1 
ATOM   291  C C5    . A   A 1 15 ? -9.530  -0.450  -4.063  1.00 36.58 ? 15  A   B C5    1 
ATOM   292  C C6    . A   A 1 15 ? -8.696  0.544   -3.520  1.00 34.26 ? 15  A   B C6    1 
ATOM   293  N N6    . A   A 1 15 ? -7.534  0.920   -4.067  1.00 27.60 ? 15  A   B N6    1 
ATOM   294  N N1    . A   A 1 15 ? -9.098  1.145   -2.378  1.00 31.21 ? 15  A   B N1    1 
ATOM   295  C C2    . A   A 1 15 ? -10.259 0.767   -1.823  1.00 35.88 ? 15  A   B C2    1 
ATOM   296  N N3    . A   A 1 15 ? -11.127 -0.152  -2.237  1.00 37.29 ? 15  A   B N3    1 
ATOM   297  C C4    . A   A 1 15 ? -10.695 -0.730  -3.373  1.00 39.27 ? 15  A   B C4    1 
ATOM   298  P P     . A   A 1 16 ? -15.849 0.254   -6.155  1.00 57.26 ? 16  A   B P     1 
ATOM   299  O OP1   . A   A 1 16 ? -17.266 0.292   -6.597  1.00 57.63 ? 16  A   B OP1   1 
ATOM   300  O OP2   . A   A 1 16 ? -14.786 0.538   -7.149  1.00 55.25 ? 16  A   B OP2   1 
ATOM   301  O "O5'" . A   A 1 16 ? -15.657 1.179   -4.879  1.00 55.09 ? 16  A   B "O5'" 1 
ATOM   302  C "C5'" . A   A 1 16 ? -16.178 0.790   -3.616  1.00 52.05 ? 16  A   B "C5'" 1 
ATOM   303  C "C4'" . A   A 1 16 ? -15.791 1.775   -2.548  1.00 52.51 ? 16  A   B "C4'" 1 
ATOM   304  O "O4'" . A   A 1 16 ? -14.440 1.503   -2.087  1.00 49.05 ? 16  A   B "O4'" 1 
ATOM   305  C "C3'" . A   A 1 16 ? -15.742 3.220   -2.992  1.00 55.72 ? 16  A   B "C3'" 1 
ATOM   306  O "O3'" . A   A 1 16 ? -17.019 3.822   -3.039  1.00 60.19 ? 16  A   B "O3'" 1 
ATOM   307  C "C2'" . A   A 1 16 ? -14.791 3.843   -1.982  1.00 53.90 ? 16  A   B "C2'" 1 
ATOM   308  O "O2'" . A   A 1 16 ? -15.438 4.031   -0.731  1.00 53.19 ? 16  A   B "O2'" 1 
ATOM   309  C "C1'" . A   A 1 16 ? -13.768 2.720   -1.830  1.00 47.79 ? 16  A   B "C1'" 1 
ATOM   310  N N9    . A   A 1 16 ? -12.668 2.850   -2.803  1.00 43.89 ? 16  A   B N9    1 
ATOM   311  C C8    . A   A 1 16 ? -12.533 2.141   -3.968  1.00 43.00 ? 16  A   B C8    1 
ATOM   312  N N7    . A   A 1 16 ? -11.462 2.449   -4.659  1.00 43.06 ? 16  A   B N7    1 
ATOM   313  C C5    . A   A 1 16 ? -10.849 3.435   -3.898  1.00 38.08 ? 16  A   B C5    1 
ATOM   314  C C6    . A   A 1 16 ? -9.664  4.170   -4.087  1.00 33.70 ? 16  A   B C6    1 
ATOM   315  N N6    . A   A 1 16 ? -8.867  4.023   -5.148  1.00 31.46 ? 16  A   B N6    1 
ATOM   316  N N1    . A   A 1 16 ? -9.330  5.077   -3.141  1.00 32.69 ? 16  A   B N1    1 
ATOM   317  C C2    . A   A 1 16 ? -10.136 5.222   -2.080  1.00 35.77 ? 16  A   B C2    1 
ATOM   318  N N3    . A   A 1 16 ? -11.272 4.585   -1.791  1.00 36.87 ? 16  A   B N3    1 
ATOM   319  C C4    . A   A 1 16 ? -11.578 3.692   -2.747  1.00 39.90 ? 16  A   B C4    1 
ATOM   320  P P     . A   A 1 17 ? -17.363 4.886   -4.187  1.00 61.02 ? 17  A   B P     1 
ATOM   321  O OP1   . A   A 1 17 ? -18.723 4.572   -4.691  1.00 59.17 ? 17  A   B OP1   1 
ATOM   322  O OP2   . A   A 1 17 ? -16.227 4.883   -5.144  1.00 60.52 ? 17  A   B OP2   1 
ATOM   323  O "O5'" . A   A 1 17 ? -17.378 6.243   -3.377  1.00 59.22 ? 17  A   B "O5'" 1 
ATOM   324  C "C5'" . A   A 1 17 ? -16.518 6.410   -2.265  1.00 59.95 ? 17  A   B "C5'" 1 
ATOM   325  C "C4'" . A   A 1 17 ? -15.680 7.642   -2.405  1.00 59.15 ? 17  A   B "C4'" 1 
ATOM   326  O "O4'" . A   A 1 17 ? -14.270 7.338   -2.180  1.00 55.51 ? 17  A   B "O4'" 1 
ATOM   327  C "C3'" . A   A 1 17 ? -15.637 8.265   -3.772  1.00 58.21 ? 17  A   B "C3'" 1 
ATOM   328  O "O3'" . A   A 1 17 ? -16.837 8.884   -4.179  1.00 61.50 ? 17  A   B "O3'" 1 
ATOM   329  C "C2'" . A   A 1 17 ? -14.466 9.214   -3.608  1.00 55.52 ? 17  A   B "C2'" 1 
ATOM   330  O "O2'" . A   A 1 17 ? -14.801 10.278  -2.730  1.00 56.03 ? 17  A   B "O2'" 1 
ATOM   331  C "C1'" . A   A 1 17 ? -13.485 8.291   -2.894  1.00 52.99 ? 17  A   B "C1'" 1 
ATOM   332  N N9    . A   A 1 17 ? -12.624 7.605   -3.878  1.00 46.10 ? 17  A   B N9    1 
ATOM   333  C C8    . A   A 1 17 ? -13.013 6.792   -4.916  1.00 46.46 ? 17  A   B C8    1 
ATOM   334  N N7    . A   A 1 17 ? -12.026 6.400   -5.687  1.00 45.21 ? 17  A   B N7    1 
ATOM   335  C C5    . A   A 1 17 ? -10.912 7.034   -5.150  1.00 40.88 ? 17  A   B C5    1 
ATOM   336  C C6    . A   A 1 17 ? -9.548  7.033   -5.508  1.00 33.00 ? 17  A   B C6    1 
ATOM   337  N N6    . A   A 1 17 ? -9.048  6.345   -6.540  1.00 32.01 ? 17  A   B N6    1 
ATOM   338  N N1    . A   A 1 17 ? -8.700  7.774   -4.763  1.00 28.90 ? 17  A   B N1    1 
ATOM   339  C C2    . A   A 1 17 ? -9.194  8.466   -3.728  1.00 31.69 ? 17  A   B C2    1 
ATOM   340  N N3    . A   A 1 17 ? -10.453 8.546   -3.296  1.00 38.64 ? 17  A   B N3    1 
ATOM   341  C C4    . A   A 1 17 ? -11.273 7.801   -4.055  1.00 41.76 ? 17  A   B C4    1 
ATOM   342  P P     . A   A 1 18 ? -16.915 9.477   -5.664  1.00 62.73 ? 18  A   B P     1 
ATOM   343  O OP1   . A   A 1 18 ? -18.089 10.379  -5.724  1.00 60.84 ? 18  A   B OP1   1 
ATOM   344  O OP2   . A   A 1 18 ? -16.846 8.325   -6.603  1.00 60.60 ? 18  A   B OP2   1 
ATOM   345  O "O5'" . A   A 1 18 ? -15.573 10.323  -5.740  1.00 60.33 ? 18  A   B "O5'" 1 
ATOM   346  C "C5'" . A   A 1 18 ? -14.657 10.151  -6.799  1.00 59.52 ? 18  A   B "C5'" 1 
ATOM   347  C "C4'" . A   A 1 18 ? -14.660 11.354  -7.690  1.00 57.33 ? 18  A   B "C4'" 1 
ATOM   348  O "O4'" . A   A 1 18 ? -16.027 11.849  -7.823  1.00 60.90 ? 18  A   B "O4'" 1 
ATOM   349  C "C3'" . A   A 1 18 ? -13.922 12.573  -7.173  1.00 55.65 ? 18  A   B "C3'" 1 
ATOM   350  O "O3'" . A   A 1 18 ? -12.521 12.515  -7.309  1.00 55.06 ? 18  A   B "O3'" 1 
ATOM   351  C "C2'" . A   A 1 18 ? -14.554 13.667  -8.006  1.00 58.32 ? 18  A   B "C2'" 1 
ATOM   352  O "O2'" . A   A 1 18 ? -14.157 13.544  -9.366  1.00 55.56 ? 18  A   B "O2'" 1 
ATOM   353  C "C1'" . A   A 1 18 ? -16.010 13.264  -7.899  1.00 59.30 ? 18  A   B "C1'" 1 
ATOM   354  N N9    . A   A 1 18 ? -16.625 13.816  -6.672  1.00 60.22 ? 18  A   B N9    1 
ATOM   355  C C8    . A   A 1 18 ? -17.657 13.307  -5.930  1.00 62.42 ? 18  A   B C8    1 
ATOM   356  N N7    . A   A 1 18 ? -17.975 14.032  -4.883  1.00 62.05 ? 18  A   B N7    1 
ATOM   357  C C5    . A   A 1 18 ? -17.089 15.100  -4.933  1.00 59.80 ? 18  A   B C5    1 
ATOM   358  C C6    . A   A 1 18 ? -16.908 16.223  -4.104  1.00 55.45 ? 18  A   B C6    1 
ATOM   359  N N6    . A   A 1 18 ? -17.643 16.466  -3.020  1.00 55.13 ? 18  A   B N6    1 
ATOM   360  N N1    . A   A 1 18 ? -15.936 17.103  -4.428  1.00 49.59 ? 18  A   B N1    1 
ATOM   361  C C2    . A   A 1 18 ? -15.199 16.864  -5.516  1.00 53.61 ? 18  A   B C2    1 
ATOM   362  N N3    . A   A 1 18 ? -15.278 15.848  -6.371  1.00 56.52 ? 18  A   B N3    1 
ATOM   363  C C4    . A   A 1 18 ? -16.251 14.982  -6.025  1.00 58.66 ? 18  A   B C4    1 
ATOM   364  P P     . G   A 1 19 ? -11.703 13.893  -7.401  1.00 42.30 ? 19  G   B P     1 
ATOM   365  O OP1   . G   A 1 19 ? -12.619 14.972  -6.940  1.00 50.82 ? 19  G   B OP1   1 
ATOM   366  O OP2   . G   A 1 19 ? -11.138 13.975  -8.765  1.00 43.22 ? 19  G   B OP2   1 
ATOM   367  O "O5'" . G   A 1 19 ? -10.543 13.705  -6.339  1.00 35.59 ? 19  G   B "O5'" 1 
ATOM   368  C "C5'" . G   A 1 19 ? -10.341 14.673  -5.322  1.00 31.47 ? 19  G   B "C5'" 1 
ATOM   369  C "C4'" . G   A 1 19 ? -8.903  14.735  -4.896  1.00 28.18 ? 19  G   B "C4'" 1 
ATOM   370  O "O4'" . G   A 1 19 ? -8.473  13.425  -4.437  1.00 25.01 ? 19  G   B "O4'" 1 
ATOM   371  C "C3'" . G   A 1 19 ? -7.893  15.087  -5.979  1.00 26.13 ? 19  G   B "C3'" 1 
ATOM   372  O "O3'" . G   A 1 19 ? -7.827  16.474  -6.253  1.00 28.29 ? 19  G   B "O3'" 1 
ATOM   373  C "C2'" . G   A 1 19 ? -6.616  14.522  -5.390  1.00 21.69 ? 19  G   B "C2'" 1 
ATOM   374  O "O2'" . G   A 1 19 ? -6.175  15.327  -4.303  1.00 25.60 ? 19  G   B "O2'" 1 
ATOM   375  C "C1'" . G   A 1 19 ? -7.136  13.199  -4.833  1.00 23.29 ? 19  G   B "C1'" 1 
ATOM   376  N N9    . G   A 1 19 ? -7.128  12.143  -5.868  1.00 20.62 ? 19  G   B N9    1 
ATOM   377  C C8    . G   A 1 19 ? -8.181  11.476  -6.442  1.00 18.67 ? 19  G   B C8    1 
ATOM   378  N N7    . G   A 1 19 ? -7.843  10.610  -7.355  1.00 19.95 ? 19  G   B N7    1 
ATOM   379  C C5    . G   A 1 19 ? -6.455  10.709  -7.386  1.00 16.54 ? 19  G   B C5    1 
ATOM   380  C C6    . G   A 1 19 ? -5.526  10.021  -8.188  1.00 14.43 ? 19  G   B C6    1 
ATOM   381  O O6    . G   A 1 19 ? -5.758  9.179   -9.036  1.00 14.59 ? 19  G   B O6    1 
ATOM   382  N N1    . G   A 1 19 ? -4.233  10.436  -7.897  1.00 15.77 ? 19  G   B N1    1 
ATOM   383  C C2    . G   A 1 19 ? -3.867  11.376  -6.971  1.00 15.24 ? 19  G   B C2    1 
ATOM   384  N N2    . G   A 1 19 ? -2.557  11.644  -6.838  1.00 16.78 ? 19  G   B N2    1 
ATOM   385  N N3    . G   A 1 19 ? -4.740  12.035  -6.221  1.00 16.90 ? 19  G   B N3    1 
ATOM   386  C C4    . G   A 1 19 ? -5.996  11.648  -6.491  1.00 16.41 ? 19  G   B C4    1 
ATOM   387  P P     . U   A 1 20 ? -7.356  16.989  -7.708  1.00 26.85 ? 20  U   B P     1 
ATOM   388  O OP1   . U   A 1 20 ? -7.584  18.452  -7.748  1.00 32.89 ? 20  U   B OP1   1 
ATOM   389  O OP2   . U   A 1 20 ? -8.023  16.134  -8.721  1.00 29.75 ? 20  U   B OP2   1 
ATOM   390  O "O5'" . U   A 1 20 ? -5.792  16.680  -7.709  1.00 23.69 ? 20  U   B "O5'" 1 
ATOM   391  C "C5'" . U   A 1 20 ? -4.923  17.236  -6.737  1.00 21.38 ? 20  U   B "C5'" 1 
ATOM   392  C "C4'" . U   A 1 20 ? -3.484  16.895  -7.032  1.00 22.02 ? 20  U   B "C4'" 1 
ATOM   393  O "O4'" . U   A 1 20 ? -3.302  15.459  -6.983  1.00 18.38 ? 20  U   B "O4'" 1 
ATOM   394  C "C3'" . U   A 1 20 ? -2.986  17.292  -8.414  1.00 17.48 ? 20  U   B "C3'" 1 
ATOM   395  O "O3'" . U   A 1 20 ? -2.549  18.629  -8.461  1.00 19.18 ? 20  U   B "O3'" 1 
ATOM   396  C "C2'" . U   A 1 20 ? -1.871  16.295  -8.683  1.00 18.73 ? 20  U   B "C2'" 1 
ATOM   397  O "O2'" . U   A 1 20 ? -0.676  16.696  -8.022  1.00 23.49 ? 20  U   B "O2'" 1 
ATOM   398  C "C1'" . U   A 1 20 ? -2.401  15.050  -7.986  1.00 17.70 ? 20  U   B "C1'" 1 
ATOM   399  N N1    . U   A 1 20 ? -3.097  14.113  -8.907  1.00 15.61 ? 20  U   B N1    1 
ATOM   400  C C2    . U   A 1 20 ? -2.323  13.351  -9.762  1.00 14.91 ? 20  U   B C2    1 
ATOM   401  O O2    . U   A 1 20 ? -1.119  13.497  -9.810  1.00 15.18 ? 20  U   B O2    1 
ATOM   402  N N3    . U   A 1 20 ? -3.004  12.453  -10.561 1.00 13.48 ? 20  U   B N3    1 
ATOM   403  C C4    . U   A 1 20 ? -4.366  12.233  -10.578 1.00 13.74 ? 20  U   B C4    1 
ATOM   404  O O4    . U   A 1 20 ? -4.841  11.376  -11.322 1.00 14.25 ? 20  U   B O4    1 
ATOM   405  C C5    . U   A 1 20 ? -5.089  13.046  -9.651  1.00 14.32 ? 20  U   B C5    1 
ATOM   406  C C6    . U   A 1 20 ? -4.451  13.926  -8.870  1.00 15.85 ? 20  U   B C6    1 
ATOM   407  P P     . C   A 1 21 ? -2.941  19.563  -9.700  1.00 20.58 ? 21  C   B P     1 
ATOM   408  O OP1   . C   A 1 21 ? -2.568  20.954  -9.329  1.00 25.29 ? 21  C   B OP1   1 
ATOM   409  O OP2   . C   A 1 21 ? -4.338  19.269  -10.052 1.00 22.11 ? 21  C   B OP2   1 
ATOM   410  O "O5'" . C   A 1 21 ? -1.984  19.042  -10.853 1.00 17.93 ? 21  C   B "O5'" 1 
ATOM   411  C "C5'" . C   A 1 21 ? -0.585  19.197  -10.764 1.00 18.25 ? 21  C   B "C5'" 1 
ATOM   412  C "C4'" . C   A 1 21 ? 0.110   18.344  -11.785 1.00 16.69 ? 21  C   B "C4'" 1 
ATOM   413  O "O4'" . C   A 1 21 ? -0.079  16.941  -11.459 1.00 15.52 ? 21  C   B "O4'" 1 
ATOM   414  C "C3'" . C   A 1 21 ? -0.425  18.445  -13.203 1.00 17.62 ? 21  C   B "C3'" 1 
ATOM   415  O "O3'" . C   A 1 21 ? -0.006  19.614  -13.876 1.00 18.85 ? 21  C   B "O3'" 1 
ATOM   416  C "C2'" . C   A 1 21 ? 0.089   17.157  -13.814 1.00 16.48 ? 21  C   B "C2'" 1 
ATOM   417  O "O2'" . C   A 1 21 ? 1.492   17.234  -14.013 1.00 17.13 ? 21  C   B "O2'" 1 
ATOM   418  C "C1'" . C   A 1 21 ? -0.185  16.192  -12.660 1.00 14.91 ? 21  C   B "C1'" 1 
ATOM   419  N N1    . C   A 1 21 ? -1.553  15.629  -12.747 1.00 14.37 ? 21  C   B N1    1 
ATOM   420  C C2    . C   A 1 21 ? -1.715  14.489  -13.531 1.00 14.67 ? 21  C   B C2    1 
ATOM   421  O O2    . C   A 1 21 ? -0.708  14.022  -14.073 1.00 15.11 ? 21  C   B O2    1 
ATOM   422  N N3    . C   A 1 21 ? -2.941  13.925  -13.680 1.00 13.40 ? 21  C   B N3    1 
ATOM   423  C C4    . C   A 1 21 ? -3.990  14.479  -13.070 1.00 14.91 ? 21  C   B C4    1 
ATOM   424  N N4    . C   A 1 21 ? -5.179  13.892  -13.234 1.00 13.84 ? 21  C   B N4    1 
ATOM   425  C C5    . C   A 1 21 ? -3.851  15.647  -12.269 1.00 14.60 ? 21  C   B C5    1 
ATOM   426  C C6    . C   A 1 21 ? -2.635  16.201  -12.136 1.00 15.17 ? 21  C   B C6    1 
ATOM   427  P P     . G   A 1 22 ? -0.975  20.327  -14.941 1.00 19.51 ? 22  G   B P     1 
ATOM   428  O OP1   . G   A 1 22 ? -0.313  21.587  -15.342 1.00 20.50 ? 22  G   B OP1   1 
ATOM   429  O OP2   . G   A 1 22 ? -2.320  20.389  -14.347 1.00 20.92 ? 22  G   B OP2   1 
ATOM   430  O "O5'" . G   A 1 22 ? -0.971  19.308  -16.151 1.00 18.25 ? 22  G   B "O5'" 1 
ATOM   431  C "C5'" . G   A 1 22 ? 0.200   19.099  -16.911 1.00 18.19 ? 22  G   B "C5'" 1 
ATOM   432  C "C4'" . G   A 1 22 ? 0.037   17.964  -17.882 1.00 18.65 ? 22  G   B "C4'" 1 
ATOM   433  O "O4'" . G   A 1 22 ? -0.301  16.739  -17.176 1.00 15.52 ? 22  G   B "O4'" 1 
ATOM   434  C "C3'" . G   A 1 22 ? -1.090  18.088  -18.897 1.00 17.27 ? 22  G   B "C3'" 1 
ATOM   435  O "O3'" . G   A 1 22 ? -0.802  19.003  -19.934 1.00 17.40 ? 22  G   B "O3'" 1 
ATOM   436  C "C2'" . G   A 1 22 ? -1.207  16.651  -19.367 1.00 15.04 ? 22  G   B "C2'" 1 
ATOM   437  O "O2'" . G   A 1 22 ? -0.092  16.303  -20.178 1.00 16.92 ? 22  G   B "O2'" 1 
ATOM   438  C "C1'" . G   A 1 22 ? -1.077  15.917  -18.029 1.00 15.26 ? 22  G   B "C1'" 1 
ATOM   439  N N9    . G   A 1 22 ? -2.396  15.689  -17.400 1.00 12.57 ? 22  G   B N9    1 
ATOM   440  C C8    . G   A 1 22 ? -2.995  16.367  -16.367 1.00 14.08 ? 22  G   B C8    1 
ATOM   441  N N7    . G   A 1 22 ? -4.184  15.891  -16.071 1.00 14.24 ? 22  G   B N7    1 
ATOM   442  C C5    . G   A 1 22 ? -4.391  14.858  -16.991 1.00 12.32 ? 22  G   B C5    1 
ATOM   443  C C6    . G   A 1 22 ? -5.476  13.949  -17.194 1.00 13.07 ? 22  G   B C6    1 
ATOM   444  O O6    . G   A 1 22 ? -6.543  13.860  -16.575 1.00 14.43 ? 22  G   B O6    1 
ATOM   445  N N1    . G   A 1 22 ? -5.211  13.065  -18.232 1.00 11.99 ? 22  G   B N1    1 
ATOM   446  C C2    . G   A 1 22 ? -4.081  13.034  -19.000 1.00 13.89 ? 22  G   B C2    1 
ATOM   447  N N2    . G   A 1 22 ? -4.004  12.106  -19.969 1.00 13.86 ? 22  G   B N2    1 
ATOM   448  N N3    . G   A 1 22 ? -3.062  13.866  -18.800 1.00 12.19 ? 22  G   B N3    1 
ATOM   449  C C4    . G   A 1 22 ? -3.288  14.729  -17.804 1.00 15.20 ? 22  G   B C4    1 
ATOM   450  P P     . C   A 1 23 ? -1.996  19.712  -20.761 1.00 18.68 ? 23  C   B P     1 
ATOM   451  O OP1   . C   A 1 23 ? -1.361  20.740  -21.631 1.00 22.09 ? 23  C   B OP1   1 
ATOM   452  O OP2   . C   A 1 23 ? -3.009  20.145  -19.792 1.00 21.22 ? 23  C   B OP2   1 
ATOM   453  O "O5'" . C   A 1 23 ? -2.585  18.533  -21.647 1.00 16.74 ? 23  C   B "O5'" 1 
ATOM   454  C "C5'" . C   A 1 23 ? -1.815  17.886  -22.641 1.00 17.13 ? 23  C   B "C5'" 1 
ATOM   455  C "C4'" . C   A 1 23 ? -2.571  16.728  -23.244 1.00 17.31 ? 23  C   B "C4'" 1 
ATOM   456  O "O4'" . C   A 1 23 ? -2.895  15.758  -22.211 1.00 13.99 ? 23  C   B "O4'" 1 
ATOM   457  C "C3'" . C   A 1 23 ? -3.929  17.052  -23.846 1.00 15.40 ? 23  C   B "C3'" 1 
ATOM   458  O "O3'" . C   A 1 23 ? -3.849  17.660  -25.124 1.00 16.25 ? 23  C   B "O3'" 1 
ATOM   459  C "C2'" . C   A 1 23 ? -4.600  15.686  -23.854 1.00 14.43 ? 23  C   B "C2'" 1 
ATOM   460  O "O2'" . C   A 1 23 ? -4.078  14.871  -24.884 1.00 15.95 ? 23  C   B "O2'" 1 
ATOM   461  C "C1'" . C   A 1 23 ? -4.125  15.125  -22.519 1.00 14.46 ? 23  C   B "C1'" 1 
ATOM   462  N N1    . C   A 1 23 ? -5.090  15.413  -21.440 1.00 13.12 ? 23  C   B N1    1 
ATOM   463  C C2    . C   A 1 23 ? -6.237  14.607  -21.392 1.00 11.76 ? 23  C   B C2    1 
ATOM   464  O O2    . C   A 1 23 ? -6.349  13.698  -22.232 1.00 13.58 ? 23  C   B O2    1 
ATOM   465  N N3    . C   A 1 23 ? -7.144  14.849  -20.416 1.00 12.12 ? 23  C   B N3    1 
ATOM   466  C C4    . C   A 1 23 ? -6.961  15.849  -19.546 1.00 12.11 ? 23  C   B C4    1 
ATOM   467  N N4    . C   A 1 23 ? -7.879  16.040  -18.590 1.00 15.55 ? 23  C   B N4    1 
ATOM   468  C C5    . C   A 1 23 ? -5.795  16.684  -19.578 1.00 12.29 ? 23  C   B C5    1 
ATOM   469  C C6    . C   A 1 23 ? -4.902  16.441  -20.547 1.00 12.72 ? 23  C   B C6    1 
ATOM   470  P P     . U   B 1 2  ? -15.653 15.530  -13.422 1.00 35.63 ? 2   U   C P     1 
ATOM   471  O OP1   . U   B 1 2  ? -16.030 16.750  -14.181 1.00 30.40 ? 2   U   C OP1   1 
ATOM   472  O OP2   . U   B 1 2  ? -14.228 15.297  -13.098 1.00 33.04 ? 2   U   C OP2   1 
ATOM   473  O "O5'" . U   B 1 2  ? -16.285 14.234  -14.106 1.00 28.30 ? 2   U   C "O5'" 1 
ATOM   474  C "C5'" . U   B 1 2  ? -15.990 12.925  -13.624 1.00 23.27 ? 2   U   C "C5'" 1 
ATOM   475  C "C4'" . U   B 1 2  ? -16.515 11.861  -14.558 1.00 21.96 ? 2   U   C "C4'" 1 
ATOM   476  O "O4'" . U   B 1 2  ? -17.921 12.144  -14.848 1.00 19.42 ? 2   U   C "O4'" 1 
ATOM   477  C "C3'" . U   B 1 2  ? -15.817 11.805  -15.920 1.00 17.96 ? 2   U   C "C3'" 1 
ATOM   478  O "O3'" . U   B 1 2  ? -15.911 10.478  -16.451 1.00 20.29 ? 2   U   C "O3'" 1 
ATOM   479  C "C2'" . U   B 1 2  ? -16.691 12.740  -16.747 1.00 17.70 ? 2   U   C "C2'" 1 
ATOM   480  O "O2'" . U   B 1 2  ? -16.573 12.587  -18.140 1.00 16.19 ? 2   U   C "O2'" 1 
ATOM   481  C "C1'" . U   B 1 2  ? -18.080 12.363  -16.240 1.00 18.74 ? 2   U   C "C1'" 1 
ATOM   482  N N1    . U   B 1 2  ? -19.104 13.419  -16.457 1.00 17.43 ? 2   U   C N1    1 
ATOM   483  C C2    . U   B 1 2  ? -20.195 13.093  -17.241 1.00 17.40 ? 2   U   C C2    1 
ATOM   484  O O2    . U   B 1 2  ? -20.381 11.991  -17.719 1.00 16.89 ? 2   U   C O2    1 
ATOM   485  N N3    . U   B 1 2  ? -21.095 14.111  -17.449 1.00 17.81 ? 2   U   C N3    1 
ATOM   486  C C4    . U   B 1 2  ? -21.008 15.397  -16.980 1.00 18.43 ? 2   U   C C4    1 
ATOM   487  O O4    . U   B 1 2  ? -21.899 16.197  -17.269 1.00 21.74 ? 2   U   C O4    1 
ATOM   488  C C5    . U   B 1 2  ? -19.851 15.669  -16.183 1.00 20.14 ? 2   U   C C5    1 
ATOM   489  C C6    . U   B 1 2  ? -18.956 14.694  -15.973 1.00 19.12 ? 2   U   C C6    1 
ATOM   490  P P     . G   B 1 3  ? -14.788 9.361   -16.131 1.00 20.65 ? 3   G   C P     1 
ATOM   491  O OP1   . G   B 1 3  ? -15.477 8.214   -15.505 1.00 24.72 ? 3   G   C OP1   1 
ATOM   492  O OP2   . G   B 1 3  ? -13.697 10.030  -15.394 1.00 22.66 ? 3   G   C OP2   1 
ATOM   493  O "O5'" . G   B 1 3  ? -14.287 8.954   -17.578 1.00 19.02 ? 3   G   C "O5'" 1 
ATOM   494  C "C5'" . G   B 1 3  ? -15.100 8.195   -18.455 1.00 17.57 ? 3   G   C "C5'" 1 
ATOM   495  C "C4'" . G   B 1 3  ? -14.455 8.108   -19.807 1.00 15.26 ? 3   G   C "C4'" 1 
ATOM   496  O "O4'" . G   B 1 3  ? -14.520 9.409   -20.441 1.00 15.38 ? 3   G   C "O4'" 1 
ATOM   497  C "C3'" . G   B 1 3  ? -12.972 7.740   -19.781 1.00 13.05 ? 3   G   C "C3'" 1 
ATOM   498  O "O3'" . G   B 1 3  ? -12.779 6.339   -19.886 1.00 15.12 ? 3   G   C "O3'" 1 
ATOM   499  C "C2'" . G   B 1 3  ? -12.385 8.514   -20.952 1.00 14.55 ? 3   G   C "C2'" 1 
ATOM   500  O "O2'" . G   B 1 3  ? -12.563 7.789   -22.159 1.00 16.09 ? 3   G   C "O2'" 1 
ATOM   501  C "C1'" . G   B 1 3  ? -13.274 9.755   -20.991 1.00 15.25 ? 3   G   C "C1'" 1 
ATOM   502  N N9    . G   B 1 3  ? -12.722 10.883  -20.212 1.00 15.04 ? 3   G   C N9    1 
ATOM   503  C C8    . G   B 1 3  ? -13.370 11.560  -19.197 1.00 13.97 ? 3   G   C C8    1 
ATOM   504  N N7    . G   B 1 3  ? -12.686 12.545  -18.692 1.00 14.71 ? 3   G   C N7    1 
ATOM   505  C C5    . G   B 1 3  ? -11.499 12.551  -19.439 1.00 12.18 ? 3   G   C C5    1 
ATOM   506  C C6    . G   B 1 3  ? -10.362 13.414  -19.341 1.00 12.41 ? 3   G   C C6    1 
ATOM   507  O O6    . G   B 1 3  ? -10.200 14.384  -18.566 1.00 14.51 ? 3   G   C O6    1 
ATOM   508  N N1    . G   B 1 3  ? -9.415  13.077  -20.303 1.00 12.50 ? 3   G   C N1    1 
ATOM   509  C C2    . G   B 1 3  ? -9.527  12.030  -21.189 1.00 11.69 ? 3   G   C C2    1 
ATOM   510  N N2    . G   B 1 3  ? -8.499  11.853  -22.035 1.00 13.77 ? 3   G   C N2    1 
ATOM   511  N N3    . G   B 1 3  ? -10.577 11.216  -21.283 1.00 13.46 ? 3   G   C N3    1 
ATOM   512  C C4    . G   B 1 3  ? -11.522 11.545  -20.387 1.00 12.62 ? 3   G   C C4    1 
ATOM   513  P P     . C   B 1 4  ? -11.753 5.566   -18.917 1.00 18.42 ? 4   C   C P     1 
ATOM   514  O OP1   . C   B 1 4  ? -12.017 4.123   -19.083 1.00 19.95 ? 4   C   C OP1   1 
ATOM   515  O OP2   . C   B 1 4  ? -11.866 6.167   -17.578 1.00 19.34 ? 4   C   C OP2   1 
ATOM   516  O "O5'" . C   B 1 4  ? -10.342 5.942   -19.536 1.00 16.44 ? 4   C   C "O5'" 1 
ATOM   517  C "C5'" . C   B 1 4  ? -9.954  5.467   -20.805 1.00 16.04 ? 4   C   C "C5'" 1 
ATOM   518  C "C4'" . C   B 1 4  ? -8.710  6.159   -21.273 1.00 15.86 ? 4   C   C "C4'" 1 
ATOM   519  O "O4'" . C   B 1 4  ? -8.960  7.580   -21.422 1.00 15.12 ? 4   C   C "O4'" 1 
ATOM   520  C "C3'" . C   B 1 4  ? -7.526  6.121   -20.322 1.00 16.40 ? 4   C   C "C3'" 1 
ATOM   521  O "O3'" . C   B 1 4  ? -6.869  4.869   -20.308 1.00 17.04 ? 4   C   C "O3'" 1 
ATOM   522  C "C2'" . C   B 1 4  ? -6.679  7.248   -20.873 1.00 16.36 ? 4   C   C "C2'" 1 
ATOM   523  O "O2'" . C   B 1 4  ? -6.120  6.867   -22.123 1.00 17.37 ? 4   C   C "O2'" 1 
ATOM   524  C "C1'" . C   B 1 4  ? -7.762  8.287   -21.141 1.00 15.47 ? 4   C   C "C1'" 1 
ATOM   525  N N1    . C   B 1 4  ? -7.991  9.172   -19.980 1.00 12.90 ? 4   C   C N1    1 
ATOM   526  C C2    . C   B 1 4  ? -7.060  10.196  -19.769 1.00 12.51 ? 4   C   C C2    1 
ATOM   527  O O2    . C   B 1 4  ? -6.091  10.261  -20.548 1.00 14.46 ? 4   C   C O2    1 
ATOM   528  N N3    . C   B 1 4  ? -7.251  11.048  -18.738 1.00 13.00 ? 4   C   C N3    1 
ATOM   529  C C4    . C   B 1 4  ? -8.321  10.919  -17.938 1.00 13.75 ? 4   C   C C4    1 
ATOM   530  N N4    . C   B 1 4  ? -8.487  11.787  -16.933 1.00 16.26 ? 4   C   C N4    1 
ATOM   531  C C5    . C   B 1 4  ? -9.289  9.883   -18.135 1.00 13.29 ? 4   C   C C5    1 
ATOM   532  C C6    . C   B 1 4  ? -9.079  9.036   -19.155 1.00 13.78 ? 4   C   C C6    1 
ATOM   533  P P     . G   B 1 5  ? -6.001  4.407   -19.030 1.00 18.23 ? 5   G   C P     1 
ATOM   534  O OP1   . G   B 1 5  ? -5.621  2.997   -19.261 1.00 21.81 ? 5   G   C OP1   1 
ATOM   535  O OP2   . G   B 1 5  ? -6.771  4.741   -17.821 1.00 20.54 ? 5   G   C OP2   1 
ATOM   536  O "O5'" . G   B 1 5  ? -4.716  5.331   -19.102 1.00 15.61 ? 5   G   C "O5'" 1 
ATOM   537  C "C5'" . G   B 1 5  ? -3.812  5.248   -20.184 1.00 15.40 ? 5   G   C "C5'" 1 
ATOM   538  C "C4'" . G   B 1 5  ? -2.769  6.322   -20.080 1.00 15.21 ? 5   G   C "C4'" 1 
ATOM   539  O "O4'" . G   B 1 5  ? -3.407  7.625   -20.153 1.00 13.48 ? 5   G   C "O4'" 1 
ATOM   540  C "C3'" . G   B 1 5  ? -2.011  6.373   -18.768 1.00 14.88 ? 5   G   C "C3'" 1 
ATOM   541  O "O3'" . G   B 1 5  ? -0.974  5.421   -18.716 1.00 14.34 ? 5   G   C "O3'" 1 
ATOM   542  C "C2'" . G   B 1 5  ? -1.514  7.805   -18.739 1.00 13.29 ? 5   G   C "C2'" 1 
ATOM   543  O "O2'" . G   B 1 5  ? -0.417  7.972   -19.631 1.00 14.28 ? 5   G   C "O2'" 1 
ATOM   544  C "C1'" . G   B 1 5  ? -2.722  8.538   -19.322 1.00 13.77 ? 5   G   C "C1'" 1 
ATOM   545  N N9    . G   B 1 5  ? -3.640  8.982   -18.266 1.00 13.10 ? 5   G   C N9    1 
ATOM   546  C C8    . G   B 1 5  ? -4.869  8.479   -17.889 1.00 12.40 ? 5   G   C C8    1 
ATOM   547  N N7    . G   B 1 5  ? -5.396  9.135   -16.884 1.00 12.44 ? 5   G   C N7    1 
ATOM   548  C C5    . G   B 1 5  ? -4.454  10.112  -16.566 1.00 11.56 ? 5   G   C C5    1 
ATOM   549  C C6    . G   B 1 5  ? -4.440  11.113  -15.568 1.00 11.89 ? 5   G   C C6    1 
ATOM   550  O O6    . G   B 1 5  ? -5.316  11.369  -14.723 1.00 12.65 ? 5   G   C O6    1 
ATOM   551  N N1    . G   B 1 5  ? -3.254  11.855  -15.610 1.00 10.81 ? 5   G   C N1    1 
ATOM   552  C C2    . G   B 1 5  ? -2.230  11.672  -16.502 1.00 12.45 ? 5   G   C C2    1 
ATOM   553  N N2    . G   B 1 5  ? -1.153  12.475  -16.390 1.00 12.34 ? 5   G   C N2    1 
ATOM   554  N N3    . G   B 1 5  ? -2.241  10.751  -17.431 1.00 12.24 ? 5   G   C N3    1 
ATOM   555  C C4    . G   B 1 5  ? -3.366  10.012  -17.407 1.00 13.49 ? 5   G   C C4    1 
ATOM   556  P P     . U   B 1 6  ? -0.556  4.736   -17.325 1.00 16.78 ? 6   U   C P     1 
ATOM   557  O OP1   . U   B 1 6  ? 0.607   3.849   -17.629 1.00 19.79 ? 6   U   C OP1   1 
ATOM   558  O OP2   . U   B 1 6  ? -1.759  4.144   -16.735 1.00 16.66 ? 6   U   C OP2   1 
ATOM   559  O "O5'" . U   B 1 6  ? -0.095  5.958   -16.428 1.00 15.20 ? 6   U   C "O5'" 1 
ATOM   560  C "C5'" . U   B 1 6  ? 1.080   6.693   -16.725 1.00 14.38 ? 6   U   C "C5'" 1 
ATOM   561  C "C4'" . U   B 1 6  ? 1.249   7.804   -15.734 1.00 12.75 ? 6   U   C "C4'" 1 
ATOM   562  O "O4'" . U   B 1 6  ? 0.153   8.746   -15.863 1.00 12.70 ? 6   U   C "O4'" 1 
ATOM   563  C "C3'" . U   B 1 6  ? 1.201   7.385   -14.284 1.00 13.31 ? 6   U   C "C3'" 1 
ATOM   564  O "O3'" . U   B 1 6  ? 2.437   6.824   -13.863 1.00 12.97 ? 6   U   C "O3'" 1 
ATOM   565  C "C2'" . U   B 1 6  ? 0.829   8.701   -13.591 1.00 10.77 ? 6   U   C "C2'" 1 
ATOM   566  O "O2'" . U   B 1 6  ? 1.945   9.577   -13.543 1.00 12.17 ? 6   U   C "O2'" 1 
ATOM   567  C "C1'" . U   B 1 6  ? -0.165  9.287   -14.593 1.00 12.37 ? 6   U   C "C1'" 1 
ATOM   568  N N1    . U   B 1 6  ? -1.570  8.934   -14.250 1.00 10.64 ? 6   U   C N1    1 
ATOM   569  C C2    . U   B 1 6  ? -2.172  9.737   -13.304 1.00 11.08 ? 6   U   C C2    1 
ATOM   570  O O2    . U   B 1 6  ? -1.640  10.686  -12.760 1.00 12.28 ? 6   U   C O2    1 
ATOM   571  N N3    . U   B 1 6  ? -3.470  9.398   -12.976 1.00 12.55 ? 6   U   C N3    1 
ATOM   572  C C4    . U   B 1 6  ? -4.204  8.342   -13.486 1.00 13.38 ? 6   U   C C4    1 
ATOM   573  O O4    . U   B 1 6  ? -5.356  8.155   -13.078 1.00 14.92 ? 6   U   C O4    1 
ATOM   574  C C5    . U   B 1 6  ? -3.513  7.537   -14.450 1.00 12.99 ? 6   U   C C5    1 
ATOM   575  C C6    . U   B 1 6  ? -2.253  7.851   -14.787 1.00 12.32 ? 6   U   C C6    1 
ATOM   576  P P     . C   B 1 7  ? 2.509   5.587   -12.837 1.00 13.06 ? 7   C   C P     1 
ATOM   577  O OP1   . C   B 1 7  ? 3.734   4.809   -13.193 1.00 15.81 ? 7   C   C OP1   1 
ATOM   578  O OP2   . C   B 1 7  ? 1.195   4.891   -12.842 1.00 13.82 ? 7   C   C OP2   1 
ATOM   579  O "O5'" . C   B 1 7  ? 2.723   6.300   -11.452 1.00 11.76 ? 7   C   C "O5'" 1 
ATOM   580  C "C5'" . C   B 1 7  ? 3.821   7.185   -11.276 1.00 11.13 ? 7   C   C "C5'" 1 
ATOM   581  C "C4'" . C   B 1 7  ? 3.496   8.262   -10.294 1.00 11.98 ? 7   C   C "C4'" 1 
ATOM   582  O "O4'" . C   B 1 7  ? 2.353   9.019   -10.763 1.00 11.82 ? 7   C   C "O4'" 1 
ATOM   583  C "C3'" . C   B 1 7  ? 3.062   7.787   -8.935  1.00 11.83 ? 7   C   C "C3'" 1 
ATOM   584  O "O3'" . C   B 1 7  ? 4.162   7.393   -8.138  1.00 12.27 ? 7   C   C "O3'" 1 
ATOM   585  C "C2'" . C   B 1 7  ? 2.308   8.994   -8.400  1.00 11.22 ? 7   C   C "C2'" 1 
ATOM   586  O "O2'" . C   B 1 7  ? 3.212   10.035  -8.062  1.00 13.84 ? 7   C   C "O2'" 1 
ATOM   587  C "C1'" . C   B 1 7  ? 1.570   9.431   -9.656  1.00 11.39 ? 7   C   C "C1'" 1 
ATOM   588  N N1    . C   B 1 7  ? 0.198   8.835   -9.777  1.00 11.98 ? 7   C   C N1    1 
ATOM   589  C C2    . C   B 1 7  ? -0.860  9.544   -9.210  1.00 13.16 ? 7   C   C C2    1 
ATOM   590  O O2    . C   B 1 7  ? -0.588  10.571  -8.570  1.00 14.38 ? 7   C   C O2    1 
ATOM   591  N N3    . C   B 1 7  ? -2.119  9.057   -9.357  1.00 11.92 ? 7   C   C N3    1 
ATOM   592  C C4    . C   B 1 7  ? -2.339  7.938   -10.044 1.00 13.14 ? 7   C   C C4    1 
ATOM   593  N N4    . C   B 1 7  ? -3.582  7.478   -10.199 1.00 15.22 ? 7   C   C N4    1 
ATOM   594  C C5    . C   B 1 7  ? -1.282  7.199   -10.641 1.00 12.08 ? 7   C   C C5    1 
ATOM   595  C C6    . C   B 1 7  ? -0.040  7.693   -10.480 1.00 11.12 ? 7   C   C C6    1 
ATOM   596  P P     . G   B 1 8  ? 3.933   6.442   -6.871  1.00 12.63 ? 8   G   C P     1 
ATOM   597  O OP1   . G   B 1 8  ? 5.265   6.288   -6.196  1.00 13.65 ? 8   G   C OP1   1 
ATOM   598  O OP2   . G   B 1 8  ? 3.235   5.226   -7.339  1.00 12.87 ? 8   G   C OP2   1 
ATOM   599  O "O5'" . G   B 1 8  ? 2.970   7.339   -6.005  1.00 11.74 ? 8   G   C "O5'" 1 
ATOM   600  C "C5'" . G   B 1 8  ? 2.048   6.778   -5.101  1.00 12.85 ? 8   G   C "C5'" 1 
ATOM   601  C "C4'" . G   B 1 8  ? 1.189   7.857   -4.531  1.00 13.40 ? 8   G   C "C4'" 1 
ATOM   602  O "O4'" . G   B 1 8  ? 0.370   8.450   -5.573  1.00 14.75 ? 8   G   C "O4'" 1 
ATOM   603  C "C3'" . G   B 1 8  ? 0.198   7.427   -3.480  1.00 15.94 ? 8   G   C "C3'" 1 
ATOM   604  O "O3'" . G   B 1 8  ? 0.813   7.286   -2.226  1.00 15.35 ? 8   G   C "O3'" 1 
ATOM   605  C "C2'" . G   B 1 8  ? -0.819  8.556   -3.532  1.00 13.98 ? 8   G   C "C2'" 1 
ATOM   606  O "O2'" . G   B 1 8  ? -0.291  9.709   -2.904  1.00 15.79 ? 8   G   C "O2'" 1 
ATOM   607  C "C1'" . G   B 1 8  ? -0.881  8.826   -5.038  1.00 14.91 ? 8   G   C "C1'" 1 
ATOM   608  N N9    . G   B 1 8  ? -1.933  8.039   -5.708  1.00 15.13 ? 8   G   C N9    1 
ATOM   609  C C8    . G   B 1 8  ? -1.738  7.056   -6.647  1.00 14.25 ? 8   G   C C8    1 
ATOM   610  N N7    . G   B 1 8  ? -2.851  6.522   -7.075  1.00 16.16 ? 8   G   C N7    1 
ATOM   611  C C5    . G   B 1 8  ? -3.848  7.193   -6.370  1.00 14.43 ? 8   G   C C5    1 
ATOM   612  C C6    . G   B 1 8  ? -5.270  7.035   -6.397  1.00 17.91 ? 8   G   C C6    1 
ATOM   613  O O6    . G   B 1 8  ? -5.954  6.261   -7.081  1.00 19.99 ? 8   G   C O6    1 
ATOM   614  N N1    . G   B 1 8  ? -5.869  7.917   -5.510  1.00 19.06 ? 8   G   C N1    1 
ATOM   615  C C2    . G   B 1 8  ? -5.211  8.825   -4.721  1.00 17.19 ? 8   G   C C2    1 
ATOM   616  N N2    . G   B 1 8  ? -5.944  9.593   -3.913  1.00 20.85 ? 8   G   C N2    1 
ATOM   617  N N3    . G   B 1 8  ? -3.901  8.969   -4.675  1.00 17.46 ? 8   G   C N3    1 
ATOM   618  C C4    . G   B 1 8  ? -3.295  8.121   -5.522  1.00 17.06 ? 8   G   C C4    1 
ATOM   619  P P     . U   B 1 9  ? 0.237   6.246   -1.142  1.00 14.55 ? 9   U   C P     1 
ATOM   620  O OP1   . U   B 1 9  ? 1.201   6.232   -0.005  1.00 15.39 ? 9   U   C OP1   1 
ATOM   621  O OP2   . U   B 1 9  ? -0.046  5.000   -1.828  1.00 14.16 ? 9   U   C OP2   1 
ATOM   622  O "O5'" . U   B 1 9  ? -1.132  6.926   -0.706  1.00 16.26 ? 9   U   C "O5'" 1 
ATOM   623  C "C5'" . U   B 1 9  ? -1.171  8.183   -0.074  1.00 17.07 ? 9   U   C "C5'" 1 
ATOM   624  C "C4'" . U   B 1 9  ? -2.575  8.490   0.363   1.00 18.10 ? 9   U   C "C4'" 1 
ATOM   625  O "O4'" . U   B 1 9  ? -3.409  8.721   -0.799  1.00 18.28 ? 9   U   C "O4'" 1 
ATOM   626  C "C3'" . U   B 1 9  ? -3.287  7.369   1.105   1.00 17.53 ? 9   U   C "C3'" 1 
ATOM   627  O "O3'" . U   B 1 9  ? -2.937  7.341   2.471   1.00 17.11 ? 9   U   C "O3'" 1 
ATOM   628  C "C2'" . U   B 1 9  ? -4.747  7.705   0.877   1.00 17.04 ? 9   U   C "C2'" 1 
ATOM   629  O "O2'" . U   B 1 9  ? -5.130  8.770   1.737   1.00 19.78 ? 9   U   C "O2'" 1 
ATOM   630  C "C1'" . U   B 1 9  ? -4.712  8.237   -0.556  1.00 17.21 ? 9   U   C "C1'" 1 
ATOM   631  N N1    . U   B 1 9  ? -5.037  7.200   -1.576  1.00 17.62 ? 9   U   C N1    1 
ATOM   632  C C2    . U   B 1 9  ? -6.365  6.853   -1.793  1.00 19.81 ? 9   U   C C2    1 
ATOM   633  O O2    . U   B 1 9  ? -7.276  7.311   -1.126  1.00 24.60 ? 9   U   C O2    1 
ATOM   634  N N3    . U   B 1 9  ? -6.605  5.913   -2.770  1.00 20.04 ? 9   U   C N3    1 
ATOM   635  C C4    . U   B 1 9  ? -5.668  5.325   -3.589  1.00 17.33 ? 9   U   C C4    1 
ATOM   636  O O4    . U   B 1 9  ? -6.015  4.493   -4.434  1.00 21.09 ? 9   U   C O4    1 
ATOM   637  C C5    . U   B 1 9  ? -4.322  5.738   -3.315  1.00 16.40 ? 9   U   C C5    1 
ATOM   638  C C6    . U   B 1 9  ? -4.065  6.636   -2.371  1.00 17.19 ? 9   U   C C6    1 
ATOM   639  P P     . U   B 1 10 ? -2.827  5.953   3.287   1.00 14.49 ? 10  U   C P     1 
ATOM   640  O OP1   . U   B 1 10 ? -2.250  6.284   4.605   1.00 14.77 ? 10  U   C OP1   1 
ATOM   641  O OP2   . U   B 1 10 ? -2.135  4.975   2.435   1.00 15.18 ? 10  U   C OP2   1 
ATOM   642  O "O5'" . U   B 1 10 ? -4.342  5.507   3.444   1.00 15.39 ? 10  U   C "O5'" 1 
ATOM   643  C "C5'" . U   B 1 10 ? -5.233  6.234   4.267   1.00 16.48 ? 10  U   C "C5'" 1 
ATOM   644  C "C4'" . U   B 1 10 ? -6.638  5.725   4.111   1.00 16.26 ? 10  U   C "C4'" 1 
ATOM   645  O "O4'" . U   B 1 10 ? -7.128  6.012   2.770   1.00 18.57 ? 10  U   C "O4'" 1 
ATOM   646  C "C3'" . U   B 1 10 ? -6.815  4.225   4.234   1.00 17.26 ? 10  U   C "C3'" 1 
ATOM   647  O "O3'" . U   B 1 10 ? -6.831  3.784   5.571   1.00 16.52 ? 10  U   C "O3'" 1 
ATOM   648  C "C2'" . U   B 1 10 ? -8.125  3.991   3.502   1.00 18.98 ? 10  U   C "C2'" 1 
ATOM   649  O "O2'" . U   B 1 10 ? -9.225  4.427   4.297   1.00 20.85 ? 10  U   C "O2'" 1 
ATOM   650  C "C1'" . U   B 1 10 ? -7.970  4.962   2.336   1.00 17.48 ? 10  U   C "C1'" 1 
ATOM   651  N N1    . U   B 1 10 ? -7.356  4.313   1.153   1.00 20.01 ? 10  U   C N1    1 
ATOM   652  C C2    . U   B 1 10 ? -8.190  3.585   0.331   1.00 23.52 ? 10  U   C C2    1 
ATOM   653  O O2    . U   B 1 10 ? -9.382  3.454   0.563   1.00 25.09 ? 10  U   C O2    1 
ATOM   654  N N3    . U   B 1 10 ? -7.596  2.999   -0.762  1.00 22.11 ? 10  U   C N3    1 
ATOM   655  C C4    . U   B 1 10 ? -6.259  3.080   -1.124  1.00 21.67 ? 10  U   C C4    1 
ATOM   656  O O4    . U   B 1 10 ? -5.871  2.505   -2.145  1.00 20.65 ? 10  U   C O4    1 
ATOM   657  C C5    . U   B 1 10 ? -5.462  3.856   -0.220  1.00 18.44 ? 10  U   C C5    1 
ATOM   658  C C6    . U   B 1 10 ? -6.020  4.432   0.854   1.00 17.27 ? 10  U   C C6    1 
ATOM   659  P P     . C   B 1 11 ? -6.292  2.321   5.931   1.00 16.43 ? 11  C   C P     1 
ATOM   660  O OP1   . C   B 1 11 ? -6.146  2.269   7.407   1.00 20.59 ? 11  C   C OP1   1 
ATOM   661  O OP2   . C   B 1 11 ? -5.112  2.055   5.077   1.00 15.87 ? 11  C   C OP2   1 
ATOM   662  O "O5'" . C   B 1 11 ? -7.463  1.382   5.473   1.00 17.98 ? 11  C   C "O5'" 1 
ATOM   663  C "C5'" . C   B 1 11 ? -8.738  1.424   6.083   1.00 19.64 ? 11  C   C "C5'" 1 
ATOM   664  C "C4'" . C   B 1 11 ? -9.662  0.493   5.368   1.00 21.44 ? 11  C   C "C4'" 1 
ATOM   665  O "O4'" . C   B 1 11 ? -9.853  0.963   4.009   1.00 22.64 ? 11  C   C "O4'" 1 
ATOM   666  C "C3'" . C   B 1 11 ? -9.131  -0.916  5.179   1.00 24.08 ? 11  C   C "C3'" 1 
ATOM   667  O "O3'" . C   B 1 11 ? -9.272  -1.713  6.337   1.00 23.91 ? 11  C   C "O3'" 1 
ATOM   668  C "C2'" . C   B 1 11 ? -9.931  -1.404  3.985   1.00 24.79 ? 11  C   C "C2'" 1 
ATOM   669  O "O2'" . C   B 1 11 ? -11.266 -1.696  4.373   1.00 28.41 ? 11  C   C "O2'" 1 
ATOM   670  C "C1'" . C   B 1 11 ? -9.950  -0.137  3.131   1.00 22.00 ? 11  C   C "C1'" 1 
ATOM   671  N N1    . C   B 1 11 ? -8.805  -0.091  2.180   1.00 23.57 ? 11  C   C N1    1 
ATOM   672  C C2    . C   B 1 11 ? -8.998  -0.725  0.959   1.00 30.27 ? 11  C   C C2    1 
ATOM   673  O O2    . C   B 1 11 ? -10.098 -1.262  0.767   1.00 32.19 ? 11  C   C O2    1 
ATOM   674  N N3    . C   B 1 11 ? -8.000  -0.744  0.042   1.00 26.71 ? 11  C   C N3    1 
ATOM   675  C C4    . C   B 1 11 ? -6.838  -0.141  0.306   1.00 26.37 ? 11  C   C C4    1 
ATOM   676  N N4    . C   B 1 11 ? -5.889  -0.177  -0.638  1.00 25.40 ? 11  C   C N4    1 
ATOM   677  C C5    . C   B 1 11 ? -6.605  0.515   1.550   1.00 22.38 ? 11  C   C C5    1 
ATOM   678  C C6    . C   B 1 11 ? -7.603  0.518   2.447   1.00 20.44 ? 11  C   C C6    1 
ATOM   679  P P     . C   B 1 12 ? -8.269  -2.943  6.618   1.00 23.24 ? 12  C   C P     1 
ATOM   680  O OP1   . C   B 1 12 ? -8.604  -3.478  7.967   1.00 25.18 ? 12  C   C OP1   1 
ATOM   681  O OP2   . C   B 1 12 ? -6.878  -2.467  6.364   1.00 22.40 ? 12  C   C OP2   1 
ATOM   682  O "O5'" . C   B 1 12 ? -8.689  -3.993  5.505   1.00 25.39 ? 12  C   C "O5'" 1 
ATOM   683  C "C5'" . C   B 1 12 ? -10.047 -4.366  5.332   1.00 29.27 ? 12  C   C "C5'" 1 
ATOM   684  C "C4'" . C   B 1 12 ? -10.180 -5.444  4.297   1.00 30.15 ? 12  C   C "C4'" 1 
ATOM   685  O "O4'" . C   B 1 12 ? -10.048 -4.874  2.973   1.00 28.93 ? 12  C   C "O4'" 1 
ATOM   686  C "C3'" . C   B 1 12 ? -9.114  -6.515  4.343   1.00 32.82 ? 12  C   C "C3'" 1 
ATOM   687  O "O3'" . C   B 1 12 ? -9.372  -7.493  5.328   1.00 31.18 ? 12  C   C "O3'" 1 
ATOM   688  C "C2'" . C   B 1 12 ? -9.114  -7.056  2.921   1.00 35.35 ? 12  C   C "C2'" 1 
ATOM   689  O "O2'" . C   B 1 12 ? -10.205 -7.951  2.725   1.00 34.94 ? 12  C   C "O2'" 1 
ATOM   690  C "C1'" . C   B 1 12 ? -9.384  -5.783  2.120   1.00 32.19 ? 12  C   C "C1'" 1 
ATOM   691  N N1    . C   B 1 12 ? -8.138  -5.141  1.631   1.00 32.36 ? 12  C   C N1    1 
ATOM   692  C C2    . C   B 1 12 ? -7.626  -5.514  0.385   1.00 38.54 ? 12  C   C C2    1 
ATOM   693  O O2    . C   B 1 12 ? -8.207  -6.399  -0.268  1.00 37.27 ? 12  C   C O2    1 
ATOM   694  N N3    . C   B 1 12 ? -6.499  -4.914  -0.071  1.00 30.33 ? 12  C   C N3    1 
ATOM   695  C C4    . C   B 1 12 ? -5.896  -3.970  0.655   1.00 33.36 ? 12  C   C C4    1 
ATOM   696  N N4    . C   B 1 12 ? -4.792  -3.407  0.162   1.00 32.86 ? 12  C   C N4    1 
ATOM   697  C C5    . C   B 1 12 ? -6.401  -3.562  1.925   1.00 28.05 ? 12  C   C C5    1 
ATOM   698  C C6    . C   B 1 12 ? -7.517  -4.164  2.368   1.00 29.68 ? 12  C   C C6    1 
ATOM   699  P P     . G   B 1 13 ? -8.196  -8.469  5.809   1.00 33.10 ? 13  G   C P     1 
ATOM   700  O OP1   . G   B 1 13 ? -8.785  -9.440  6.764   1.00 37.56 ? 13  G   C OP1   1 
ATOM   701  O OP2   . G   B 1 13 ? -7.069  -7.613  6.258   1.00 37.06 ? 13  G   C OP2   1 
ATOM   702  O "O5'" . G   B 1 13 ? -7.817  -9.199  4.461   1.00 39.64 ? 13  G   C "O5'" 1 
ATOM   703  C "C5'" . G   B 1 13 ? -6.601  -9.892  4.326   1.00 40.57 ? 13  G   C "C5'" 1 
ATOM   704  C "C4'" . G   B 1 13 ? -6.528  -10.559 2.988   1.00 39.50 ? 13  G   C "C4'" 1 
ATOM   705  O "O4'" . G   B 1 13 ? -6.767  -9.580  1.944   1.00 40.83 ? 13  G   C "O4'" 1 
ATOM   706  C "C3'" . G   B 1 13 ? -5.192  -11.172 2.635   1.00 43.22 ? 13  G   C "C3'" 1 
ATOM   707  O "O3'" . G   B 1 13 ? -5.020  -12.459 3.207   1.00 39.93 ? 13  G   C "O3'" 1 
ATOM   708  C "C2'" . G   B 1 13 ? -5.220  -11.163 1.113   1.00 41.84 ? 13  G   C "C2'" 1 
ATOM   709  O "O2'" . G   B 1 13 ? -6.033  -12.219 0.624   1.00 44.39 ? 13  G   C "O2'" 1 
ATOM   710  C "C1'" . G   B 1 13 ? -5.938  -9.842  0.838   1.00 41.27 ? 13  G   C "C1'" 1 
ATOM   711  N N9    . G   B 1 13 ? -4.996  -8.717  0.694   1.00 37.42 ? 13  G   C N9    1 
ATOM   712  C C8    . G   B 1 13 ? -4.808  -7.702  1.600   1.00 36.72 ? 13  G   C C8    1 
ATOM   713  N N7    . G   B 1 13 ? -3.913  -6.836  1.221   1.00 35.04 ? 13  G   C N7    1 
ATOM   714  C C5    . G   B 1 13 ? -3.487  -7.310  -0.015  1.00 37.65 ? 13  G   C C5    1 
ATOM   715  C C6    . G   B 1 13 ? -2.527  -6.790  -0.919  1.00 35.33 ? 13  G   C C6    1 
ATOM   716  O O6    . G   B 1 13 ? -1.829  -5.776  -0.801  1.00 35.12 ? 13  G   C O6    1 
ATOM   717  N N1    . G   B 1 13 ? -2.412  -7.591  -2.052  1.00 35.47 ? 13  G   C N1    1 
ATOM   718  C C2    . G   B 1 13 ? -3.127  -8.738  -2.295  1.00 39.45 ? 13  G   C C2    1 
ATOM   719  N N2    . G   B 1 13 ? -2.879  -9.375  -3.448  1.00 37.60 ? 13  G   C N2    1 
ATOM   720  N N3    . G   B 1 13 ? -4.027  -9.229  -1.463  1.00 37.04 ? 13  G   C N3    1 
ATOM   721  C C4    . G   B 1 13 ? -4.153  -8.469  -0.356  1.00 39.11 ? 13  G   C C4    1 
ATOM   722  P P     . G   B 1 14 ? -3.580  -12.906 3.757   1.00 46.97 ? 14  G   C P     1 
ATOM   723  O OP1   . G   B 1 14 ? -3.795  -14.010 4.728   1.00 44.93 ? 14  G   C OP1   1 
ATOM   724  O OP2   . G   B 1 14 ? -2.888  -11.676 4.214   1.00 44.74 ? 14  G   C OP2   1 
ATOM   725  O "O5'" . G   B 1 14 ? -2.884  -13.465 2.448   1.00 44.72 ? 14  G   C "O5'" 1 
ATOM   726  C "C5'" . G   B 1 14 ? -3.670  -13.922 1.360   1.00 46.13 ? 14  G   C "C5'" 1 
ATOM   727  C "C4'" . G   B 1 14 ? -2.867  -13.981 0.096   1.00 45.04 ? 14  G   C "C4'" 1 
ATOM   728  O "O4'" . G   B 1 14 ? -3.057  -12.761 -0.671  1.00 45.52 ? 14  G   C "O4'" 1 
ATOM   729  C "C3'" . G   B 1 14 ? -1.367  -14.054 0.282   1.00 43.43 ? 14  G   C "C3'" 1 
ATOM   730  O "O3'" . G   B 1 14 ? -0.910  -15.345 0.630   1.00 44.92 ? 14  G   C "O3'" 1 
ATOM   731  C "C2'" . G   B 1 14 ? -0.857  -13.545 -1.053  1.00 44.00 ? 14  G   C "C2'" 1 
ATOM   732  O "O2'" . G   B 1 14 ? -1.033  -14.527 -2.063  1.00 45.49 ? 14  G   C "O2'" 1 
ATOM   733  C "C1'" . G   B 1 14 ? -1.846  -12.410 -1.309  1.00 42.47 ? 14  G   C "C1'" 1 
ATOM   734  N N9    . G   B 1 14 ? -1.373  -11.138 -0.738  1.00 40.77 ? 14  G   C N9    1 
ATOM   735  C C8    . G   B 1 14 ? -1.814  -10.511 0.404   1.00 40.79 ? 14  G   C C8    1 
ATOM   736  N N7    . G   B 1 14 ? -1.185  -9.392  0.646   1.00 38.67 ? 14  G   C N7    1 
ATOM   737  C C5    . G   B 1 14 ? -0.272  -9.280  -0.397  1.00 37.93 ? 14  G   C C5    1 
ATOM   738  C C6    . G   B 1 14 ? 0.690   -8.279  -0.688  1.00 34.99 ? 14  G   C C6    1 
ATOM   739  O O6    . G   B 1 14 ? 0.952   -7.245  -0.060  1.00 31.68 ? 14  G   C O6    1 
ATOM   740  N N1    . G   B 1 14 ? 1.395   -8.580  -1.849  1.00 34.52 ? 14  G   C N1    1 
ATOM   741  C C2    . G   B 1 14 ? 1.205   -9.692  -2.635  1.00 37.14 ? 14  G   C C2    1 
ATOM   742  N N2    . G   B 1 14 ? 1.983   -9.808  -3.720  1.00 36.98 ? 14  G   C N2    1 
ATOM   743  N N3    . G   B 1 14 ? 0.313   -10.627 -2.373  1.00 38.41 ? 14  G   C N3    1 
ATOM   744  C C4    . G   B 1 14 ? -0.379  -10.353 -1.253  1.00 39.68 ? 14  G   C C4    1 
ATOM   745  P P     . A   B 1 15 ? 0.409   -15.507 1.528   1.00 44.13 ? 15  A   C P     1 
ATOM   746  O OP1   . A   B 1 15 ? 0.537   -16.946 1.870   1.00 44.13 ? 15  A   C OP1   1 
ATOM   747  O OP2   . A   B 1 15 ? 0.315   -14.518 2.632   1.00 41.56 ? 15  A   C OP2   1 
ATOM   748  O "O5'" . A   B 1 15 ? 1.564   -15.085 0.521   1.00 44.15 ? 15  A   C "O5'" 1 
ATOM   749  C "C5'" . A   B 1 15 ? 1.623   -15.639 -0.784  1.00 44.65 ? 15  A   C "C5'" 1 
ATOM   750  C "C4'" . A   B 1 15 ? 2.560   -14.867 -1.671  1.00 42.74 ? 15  A   C "C4'" 1 
ATOM   751  O "O4'" . A   B 1 15 ? 2.018   -13.547 -1.928  1.00 42.48 ? 15  A   C "O4'" 1 
ATOM   752  C "C3'" . A   B 1 15 ? 3.937   -14.592 -1.095  1.00 42.53 ? 15  A   C "C3'" 1 
ATOM   753  O "O3'" . A   B 1 15 ? 4.814   -15.694 -1.224  1.00 44.20 ? 15  A   C "O3'" 1 
ATOM   754  C "C2'" . A   B 1 15 ? 4.383   -13.364 -1.873  1.00 40.23 ? 15  A   C "C2'" 1 
ATOM   755  O "O2'" . A   B 1 15 ? 4.826   -13.731 -3.173  1.00 39.35 ? 15  A   C "O2'" 1 
ATOM   756  C "C1'" . A   B 1 15 ? 3.066   -12.605 -2.009  1.00 39.96 ? 15  A   C "C1'" 1 
ATOM   757  N N9    . A   B 1 15 ? 2.888   -11.614 -0.933  1.00 38.94 ? 15  A   C N9    1 
ATOM   758  C C8    . A   B 1 15 ? 1.979   -11.608 0.098   1.00 39.50 ? 15  A   C C8    1 
ATOM   759  N N7    . A   B 1 15 ? 2.096   -10.564 0.888   1.00 36.50 ? 15  A   C N7    1 
ATOM   760  C C5    . A   B 1 15 ? 3.150   -9.841  0.340   1.00 35.14 ? 15  A   C C5    1 
ATOM   761  C C6    . A   B 1 15 ? 3.779   -8.630  0.696   1.00 32.40 ? 15  A   C C6    1 
ATOM   762  N N6    . A   B 1 15 ? 3.429   -7.874  1.743   1.00 27.55 ? 15  A   C N6    1 
ATOM   763  N N1    . A   B 1 15 ? 4.802   -8.204  -0.075  1.00 31.54 ? 15  A   C N1    1 
ATOM   764  C C2    . A   B 1 15 ? 5.165   -8.940  -1.135  1.00 31.63 ? 15  A   C C2    1 
ATOM   765  N N3    . A   B 1 15 ? 4.658   -10.085 -1.572  1.00 35.47 ? 15  A   C N3    1 
ATOM   766  C C4    . A   B 1 15 ? 3.642   -10.482 -0.783  1.00 36.89 ? 15  A   C C4    1 
ATOM   767  P P     . A   B 1 16 ? 5.879   -16.011 -0.065  1.00 41.29 ? 16  A   C P     1 
ATOM   768  O OP1   . A   B 1 16 ? 6.410   -17.375 -0.317  1.00 46.17 ? 16  A   C OP1   1 
ATOM   769  O OP2   . A   B 1 16 ? 5.212   -15.733 1.230   1.00 46.39 ? 16  A   C OP2   1 
ATOM   770  O "O5'" . A   B 1 16 ? 7.015   -14.931 -0.328  1.00 42.49 ? 16  A   C "O5'" 1 
ATOM   771  C "C5'" . A   B 1 16 ? 7.399   -14.590 -1.650  1.00 41.01 ? 16  A   C "C5'" 1 
ATOM   772  C "C4'" . A   B 1 16 ? 8.487   -13.551 -1.656  1.00 41.47 ? 16  A   C "C4'" 1 
ATOM   773  O "O4'" . A   B 1 16 ? 7.909   -12.219 -1.655  1.00 39.62 ? 16  A   C "O4'" 1 
ATOM   774  C "C3'" . A   B 1 16 ? 9.397   -13.548 -0.447  1.00 43.83 ? 16  A   C "C3'" 1 
ATOM   775  O "O3'" . A   B 1 16 ? 10.379  -14.561 -0.499  1.00 45.59 ? 16  A   C "O3'" 1 
ATOM   776  C "C2'" . A   B 1 16 ? 9.963   -12.139 -0.475  1.00 46.28 ? 16  A   C "C2'" 1 
ATOM   777  O "O2'" . A   B 1 16 ? 10.960  -12.022 -1.480  1.00 43.97 ? 16  A   C "O2'" 1 
ATOM   778  C "C1'" . A   B 1 16 ? 8.736   -11.343 -0.916  1.00 40.06 ? 16  A   C "C1'" 1 
ATOM   779  N N9    . A   B 1 16 ? 7.965   -10.838 0.235   1.00 37.56 ? 16  A   C N9    1 
ATOM   780  C C8    . A   B 1 16 ? 6.982   -11.511 0.913   1.00 36.90 ? 16  A   C C8    1 
ATOM   781  N N7    . A   B 1 16 ? 6.457   -10.827 1.899   1.00 38.76 ? 16  A   C N7    1 
ATOM   782  C C5    . A   B 1 16 ? 7.142   -9.618  1.869   1.00 35.52 ? 16  A   C C5    1 
ATOM   783  C C6    . A   B 1 16 ? 7.046   -8.454  2.658   1.00 32.76 ? 16  A   C C6    1 
ATOM   784  N N6    . A   B 1 16 ? 6.191   -8.321  3.678   1.00 32.22 ? 16  A   C N6    1 
ATOM   785  N N1    . A   B 1 16 ? 7.874   -7.422  2.369   1.00 32.23 ? 16  A   C N1    1 
ATOM   786  C C2    . A   B 1 16 ? 8.730   -7.563  1.345   1.00 32.95 ? 16  A   C C2    1 
ATOM   787  N N3    . A   B 1 16 ? 8.906   -8.604  0.529   1.00 34.21 ? 16  A   C N3    1 
ATOM   788  C C4    . A   B 1 16 ? 8.074   -9.610  0.845   1.00 35.84 ? 16  A   C C4    1 
ATOM   789  P P     . A   B 1 17 ? 10.930  -15.213 0.858   1.00 45.26 ? 17  A   C P     1 
ATOM   790  O OP1   . A   B 1 17 ? 11.916  -16.252 0.472   1.00 44.69 ? 17  A   C OP1   1 
ATOM   791  O OP2   . A   B 1 17 ? 9.750   -15.615 1.663   1.00 43.12 ? 17  A   C OP2   1 
ATOM   792  O "O5'" . A   B 1 17 ? 11.675  -13.986 1.545   1.00 47.30 ? 17  A   C "O5'" 1 
ATOM   793  C "C5'" . A   B 1 17 ? 12.627  -13.236 0.807   1.00 48.14 ? 17  A   C "C5'" 1 
ATOM   794  C "C4'" . A   B 1 17 ? 13.058  -11.982 1.525   1.00 49.08 ? 17  A   C "C4'" 1 
ATOM   795  O "O4'" . A   B 1 17 ? 12.002  -10.988 1.512   1.00 46.55 ? 17  A   C "O4'" 1 
ATOM   796  C "C3'" . A   B 1 17 ? 13.385  -12.110 2.994   1.00 51.80 ? 17  A   C "C3'" 1 
ATOM   797  O "O3'" . A   B 1 17 ? 14.620  -12.769 3.235   1.00 56.79 ? 17  A   C "O3'" 1 
ATOM   798  C "C2'" . A   B 1 17 ? 13.358  -10.650 3.441   1.00 48.41 ? 17  A   C "C2'" 1 
ATOM   799  O "O2'" . A   B 1 17 ? 14.548  -9.981  3.048   1.00 55.05 ? 17  A   C "O2'" 1 
ATOM   800  C "C1'" . A   B 1 17 ? 12.198  -10.099 2.599   1.00 47.22 ? 17  A   C "C1'" 1 
ATOM   801  N N9    . A   B 1 17 ? 10.948  -9.991  3.378   1.00 41.04 ? 17  A   C N9    1 
ATOM   802  C C8    . A   B 1 17 ? 10.017  -10.966 3.639   1.00 40.58 ? 17  A   C C8    1 
ATOM   803  N N7    . A   B 1 17 ? 9.016   -10.554 4.376   1.00 38.60 ? 17  A   C N7    1 
ATOM   804  C C5    . A   B 1 17 ? 9.308   -9.218  4.626   1.00 38.42 ? 17  A   C C5    1 
ATOM   805  C C6    . A   B 1 17 ? 8.631   -8.221  5.357   1.00 32.27 ? 17  A   C C6    1 
ATOM   806  N N6    . A   B 1 17 ? 7.478   -8.443  5.990   1.00 30.72 ? 17  A   C N6    1 
ATOM   807  N N1    . A   B 1 17 ? 9.180   -6.986  5.420   1.00 28.82 ? 17  A   C N1    1 
ATOM   808  C C2    . A   B 1 17 ? 10.339  -6.780  4.779   1.00 32.42 ? 17  A   C C2    1 
ATOM   809  N N3    . A   B 1 17 ? 11.070  -7.639  4.061   1.00 34.94 ? 17  A   C N3    1 
ATOM   810  C C4    . A   B 1 17 ? 10.496  -8.856  4.022   1.00 39.76 ? 17  A   C C4    1 
ATOM   811  P P     . A   B 1 18 ? 15.001  -13.252 4.720   1.00 60.45 ? 18  A   C P     1 
ATOM   812  O OP1   . A   B 1 18 ? 16.354  -13.855 4.655   1.00 59.84 ? 18  A   C OP1   1 
ATOM   813  O OP2   . A   B 1 18 ? 13.874  -14.086 5.216   1.00 56.38 ? 18  A   C OP2   1 
ATOM   814  O "O5'" . A   B 1 18 ? 15.057  -11.876 5.523   1.00 58.41 ? 18  A   C "O5'" 1 
ATOM   815  C "C5'" . A   B 1 18 ? 14.085  -11.564 6.507   1.00 57.89 ? 18  A   C "C5'" 1 
ATOM   816  C "C4'" . A   B 1 18 ? 14.605  -11.845 7.887   1.00 56.19 ? 18  A   C "C4'" 1 
ATOM   817  O "O4'" . A   B 1 18 ? 15.624  -12.893 7.820   1.00 60.08 ? 18  A   C "O4'" 1 
ATOM   818  C "C3'" . A   B 1 18 ? 15.341  -10.707 8.574   1.00 56.00 ? 18  A   C "C3'" 1 
ATOM   819  O "O3'" . A   B 1 18 ? 14.509  -9.705  9.133   1.00 54.14 ? 18  A   C "O3'" 1 
ATOM   820  C "C2'" . A   B 1 18 ? 16.158  -11.471 9.597   1.00 57.60 ? 18  A   C "C2'" 1 
ATOM   821  O "O2'" . A   B 1 18 ? 15.302  -12.071 10.565  1.00 56.63 ? 18  A   C "O2'" 1 
ATOM   822  C "C1'" . A   B 1 18 ? 16.689  -12.570 8.697   1.00 60.22 ? 18  A   C "C1'" 1 
ATOM   823  N N9    . A   B 1 18 ? 17.813  -12.078 7.874   1.00 61.68 ? 18  A   C N9    1 
ATOM   824  C C8    . A   B 1 18 ? 18.268  -12.634 6.709   1.00 64.52 ? 18  A   C C8    1 
ATOM   825  N N7    . A   B 1 18 ? 19.255  -11.989 6.143   1.00 64.47 ? 18  A   C N7    1 
ATOM   826  C C5    . A   B 1 18 ? 19.465  -10.909 6.989   1.00 62.56 ? 18  A   C C5    1 
ATOM   827  C C6    . A   B 1 18 ? 20.378  -9.841  6.952   1.00 55.85 ? 18  A   C C6    1 
ATOM   828  N N6    . A   B 1 18 ? 21.282  -9.686  5.988   1.00 54.92 ? 18  A   C N6    1 
ATOM   829  N N1    . A   B 1 18 ? 20.337  -8.923  7.941   1.00 51.56 ? 18  A   C N1    1 
ATOM   830  C C2    . A   B 1 18 ? 19.430  -9.081  8.907   1.00 53.89 ? 18  A   C C2    1 
ATOM   831  N N3    . A   B 1 18 ? 18.525  -10.043 9.054   1.00 56.34 ? 18  A   C N3    1 
ATOM   832  C C4    . A   B 1 18 ? 18.583  -10.940 8.053   1.00 60.10 ? 18  A   C C4    1 
ATOM   833  P P     . G   B 1 19 ? 15.184  -8.522  9.986   1.00 44.81 ? 19  G   C P     1 
ATOM   834  O OP1   . G   B 1 19 ? 16.646  -8.578  9.720   1.00 52.08 ? 19  G   C OP1   1 
ATOM   835  O OP2   . G   B 1 19 ? 14.714  -8.664  11.384  1.00 47.27 ? 19  G   C OP2   1 
ATOM   836  O "O5'" . G   B 1 19 ? 14.587  -7.205  9.335   1.00 34.04 ? 19  G   C "O5'" 1 
ATOM   837  C "C5'" . G   B 1 19 ? 15.454  -6.190  8.852   1.00 31.90 ? 19  G   C "C5'" 1 
ATOM   838  C "C4'" . G   B 1 19 ? 14.836  -4.821  8.953   1.00 26.21 ? 19  G   C "C4'" 1 
ATOM   839  O "O4'" . G   B 1 19 ? 13.699  -4.725  8.055   1.00 23.24 ? 19  G   C "O4'" 1 
ATOM   840  C "C3'" . G   B 1 19 ? 14.259  -4.427  10.307  1.00 24.59 ? 19  G   C "C3'" 1 
ATOM   841  O "O3'" . G   B 1 19 ? 15.244  -4.028  11.244  1.00 27.72 ? 19  G   C "O3'" 1 
ATOM   842  C "C2'" . G   B 1 19 ? 13.305  -3.314  9.913   1.00 22.46 ? 19  G   C "C2'" 1 
ATOM   843  O "O2'" . G   B 1 19 ? 14.025  -2.136  9.573   1.00 26.04 ? 19  G   C "O2'" 1 
ATOM   844  C "C1'" . G   B 1 19 ? 12.704  -3.902  8.636   1.00 22.85 ? 19  G   C "C1'" 1 
ATOM   845  N N9    . G   B 1 19 ? 11.530  -4.738  8.941   1.00 19.87 ? 19  G   C N9    1 
ATOM   846  C C8    . G   B 1 19 ? 11.353  -6.083  8.762   1.00 17.99 ? 19  G   C C8    1 
ATOM   847  N N7    . G   B 1 19 ? 10.197  -6.527  9.172   1.00 20.42 ? 19  G   C N7    1 
ATOM   848  C C5    . G   B 1 19 ? 9.573   -5.387  9.663   1.00 15.64 ? 19  G   C C5    1 
ATOM   849  C C6    . G   B 1 19 ? 8.305   -5.256  10.248  1.00 13.87 ? 19  G   C C6    1 
ATOM   850  O O6    . G   B 1 19 ? 7.483   -6.134  10.439  1.00 15.04 ? 19  G   C O6    1 
ATOM   851  N N1    . G   B 1 19 ? 8.069   -3.937  10.610  1.00 14.00 ? 19  G   C N1    1 
ATOM   852  C C2    . G   B 1 19 ? 8.927   -2.885  10.441  1.00 14.91 ? 19  G   C C2    1 
ATOM   853  N N2    . G   B 1 19 ? 8.516   -1.680  10.861  1.00 16.92 ? 19  G   C N2    1 
ATOM   854  N N3    . G   B 1 19 ? 10.128  -3.002  9.899   1.00 16.90 ? 19  G   C N3    1 
ATOM   855  C C4    . G   B 1 19 ? 10.374  -4.276  9.539   1.00 16.15 ? 19  G   C C4    1 
ATOM   856  P P     . U   B 1 20 ? 14.971  -4.190  12.829  1.00 26.67 ? 20  U   C P     1 
ATOM   857  O OP1   . U   B 1 20 ? 16.245  -3.892  13.523  1.00 32.80 ? 20  U   C OP1   1 
ATOM   858  O OP2   . U   B 1 20 ? 14.336  -5.516  13.038  1.00 27.73 ? 20  U   C OP2   1 
ATOM   859  O "O5'" . U   B 1 20 ? 13.905  -3.043  13.129  1.00 21.66 ? 20  U   C "O5'" 1 
ATOM   860  C "C5'" . U   B 1 20 ? 14.202  -1.675  12.907  1.00 21.28 ? 20  U   C "C5'" 1 
ATOM   861  C "C4'" . U   B 1 20 ? 13.085  -0.792  13.402  1.00 21.34 ? 20  U   C "C4'" 1 
ATOM   862  O "O4'" . U   B 1 20 ? 11.860  -1.107  12.692  1.00 18.90 ? 20  U   C "O4'" 1 
ATOM   863  C "C3'" . U   B 1 20 ? 12.722  -0.956  14.871  1.00 19.42 ? 20  U   C "C3'" 1 
ATOM   864  O "O3'" . U   B 1 20 ? 13.547  -0.193  15.722  1.00 19.54 ? 20  U   C "O3'" 1 
ATOM   865  C "C2'" . U   B 1 20 ? 11.262  -0.533  14.917  1.00 17.84 ? 20  U   C "C2'" 1 
ATOM   866  O "O2'" . U   B 1 20 ? 11.153  0.885   14.938  1.00 22.34 ? 20  U   C "O2'" 1 
ATOM   867  C "C1'" . U   B 1 20 ? 10.759  -1.022  13.566  1.00 17.54 ? 20  U   C "C1'" 1 
ATOM   868  N N1    . U   B 1 20 ? 10.091  -2.349  13.630  1.00 15.15 ? 20  U   C N1    1 
ATOM   869  C C2    . U   B 1 20 ? 8.823   -2.409  14.175  1.00 13.41 ? 20  U   C C2    1 
ATOM   870  O O2    . U   B 1 20 ? 8.300   -1.420  14.657  1.00 14.95 ? 20  U   C O2    1 
ATOM   871  N N3    . U   B 1 20 ? 8.211   -3.650  14.159  1.00 12.96 ? 20  U   C N3    1 
ATOM   872  C C4    . U   B 1 20 ? 8.735   -4.823  13.642  1.00 12.98 ? 20  U   C C4    1 
ATOM   873  O O4    . U   B 1 20 ? 8.074   -5.865  13.667  1.00 14.29 ? 20  U   C O4    1 
ATOM   874  C C5    . U   B 1 20 ? 10.043  -4.670  13.081  1.00 14.52 ? 20  U   C C5    1 
ATOM   875  C C6    . U   B 1 20 ? 10.651  -3.478  13.089  1.00 14.82 ? 20  U   C C6    1 
ATOM   876  P P     . C   B 1 21 ? 14.126  -0.830  17.074  1.00 20.63 ? 21  C   C P     1 
ATOM   877  O OP1   . C   B 1 21 ? 15.162  0.105   17.582  1.00 23.41 ? 21  C   C OP1   1 
ATOM   878  O OP2   . C   B 1 21 ? 14.507  -2.218  16.776  1.00 21.19 ? 21  C   C OP2   1 
ATOM   879  O "O5'" . C   B 1 21 ? 12.869  -0.814  18.041  1.00 17.45 ? 21  C   C "O5'" 1 
ATOM   880  C "C5'" . C   B 1 21 ? 12.281  0.405   18.451  1.00 17.51 ? 21  C   C "C5'" 1 
ATOM   881  C "C4'" . C   B 1 21 ? 10.929  0.166   19.064  1.00 17.08 ? 21  C   C "C4'" 1 
ATOM   882  O "O4'" . C   B 1 21 ? 9.991   -0.270  18.038  1.00 14.79 ? 21  C   C "O4'" 1 
ATOM   883  C "C3'" . C   B 1 21 ? 10.860  -0.950  20.092  1.00 18.40 ? 21  C   C "C3'" 1 
ATOM   884  O "O3'" . C   B 1 21 ? 11.376  -0.581  21.355  1.00 19.12 ? 21  C   C "O3'" 1 
ATOM   885  C "C2'" . C   B 1 21 ? 9.379   -1.273  20.094  1.00 15.91 ? 21  C   C "C2'" 1 
ATOM   886  O "O2'" . C   B 1 21 ? 8.650   -0.235  20.728  1.00 16.28 ? 21  C   C "O2'" 1 
ATOM   887  C "C1'" . C   B 1 21 ? 9.093   -1.215  18.595  1.00 14.73 ? 21  C   C "C1'" 1 
ATOM   888  N N1    . C   B 1 21 ? 9.326   -2.528  17.959  1.00 14.40 ? 21  C   C N1    1 
ATOM   889  C C2    . C   B 1 21 ? 8.270   -3.442  17.976  1.00 13.69 ? 21  C   C C2    1 
ATOM   890  O O2    . C   B 1 21 ? 7.192   -3.079  18.478  1.00 14.78 ? 21  C   C O2    1 
ATOM   891  N N3    . C   B 1 21 ? 8.422   -4.676  17.437  1.00 13.66 ? 21  C   C N3    1 
ATOM   892  C C4    . C   B 1 21 ? 9.592   -5.015  16.897  1.00 14.21 ? 21  C   C C4    1 
ATOM   893  N N4    . C   B 1 21 ? 9.701   -6.239  16.378  1.00 13.86 ? 21  C   C N4    1 
ATOM   894  C C5    . C   B 1 21 ? 10.691  -4.112  16.890  1.00 14.91 ? 21  C   C C5    1 
ATOM   895  C C6    . C   B 1 21 ? 10.531  -2.893  17.430  1.00 15.42 ? 21  C   C C6    1 
ATOM   896  P P     . G   B 1 22 ? 12.139  -1.662  22.270  1.00 19.39 ? 22  G   C P     1 
ATOM   897  O OP1   . G   B 1 22 ? 12.686  -0.921  23.434  1.00 20.74 ? 22  G   C OP1   1 
ATOM   898  O OP2   . G   B 1 22 ? 13.064  -2.412  21.407  1.00 19.39 ? 22  G   C OP2   1 
ATOM   899  O "O5'" . G   B 1 22 ? 10.959  -2.604  22.738  1.00 17.30 ? 22  G   C "O5'" 1 
ATOM   900  C "C5'" . G   B 1 22 ? 9.961   -2.119  23.609  1.00 17.98 ? 22  G   C "C5'" 1 
ATOM   901  C "C4'" . G   B 1 22 ? 8.840   -3.103  23.775  1.00 18.78 ? 22  G   C "C4'" 1 
ATOM   902  O "O4'" . G   B 1 22 ? 8.252   -3.415  22.487  1.00 15.49 ? 22  G   C "O4'" 1 
ATOM   903  C "C3'" . G   B 1 22 ? 9.206   -4.475  24.315  1.00 18.38 ? 22  G   C "C3'" 1 
ATOM   904  O "O3'" . G   B 1 22 ? 9.471   -4.469  25.702  1.00 17.60 ? 22  G   C "O3'" 1 
ATOM   905  C "C2'" . G   B 1 22 ? 7.969   -5.266  23.936  1.00 15.42 ? 22  G   C "C2'" 1 
ATOM   906  O "O2'" . G   B 1 22 ? 6.869   -4.884  24.752  1.00 16.87 ? 22  G   C "O2'" 1 
ATOM   907  C "C1'" . G   B 1 22 ? 7.728   -4.727  22.523  1.00 14.17 ? 22  G   C "C1'" 1 
ATOM   908  N N9    . G   B 1 22 ? 8.419   -5.541  21.503  1.00 12.85 ? 22  G   C N9    1 
ATOM   909  C C8    . G   B 1 22 ? 9.576   -5.268  20.815  1.00 13.87 ? 22  G   C C8    1 
ATOM   910  N N7    . G   B 1 22 ? 9.909   -6.226  19.982  1.00 13.37 ? 22  G   C N7    1 
ATOM   911  C C5    . G   B 1 22 ? 8.912   -7.191  20.144  1.00 11.52 ? 22  G   C C5    1 
ATOM   912  C C6    . G   B 1 22 ? 8.706   -8.459  19.520  1.00 12.41 ? 22  G   C C6    1 
ATOM   913  O O6    . G   B 1 22 ? 9.385   -9.022  18.648  1.00 14.44 ? 22  G   C O6    1 
ATOM   914  N N1    . G   B 1 22 ? 7.558   -9.076  20.000  1.00 10.90 ? 22  G   C N1    1 
ATOM   915  C C2    . G   B 1 22 ? 6.712   -8.577  20.951  1.00 13.59 ? 22  G   C C2    1 
ATOM   916  N N2    . G   B 1 22 ? 5.648   -9.324  21.293  1.00 13.48 ? 22  G   C N2    1 
ATOM   917  N N3    . G   B 1 22 ? 6.891   -7.391  21.520  1.00 13.12 ? 22  G   C N3    1 
ATOM   918  C C4    . G   B 1 22 ? 7.994   -6.773  21.079  1.00 14.14 ? 22  G   C C4    1 
ATOM   919  P P     . C   B 1 23 ? 10.411  -5.610  26.364  1.00 18.84 ? 23  C   C P     1 
ATOM   920  O OP1   . C   B 1 23 ? 10.645  -5.207  27.781  1.00 22.47 ? 23  C   C OP1   1 
ATOM   921  O OP2   . C   B 1 23 ? 11.573  -5.801  25.489  1.00 21.09 ? 23  C   C OP2   1 
ATOM   922  O "O5'" . C   B 1 23 ? 9.505   -6.907  26.314  1.00 16.95 ? 23  C   C "O5'" 1 
ATOM   923  C "C5'" . C   B 1 23 ? 8.278   -6.988  27.010  1.00 17.00 ? 23  C   C "C5'" 1 
ATOM   924  C "C4'" . C   B 1 23 ? 7.575   -8.285  26.700  1.00 17.19 ? 23  C   C "C4'" 1 
ATOM   925  O "O4'" . C   B 1 23 ? 7.264   -8.349  25.282  1.00 14.35 ? 23  C   C "O4'" 1 
ATOM   926  C "C3'" . C   B 1 23 ? 8.377   -9.558  26.929  1.00 15.08 ? 23  C   C "C3'" 1 
ATOM   927  O "O3'" . C   B 1 23 ? 8.465   -9.933  28.297  1.00 15.75 ? 23  C   C "O3'" 1 
ATOM   928  C "C2'" . C   B 1 23 ? 7.628   -10.557 26.059  1.00 13.96 ? 23  C   C "C2'" 1 
ATOM   929  O "O2'" . C   B 1 23 ? 6.405   -10.926 26.655  1.00 16.19 ? 23  C   C "O2'" 1 
ATOM   930  C "C1'" . C   B 1 23 ? 7.317   -9.697  24.842  1.00 13.50 ? 23  C   C "C1'" 1 
ATOM   931  N N1    . C   B 1 23 ? 8.368   -9.823  23.815  1.00 13.05 ? 23  C   C N1    1 
ATOM   932  C C2    . C   B 1 23 ? 8.329   -10.980 23.024  1.00 11.87 ? 23  C   C C2    1 
ATOM   933  O O2    . C   B 1 23 ? 7.410   -11.791 23.225  1.00 13.45 ? 23  C   C O2    1 
ATOM   934  N N3    . C   B 1 23 ? 9.291   -11.137 22.078  1.00 12.20 ? 23  C   C N3    1 
ATOM   935  C C4    . C   B 1 23 ? 10.249  -10.207 21.928  1.00 11.75 ? 23  C   C C4    1 
ATOM   936  N N4    . C   B 1 23 ? 11.161  -10.399 20.966  1.00 14.35 ? 23  C   C N4    1 
ATOM   937  C C5    . C   B 1 23 ? 10.300  -9.021  22.729  1.00 12.82 ? 23  C   C C5    1 
ATOM   938  C C6    . C   B 1 23 ? 9.353   -8.874  23.666  1.00 12.62 ? 23  C   C C6    1 
HETATM 939  C CA1   . AM2 C 2 .  ? 7.184   -10.313 10.337  1.00 20.08 ? 101 AM2 B CA1   1 
HETATM 940  C CA2   . AM2 C 2 .  ? 6.407   -9.554  9.263   1.00 20.60 ? 101 AM2 B CA2   1 
HETATM 941  C CA3   . AM2 C 2 .  ? 5.001   -9.232  9.758   1.00 22.71 ? 101 AM2 B CA3   1 
HETATM 942  C CA4   . AM2 C 2 .  ? 4.313   -10.542 10.114  1.00 22.90 ? 101 AM2 B CA4   1 
HETATM 943  C CA5   . AM2 C 2 .  ? 5.135   -11.274 11.169  1.00 23.04 ? 101 AM2 B CA5   1 
HETATM 944  C CA6   . AM2 C 2 .  ? 4.491   -12.611 11.511  1.00 21.96 ? 101 AM2 B CA6   1 
HETATM 945  C CA7   . AM2 C 2 .  ? 3.005   -12.426 11.809  1.00 23.98 ? 101 AM2 B CA7   1 
HETATM 946  C CA8   . AM2 C 2 .  ? 2.320   -11.587 10.733  1.00 24.66 ? 101 AM2 B CA8   1 
HETATM 947  C CA9   . AM2 C 2 .  ? 2.822   -14.742 12.789  1.00 25.98 ? 101 AM2 B CA9   1 
HETATM 948  O OA4   . AM2 C 2 .  ? 6.461   -11.495 10.691  1.00 21.10 ? 101 AM2 B OA4   1 
HETATM 949  O OA5   . AM2 C 2 .  ? 2.996   -10.331 10.620  1.00 21.23 ? 101 AM2 B OA5   1 
HETATM 950  N NA2   . AM2 C 2 .  ? 7.094   -8.325  8.913   1.00 22.77 ? 101 AM2 B NA2   1 
HETATM 951  N NA7   . AM2 C 2 .  ? 2.314   -13.698 11.925  1.00 23.59 ? 101 AM2 B NA7   1 
HETATM 952  O OA6   . AM2 C 2 .  ? 4.671   -13.502 10.408  1.00 24.63 ? 101 AM2 B OA6   1 
HETATM 953  O OA8   . AM2 C 2 .  ? 0.963   -11.413 11.128  1.00 24.82 ? 101 AM2 B OA8   1 
HETATM 954  O OA1   . AM2 C 2 .  ? 7.344   -9.452  11.470  1.00 22.20 ? 101 AM2 B OA1   1 
HETATM 955  C CB1   . AM2 C 2 .  ? 0.137   -10.806 10.136  1.00 27.44 ? 101 AM2 B CB1   1 
HETATM 956  C CB2   . AM2 C 2 .  ? -1.105  -10.250 10.825  1.00 27.81 ? 101 AM2 B CB2   1 
HETATM 957  C CB3   . AM2 C 2 .  ? -1.890  -11.378 11.481  1.00 29.58 ? 101 AM2 B CB3   1 
HETATM 958  C CB4   . AM2 C 2 .  ? -2.159  -12.507 10.496  1.00 32.28 ? 101 AM2 B CB4   1 
HETATM 959  C CB5   . AM2 C 2 .  ? -0.882  -12.931 9.780   1.00 30.08 ? 101 AM2 B CB5   1 
HETATM 960  C CB6   . AM2 C 2 .  ? -1.182  -13.989 8.721   1.00 36.61 ? 101 AM2 B CB6   1 
HETATM 961  O OB1   . AM2 C 2 .  ? -0.246  -11.800 9.181   1.00 28.58 ? 101 AM2 B OB1   1 
HETATM 962  N NB4   . AM2 C 2 .  ? -2.688  -13.647 11.222  1.00 38.20 ? 101 AM2 B NB4   1 
HETATM 963  O OB2   . AM2 C 2 .  ? -0.735  -9.287  11.823  1.00 26.17 ? 101 AM2 B OB2   1 
HETATM 964  O OB3   . AM2 C 2 .  ? -3.143  -10.880 11.969  1.00 32.86 ? 101 AM2 B OB3   1 
HETATM 965  O OB6   . AM2 C 2 .  ? -1.017  -13.426 7.412   1.00 39.82 ? 101 AM2 B OB6   1 
HETATM 966  C CC1   . AM2 C 2 .  ? 8.574   -9.638  12.182  1.00 21.24 ? 101 AM2 B CC1   1 
HETATM 967  C CC2   . AM2 C 2 .  ? 9.707   -8.799  11.585  1.00 19.43 ? 101 AM2 B CC2   1 
HETATM 968  C CC3   . AM2 C 2 .  ? 11.015  -9.070  12.322  1.00 21.39 ? 101 AM2 B CC3   1 
HETATM 969  C CC4   . AM2 C 2 .  ? 10.886  -8.788  13.814  1.00 21.79 ? 101 AM2 B CC4   1 
HETATM 970  C CC5   . AM2 C 2 .  ? 9.680   -9.494  14.420  1.00 20.47 ? 101 AM2 B CC5   1 
HETATM 971  C CC6   . AM2 C 2 .  ? 8.405   -9.192  13.638  1.00 19.12 ? 101 AM2 B CC6   1 
HETATM 972  N NC4   . AM2 C 2 .  ? 12.097  -9.247  14.474  1.00 23.64 ? 101 AM2 B NC4   1 
HETATM 973  N NC6   . AM2 C 2 .  ? 7.335   -9.917  14.258  1.00 20.18 ? 101 AM2 B NC6   1 
HETATM 974  O OC2   . AM2 C 2 .  ? 9.912   -9.046  10.183  1.00 21.81 ? 101 AM2 B OC2   1 
HETATM 975  O OC3   . AM2 C 2 .  ? 12.037  -8.229  11.783  1.00 25.95 ? 101 AM2 B OC3   1 
HETATM 976  C CA1   . AM2 D 2 .  ? 2.602   1.139   -5.897  1.00 13.41 ? 102 AM2 B CA1   1 
HETATM 977  C CA2   . AM2 D 2 .  ? 1.658   1.410   -4.739  1.00 14.42 ? 102 AM2 B CA2   1 
HETATM 978  C CA3   . AM2 D 2 .  ? 1.850   2.831   -4.243  1.00 13.80 ? 102 AM2 B CA3   1 
HETATM 979  C CA4   . AM2 D 2 .  ? 3.309   2.976   -3.817  1.00 14.73 ? 102 AM2 B CA4   1 
HETATM 980  C CA5   . AM2 D 2 .  ? 4.235   2.665   -4.992  1.00 13.46 ? 102 AM2 B CA5   1 
HETATM 981  C CA6   . AM2 D 2 .  ? 5.681   2.715   -4.514  1.00 12.84 ? 102 AM2 B CA6   1 
HETATM 982  C CA7   . AM2 D 2 .  ? 5.944   4.050   -3.832  1.00 13.15 ? 102 AM2 B CA7   1 
HETATM 983  C CA8   . AM2 D 2 .  ? 4.912   4.365   -2.762  1.00 12.78 ? 102 AM2 B CA8   1 
HETATM 984  C CA9   . AM2 D 2 .  ? 8.421   3.698   -4.053  1.00 18.00 ? 102 AM2 B CA9   1 
HETATM 985  O OA4   . AM2 D 2 .  ? 3.962   1.381   -5.547  1.00 14.20 ? 102 AM2 B OA4   1 
HETATM 986  O OA5   . AM2 D 2 .  ? 3.617   4.286   -3.351  1.00 13.01 ? 102 AM2 B OA5   1 
HETATM 987  N NA2   . AM2 D 2 .  ? 0.293   1.253   -5.212  1.00 17.93 ? 102 AM2 B NA2   1 
HETATM 988  N NA7   . AM2 D 2 .  ? 7.269   4.050   -3.219  1.00 13.65 ? 102 AM2 B NA7   1 
HETATM 989  O OA6   . AM2 D 2 .  ? 5.949   1.653   -3.587  1.00 14.77 ? 102 AM2 B OA6   1 
HETATM 990  O OA8   . AM2 D 2 .  ? 5.155   5.671   -2.246  1.00 13.24 ? 102 AM2 B OA8   1 
HETATM 991  O OA1   . AM2 D 2 .  ? 2.256   1.948   -7.024  1.00 13.59 ? 102 AM2 B OA1   1 
HETATM 992  C CB1   . AM2 D 2 .  ? 4.262   6.006   -1.190  1.00 15.91 ? 102 AM2 B CB1   1 
HETATM 993  C CB2   . AM2 D 2 .  ? 4.336   7.511   -0.978  1.00 18.05 ? 102 AM2 B CB2   1 
HETATM 994  C CB3   . AM2 D 2 .  ? 5.718   7.913   -0.488  1.00 18.87 ? 102 AM2 B CB3   1 
HETATM 995  C CB4   . AM2 D 2 .  ? 6.050   7.076   0.738   1.00 17.23 ? 102 AM2 B CB4   1 
HETATM 996  C CB5   . AM2 D 2 .  ? 5.957   5.591   0.395   1.00 16.29 ? 102 AM2 B CB5   1 
HETATM 997  C CB6   . AM2 D 2 .  ? 6.287   4.702   1.579   1.00 17.75 ? 102 AM2 B CB6   1 
HETATM 998  O OB1   . AM2 D 2 .  ? 4.625   5.284   -0.005  1.00 15.50 ? 102 AM2 B OB1   1 
HETATM 999  N NB4   . AM2 D 2 .  ? 7.386   7.415   1.198   1.00 21.10 ? 102 AM2 B NB4   1 
HETATM 1000 O OB2   . AM2 D 2 .  ? 4.052   8.152   -2.229  1.00 16.75 ? 102 AM2 B OB2   1 
HETATM 1001 O OB3   . AM2 D 2 .  ? 5.722   9.301   -0.138  1.00 21.99 ? 102 AM2 B OB3   1 
HETATM 1002 O OB6   . AM2 D 2 .  ? 5.503   3.506   1.476   1.00 30.61 ? 102 AM2 B OB6   1 
HETATM 1003 C CC1   . AM2 D 2 .  ? 2.466   1.287   -8.266  1.00 15.45 ? 102 AM2 B CC1   1 
HETATM 1004 C CC2   . AM2 D 2 .  ? 1.185   0.610   -8.736  1.00 18.05 ? 102 AM2 B CC2   1 
HETATM 1005 C CC3   . AM2 D 2 .  ? 1.457   -0.116  -10.044 1.00 17.42 ? 102 AM2 B CC3   1 
HETATM 1006 C CC4   . AM2 D 2 .  ? 1.943   0.870   -11.100 1.00 16.84 ? 102 AM2 B CC4   1 
HETATM 1007 C CC5   . AM2 D 2 .  ? 3.182   1.629   -10.644 1.00 16.93 ? 102 AM2 B CC5   1 
HETATM 1008 C CC6   . AM2 D 2 .  ? 2.898   2.305   -9.312  1.00 13.52 ? 102 AM2 B CC6   1 
HETATM 1009 N NC4   . AM2 D 2 .  ? 2.250   0.177   -12.337 1.00 19.64 ? 102 AM2 B NC4   1 
HETATM 1010 N NC6   . AM2 D 2 .  ? 4.090   3.015   -8.867  1.00 14.00 ? 102 AM2 B NC6   1 
HETATM 1011 O OC2   . AM2 D 2 .  ? 0.688   -0.310  -7.753  1.00 18.35 ? 102 AM2 B OC2   1 
HETATM 1012 O OC3   . AM2 D 2 .  ? 0.222   -0.701  -10.464 1.00 20.77 ? 102 AM2 B OC3   1 
HETATM 1013 C CA1   . AM2 E 2 .  ? -2.334  -0.577  6.339   1.00 13.91 ? 101 AM2 C CA1   1 
HETATM 1014 C CA2   . AM2 E 2 .  ? -1.256  -0.644  5.267   1.00 15.72 ? 101 AM2 C CA2   1 
HETATM 1015 C CA3   . AM2 E 2 .  ? -0.080  0.252   5.614   1.00 15.04 ? 101 AM2 C CA3   1 
HETATM 1016 C CA4   . AM2 E 2 .  ? -0.603  1.671   5.797   1.00 13.75 ? 101 AM2 C CA4   1 
HETATM 1017 C CA5   . AM2 E 2 .  ? -1.675  1.683   6.877   1.00 13.34 ? 101 AM2 C CA5   1 
HETATM 1018 C CA6   . AM2 E 2 .  ? -2.227  3.096   6.972   1.00 12.01 ? 101 AM2 C CA6   1 
HETATM 1019 C CA7   . AM2 E 2 .  ? -1.099  4.102   7.178   1.00 13.14 ? 101 AM2 C CA7   1 
HETATM 1020 C CA8   . AM2 E 2 .  ? 0.006   3.925   6.151   1.00 13.31 ? 101 AM2 C CA8   1 
HETATM 1021 C CA9   . AM2 E 2 .  ? -2.726  5.859   7.949   1.00 18.13 ? 101 AM2 C CA9   1 
HETATM 1022 O OA4   . AM2 E 2 .  ? -2.737  0.768   6.592   1.00 14.09 ? 101 AM2 C OA4   1 
HETATM 1023 O OA5   . AM2 E 2 .  ? 0.432   2.564   6.182   1.00 13.17 ? 101 AM2 C OA5   1 
HETATM 1024 N NA2   . AM2 E 2 .  ? -0.823  -2.025  5.117   1.00 19.01 ? 101 AM2 C NA2   1 
HETATM 1025 N NA7   . AM2 E 2 .  ? -1.609  5.471   7.094   1.00 13.93 ? 101 AM2 C NA7   1 
HETATM 1026 O OA6   . AM2 E 2 .  ? -2.943  3.428   5.775   1.00 13.68 ? 101 AM2 C OA6   1 
HETATM 1027 O OA8   . AM2 E 2 .  ? 1.080   4.802   6.462   1.00 13.69 ? 101 AM2 C OA8   1 
HETATM 1028 O OA1   . AM2 E 2 .  ? -1.847  -1.143  7.556   1.00 14.84 ? 101 AM2 C OA1   1 
HETATM 1029 C CB1   . AM2 E 2 .  ? 2.130   4.734   5.502   1.00 16.53 ? 101 AM2 C CB1   1 
HETATM 1030 C CB2   . AM2 E 2 .  ? 3.354   5.409   6.110   1.00 17.82 ? 101 AM2 C CB2   1 
HETATM 1031 C CB3   . AM2 E 2 .  ? 3.085   6.888   6.330   1.00 20.00 ? 101 AM2 C CB3   1 
HETATM 1032 C CB4   . AM2 E 2 .  ? 2.609   7.491   5.017   1.00 17.76 ? 101 AM2 C CB4   1 
HETATM 1033 C CB5   . AM2 E 2 .  ? 1.374   6.751   4.511   1.00 15.44 ? 101 AM2 C CB5   1 
HETATM 1034 C CB6   . AM2 E 2 .  ? 0.879   7.363   3.210   1.00 18.34 ? 101 AM2 C CB6   1 
HETATM 1035 O OB1   . AM2 E 2 .  ? 1.716   5.380   4.290   1.00 14.90 ? 101 AM2 C OB1   1 
HETATM 1036 N NB4   . AM2 E 2 .  ? 2.324   8.905   5.224   1.00 21.45 ? 101 AM2 C NB4   1 
HETATM 1037 O OB2   . AM2 E 2 .  ? 3.647   4.793   7.370   1.00 16.66 ? 101 AM2 C OB2   1 
HETATM 1038 O OB3   . AM2 E 2 .  ? 4.289   7.539   6.742   1.00 22.01 ? 101 AM2 C OB3   1 
HETATM 1039 O OB6   . AM2 E 2 .  ? -0.071  6.500   2.577   1.00 31.40 ? 101 AM2 C OB6   1 
HETATM 1040 C CC1   . AM2 E 2 .  ? -2.854  -1.800  8.311   1.00 15.31 ? 101 AM2 C CC1   1 
HETATM 1041 C CC2   . AM2 E 2 .  ? -2.880  -3.284  7.962   1.00 18.69 ? 101 AM2 C CC2   1 
HETATM 1042 C CC3   . AM2 E 2 .  ? -4.002  -3.974  8.728   1.00 16.46 ? 101 AM2 C CC3   1 
HETATM 1043 C CC4   . AM2 E 2 .  ? -3.760  -3.813  10.227  1.00 17.65 ? 101 AM2 C CC4   1 
HETATM 1044 C CC5   . AM2 E 2 .  ? -3.646  -2.345  10.621  1.00 16.21 ? 101 AM2 C CC5   1 
HETATM 1045 C CC6   . AM2 E 2 .  ? -2.573  -1.646  9.801   1.00 12.74 ? 101 AM2 C CC6   1 
HETATM 1046 N NC4   . AM2 E 2 .  ? -4.833  -4.438  10.979  1.00 19.52 ? 101 AM2 C NC4   1 
HETATM 1047 N NC6   . AM2 E 2 .  ? -2.512  -0.231  10.161  1.00 13.55 ? 101 AM2 C NC6   1 
HETATM 1048 O OC2   . AM2 E 2 .  ? -3.035  -3.469  6.550   1.00 18.26 ? 101 AM2 C OC2   1 
HETATM 1049 O OC3   . AM2 E 2 .  ? -3.968  -5.367  8.397   1.00 21.19 ? 101 AM2 C OC3   1 
HETATM 1050 C CA1   . AM2 F 2 .  ? -8.908  7.494   -11.178 1.00 22.06 ? 102 AM2 C CA1   1 
HETATM 1051 C CA2   . AM2 F 2 .  ? -8.224  6.571   -10.170 1.00 20.83 ? 102 AM2 C CA2   1 
HETATM 1052 C CA3   . AM2 F 2 .  ? -7.080  5.813   -10.835 1.00 22.23 ? 102 AM2 C CA3   1 
HETATM 1053 C CA4   . AM2 F 2 .  ? -7.671  5.015   -11.990 1.00 21.74 ? 102 AM2 C CA4   1 
HETATM 1054 C CA5   . AM2 F 2 .  ? -8.352  5.961   -12.973 1.00 22.98 ? 102 AM2 C CA5   1 
HETATM 1055 C CA6   . AM2 F 2 .  ? -8.991  5.164   -14.102 1.00 22.37 ? 102 AM2 C CA6   1 
HETATM 1056 C CA7   . AM2 F 2 .  ? -7.979  4.192   -14.707 1.00 23.39 ? 102 AM2 C CA7   1 
HETATM 1057 C CA8   . AM2 F 2 .  ? -7.280  3.377   -13.622 1.00 23.80 ? 102 AM2 C CA8   1 
HETATM 1058 C CA9   . AM2 F 2 .  ? -9.359  3.816   -16.777 1.00 23.21 ? 102 AM2 C CA9   1 
HETATM 1059 O OA4   . AM2 F 2 .  ? -9.352  6.737   -12.308 1.00 22.74 ? 102 AM2 C OA4   1 
HETATM 1060 O OA5   . AM2 F 2 .  ? -6.675  4.270   -12.688 1.00 22.34 ? 102 AM2 C OA5   1 
HETATM 1061 N NA2   . AM2 F 2 .  ? -7.724  7.351   -9.055  1.00 22.79 ? 102 AM2 C NA2   1 
HETATM 1062 N NA7   . AM2 F 2 .  ? -8.610  3.292   -15.656 1.00 24.16 ? 102 AM2 C NA7   1 
HETATM 1063 O OA6   . AM2 F 2 .  ? -10.110 4.451   -13.570 1.00 23.85 ? 102 AM2 C OA6   1 
HETATM 1064 O OA8   . AM2 F 2 .  ? -6.278  2.577   -14.244 1.00 25.29 ? 102 AM2 C OA8   1 
HETATM 1065 O OA1   . AM2 F 2 .  ? -7.978  8.510   -11.571 1.00 22.45 ? 102 AM2 C OA1   1 
HETATM 1066 C CB1   . AM2 F 2 .  ? -5.691  1.596   -13.389 1.00 26.03 ? 102 AM2 C CB1   1 
HETATM 1067 C CB2   . AM2 F 2 .  ? -4.417  1.127   -14.081 1.00 27.27 ? 102 AM2 C CB2   1 
HETATM 1068 C CB3   . AM2 F 2 .  ? -4.758  0.511   -15.431 1.00 29.16 ? 102 AM2 C CB3   1 
HETATM 1069 C CB4   . AM2 F 2 .  ? -5.802  -0.582  -15.266 1.00 31.63 ? 102 AM2 C CB4   1 
HETATM 1070 C CB5   . AM2 F 2 .  ? -7.010  -0.055  -14.500 1.00 31.64 ? 102 AM2 C CB5   1 
HETATM 1071 C CB6   . AM2 F 2 .  ? -8.048  -1.154  -14.287 1.00 36.98 ? 102 AM2 C CB6   1 
HETATM 1072 O OB1   . AM2 F 2 .  ? -6.610  0.503   -13.244 1.00 28.88 ? 102 AM2 C OB1   1 
HETATM 1073 N NB4   . AM2 F 2 .  ? -6.222  -1.029  -16.584 1.00 38.67 ? 102 AM2 C NB4   1 
HETATM 1074 O OB2   . AM2 F 2 .  ? -3.556  2.248   -14.295 1.00 24.75 ? 102 AM2 C OB2   1 
HETATM 1075 O OB3   . AM2 F 2 .  ? -3.580  -0.027  -16.048 1.00 30.62 ? 102 AM2 C OB3   1 
HETATM 1076 O OB6   . AM2 F 2 .  ? -7.660  -1.980  -13.184 1.00 40.94 ? 102 AM2 C OB6   1 
HETATM 1077 C CC1   . AM2 F 2 .  ? -8.550  9.800   -11.848 1.00 20.96 ? 102 AM2 C CC1   1 
HETATM 1078 C CC2   . AM2 F 2 .  ? -8.648  10.678  -10.594 1.00 19.80 ? 102 AM2 C CC2   1 
HETATM 1079 C CC3   . AM2 F 2 .  ? -9.297  12.019  -10.926 1.00 22.88 ? 102 AM2 C CC3   1 
HETATM 1080 C CC4   . AM2 F 2 .  ? -8.584  12.750  -12.059 1.00 22.17 ? 102 AM2 C CC4   1 
HETATM 1081 C CC5   . AM2 F 2 .  ? -8.358  11.842  -13.266 1.00 21.60 ? 102 AM2 C CC5   1 
HETATM 1082 C CC6   . AM2 F 2 .  ? -7.669  10.545  -12.854 1.00 19.31 ? 102 AM2 C CC6   1 
HETATM 1083 N NC4   . AM2 F 2 .  ? -9.395  13.898  -12.443 1.00 23.67 ? 102 AM2 C NC4   1 
HETATM 1084 N NC6   . AM2 F 2 .  ? -7.484  9.754   -14.036 1.00 19.10 ? 102 AM2 C NC6   1 
HETATM 1085 O OC2   . AM2 F 2 .  ? -9.402  10.037  -9.554  1.00 22.10 ? 102 AM2 C OC2   1 
HETATM 1086 O OC3   . AM2 F 2 .  ? -9.272  12.851  -9.766  1.00 26.36 ? 102 AM2 C OC3   1 
HETATM 1087 O O     . HOH G 3 .  ? -0.220  -3.848  10.687  1.00 14.83 ? 201 HOH B O     1 
HETATM 1088 O O     . HOH G 3 .  ? 4.077   2.383   15.793  1.00 17.97 ? 202 HOH B O     1 
HETATM 1089 O O     . HOH G 3 .  ? 1.275   -1.818  9.460   1.00 13.73 ? 203 HOH B O     1 
HETATM 1090 O O     . HOH G 3 .  ? 13.536  -12.881 21.071  1.00 22.64 ? 204 HOH B O     1 
HETATM 1091 O O     . HOH G 3 .  ? 6.238   1.333   -8.201  1.00 18.40 ? 205 HOH B O     1 
HETATM 1092 O O     . HOH G 3 .  ? -4.587  19.238  -13.024 1.00 22.02 ? 206 HOH B O     1 
HETATM 1093 O O     . HOH G 3 .  ? 12.491  -6.572  15.444  1.00 20.44 ? 207 HOH B O     1 
HETATM 1094 O O     . HOH G 3 .  ? 0.236   -6.637  13.193  1.00 17.80 ? 208 HOH B O     1 
HETATM 1095 O O     . HOH G 3 .  ? 9.863   0.153   -6.526  1.00 21.88 ? 209 HOH B O     1 
HETATM 1096 O O     . HOH G 3 .  ? 2.013   5.160   9.563   1.00 16.79 ? 210 HOH B O     1 
HETATM 1097 O O     . HOH G 3 .  ? 2.293   -7.494  11.508  1.00 18.95 ? 211 HOH B O     1 
HETATM 1098 O O     . HOH G 3 .  ? -5.940  17.350  -14.501 1.00 20.21 ? 212 HOH B O     1 
HETATM 1099 O O     . HOH G 3 .  ? 2.686   -2.309  -0.360  1.00 24.97 ? 213 HOH B O     1 
HETATM 1100 O O     . HOH G 3 .  ? -1.844  13.318  -4.730  1.00 24.64 ? 214 HOH B O     1 
HETATM 1101 O O     . HOH G 3 .  ? 4.063   -0.590  1.712   1.00 19.55 ? 215 HOH B O     1 
HETATM 1102 O O     . HOH G 3 .  ? -0.714  21.079  -24.189 1.00 22.21 ? 216 HOH B O     1 
HETATM 1103 O O     . HOH G 3 .  ? 11.688  -20.448 15.622  1.00 18.56 ? 217 HOH B O     1 
HETATM 1104 O O     . HOH G 3 .  ? -10.339 15.845  -10.474 1.00 28.56 ? 218 HOH B O     1 
HETATM 1105 O O     . HOH G 3 .  ? 0.568   12.062  -11.448 1.00 17.05 ? 219 HOH B O     1 
HETATM 1106 O O     . HOH G 3 .  ? 17.430  -23.709 15.020  1.00 18.32 ? 220 HOH B O     1 
HETATM 1107 O O     . HOH G 3 .  ? 0.650   -6.330  9.430   1.00 26.89 ? 221 HOH B O     1 
HETATM 1108 O O     . HOH G 3 .  ? 5.769   -17.913 20.787  1.00 20.86 ? 222 HOH B O     1 
HETATM 1109 O O     . HOH G 3 .  ? 13.554  -14.621 17.170  1.00 25.44 ? 223 HOH B O     1 
HETATM 1110 O O     . HOH G 3 .  ? -0.150  14.209  -21.854 1.00 19.96 ? 224 HOH B O     1 
HETATM 1111 O O     . HOH G 3 .  ? 3.280   2.181   0.316   1.00 18.33 ? 225 HOH B O     1 
HETATM 1112 O O     . HOH G 3 .  ? 4.458   -0.821  -1.877  1.00 16.80 ? 226 HOH B O     1 
HETATM 1113 O O     . HOH G 3 .  ? -8.148  15.193  -14.908 1.00 22.54 ? 227 HOH B O     1 
HETATM 1114 O O     . HOH G 3 .  ? 3.307   -2.094  -5.509  1.00 19.18 ? 228 HOH B O     1 
HETATM 1115 O O     . HOH G 3 .  ? 2.359   -3.553  2.796   1.00 24.93 ? 229 HOH B O     1 
HETATM 1116 O O     . HOH G 3 .  ? 10.503  -13.135 15.421  1.00 23.21 ? 230 HOH B O     1 
HETATM 1117 O O     . HOH G 3 .  ? 1.486   15.179  -8.610  1.00 30.89 ? 231 HOH B O     1 
HETATM 1118 O O     . HOH G 3 .  ? 9.433   6.805   -0.306  1.00 29.89 ? 232 HOH B O     1 
HETATM 1119 O O     . HOH G 3 .  ? -0.878  0.765   -2.638  1.00 27.61 ? 233 HOH B O     1 
HETATM 1120 O O     . HOH G 3 .  ? 2.756   -1.951  4.923   1.00 19.85 ? 234 HOH B O     1 
HETATM 1121 O O     . HOH G 3 .  ? 2.251   10.107  -1.802  1.00 24.56 ? 235 HOH B O     1 
HETATM 1122 O O     . HOH G 3 .  ? 2.000   -17.763 11.996  1.00 32.78 ? 236 HOH B O     1 
HETATM 1123 O O     . HOH G 3 .  ? -5.553  12.258  -24.943 1.00 22.61 ? 237 HOH B O     1 
HETATM 1124 O O     . HOH G 3 .  ? 16.034  -15.611 17.457  1.00 25.60 ? 238 HOH B O     1 
HETATM 1125 O O     . HOH G 3 .  ? 0.984   -9.996  13.955  1.00 21.36 ? 239 HOH B O     1 
HETATM 1126 O O     . HOH G 3 .  ? 8.117   6.704   -3.012  1.00 22.43 ? 240 HOH B O     1 
HETATM 1127 O O     . HOH G 3 .  ? 6.458   -0.235  -10.480 1.00 22.30 ? 241 HOH B O     1 
HETATM 1128 O O     . HOH G 3 .  ? 2.449   21.690  -15.330 1.00 31.09 ? 242 HOH B O     1 
HETATM 1129 O O     . HOH G 3 .  ? 2.581   -20.172 15.559  1.00 19.98 ? 243 HOH B O     1 
HETATM 1130 O O     . HOH G 3 .  ? 4.653   -11.822 14.848  1.00 21.17 ? 244 HOH B O     1 
HETATM 1131 O O     . HOH G 3 .  ? 9.161   0.311   7.816   1.00 27.40 ? 245 HOH B O     1 
HETATM 1132 O O     . HOH G 3 .  ? 1.866   -15.138 9.078   1.00 35.16 ? 246 HOH B O     1 
HETATM 1133 O O     . HOH G 3 .  ? 7.057   1.185   12.797  1.00 30.71 ? 247 HOH B O     1 
HETATM 1134 O O     . HOH G 3 .  ? -2.978  23.113  -21.768 1.00 27.74 ? 248 HOH B O     1 
HETATM 1135 O O     . HOH G 3 .  ? -7.291  18.212  -16.681 1.00 22.49 ? 249 HOH B O     1 
HETATM 1136 O O     . HOH G 3 .  ? 1.927   17.676  -21.358 1.00 29.32 ? 250 HOH B O     1 
HETATM 1137 O O     . HOH G 3 .  ? -3.961  14.464  -3.537  1.00 32.43 ? 251 HOH B O     1 
HETATM 1138 O O     . HOH G 3 .  ? 3.578   4.332   11.761  1.00 22.60 ? 252 HOH B O     1 
HETATM 1139 O O     . HOH G 3 .  ? -2.556  0.111   -10.530 1.00 35.81 ? 253 HOH B O     1 
HETATM 1140 O O     . HOH G 3 .  ? 10.606  7.012   -4.190  1.00 30.68 ? 254 HOH B O     1 
HETATM 1141 O O     . HOH G 3 .  ? -4.656  19.219  -17.685 1.00 26.89 ? 255 HOH B O     1 
HETATM 1142 O O     . HOH G 3 .  ? -4.361  -5.650  15.497  1.00 26.18 ? 256 HOH B O     1 
HETATM 1143 O O     . HOH G 3 .  ? -4.982  -1.690  -6.606  1.00 38.66 ? 257 HOH B O     1 
HETATM 1144 O O     . HOH G 3 .  ? -1.075  -10.830 6.373   1.00 40.35 ? 258 HOH B O     1 
HETATM 1145 O O     . HOH G 3 .  ? 3.393   15.446  -6.088  1.00 52.75 ? 259 HOH B O     1 
HETATM 1146 O O     . HOH G 3 .  ? 1.111   -3.270  -11.497 1.00 32.76 ? 260 HOH B O     1 
HETATM 1147 O O     . HOH G 3 .  ? 0.191   18.907  -6.604  1.00 37.44 ? 261 HOH B O     1 
HETATM 1148 O O     . HOH G 3 .  ? 1.301   1.129   2.403   1.00 21.65 ? 262 HOH B O     1 
HETATM 1149 O O     . HOH G 3 .  ? 4.196   -10.092 -6.349  1.00 32.96 ? 263 HOH B O     1 
HETATM 1150 O O     . HOH G 3 .  ? 16.039  -5.800  19.665  1.00 33.11 ? 264 HOH B O     1 
HETATM 1151 O O     . HOH G 3 .  ? 0.094   -2.150  -2.185  1.00 32.75 ? 265 HOH B O     1 
HETATM 1152 O O     . HOH G 3 .  ? 8.906   -15.448 10.473  1.00 35.54 ? 266 HOH B O     1 
HETATM 1153 O O     . HOH G 3 .  ? -3.825  -5.459  18.784  1.00 30.08 ? 267 HOH B O     1 
HETATM 1154 O O     . HOH G 3 .  ? 4.234   23.565  -14.325 1.00 39.48 ? 268 HOH B O     1 
HETATM 1155 O O     . HOH G 3 .  ? 3.233   15.979  -10.349 1.00 30.01 ? 269 HOH B O     1 
HETATM 1156 O O     . HOH G 3 .  ? 9.822   3.862   -0.137  1.00 28.25 ? 270 HOH B O     1 
HETATM 1157 O O     . HOH G 3 .  ? 0.969   17.653  -4.339  1.00 57.85 ? 271 HOH B O     1 
HETATM 1158 O O     . HOH G 3 .  ? 15.112  -6.980  16.979  1.00 39.94 ? 272 HOH B O     1 
HETATM 1159 O O     . HOH G 3 .  ? 11.852  -18.741 11.016  1.00 27.23 ? 273 HOH B O     1 
HETATM 1160 O O     . HOH G 3 .  ? 4.368   -1.646  -11.896 1.00 22.94 ? 274 HOH B O     1 
HETATM 1161 O O     . HOH G 3 .  ? -1.698  23.086  -10.697 1.00 40.93 ? 275 HOH B O     1 
HETATM 1162 O O     . HOH G 3 .  ? -3.161  -1.247  -1.417  1.00 37.68 ? 276 HOH B O     1 
HETATM 1163 O O     . HOH G 3 .  ? 4.025   18.165  -11.291 1.00 31.34 ? 277 HOH B O     1 
HETATM 1164 O O     . HOH G 3 .  ? 0.822   -1.862  -4.548  1.00 28.07 ? 278 HOH B O     1 
HETATM 1165 O O     . HOH G 3 .  ? -0.552  -15.430 19.391  1.00 30.31 ? 279 HOH B O     1 
HETATM 1166 O O     . HOH G 3 .  ? 8.948   -1.806  -10.225 1.00 29.07 ? 280 HOH B O     1 
HETATM 1167 O O     . HOH G 3 .  ? 8.499   -7.952  -3.091  1.00 32.22 ? 281 HOH B O     1 
HETATM 1168 O O     . HOH G 3 .  ? -1.719  13.594  -24.201 1.00 26.14 ? 282 HOH B O     1 
HETATM 1169 O O     . HOH G 3 .  ? 10.907  -2.414  -5.731  1.00 24.64 ? 283 HOH B O     1 
HETATM 1170 O O     . HOH G 3 .  ? 11.356  1.841   -4.634  1.00 31.80 ? 284 HOH B O     1 
HETATM 1171 O O     . HOH G 3 .  ? -20.530 13.292  -6.161  1.00 53.75 ? 285 HOH B O     1 
HETATM 1172 O O     . HOH G 3 .  ? 6.083   -5.175  -11.513 1.00 35.14 ? 286 HOH B O     1 
HETATM 1173 O O     . HOH G 3 .  ? 0.543   -2.999  -7.943  1.00 29.64 ? 287 HOH B O     1 
HETATM 1174 O O     . HOH G 3 .  ? -3.601  -3.179  -8.985  1.00 41.88 ? 288 HOH B O     1 
HETATM 1175 O O     . HOH G 3 .  ? 12.372  -11.587 17.445  1.00 27.31 ? 289 HOH B O     1 
HETATM 1176 O O     . HOH G 3 .  ? -6.061  0.569   -6.524  1.00 34.02 ? 290 HOH B O     1 
HETATM 1177 O O     . HOH G 3 .  ? -9.551  18.801  -14.572 1.00 41.34 ? 291 HOH B O     1 
HETATM 1178 O O     . HOH G 3 .  ? 14.373  -12.162 16.075  1.00 28.22 ? 292 HOH B O     1 
HETATM 1179 O O     . HOH G 3 .  ? 15.893  -13.537 19.360  1.00 30.12 ? 293 HOH B O     1 
HETATM 1180 O O     . HOH G 3 .  ? -2.961  -5.376  13.173  1.00 25.72 ? 294 HOH B O     1 
HETATM 1181 O O     . HOH G 3 .  ? 5.973   -15.695 11.363  1.00 30.52 ? 295 HOH B O     1 
HETATM 1182 O O     . HOH G 3 .  ? 3.247   19.392  -7.243  1.00 46.91 ? 296 HOH B O     1 
HETATM 1183 O O     . HOH G 3 .  ? 8.893   7.573   3.522   1.00 37.55 ? 297 HOH B O     1 
HETATM 1184 O O     . HOH G 3 .  ? 5.025   -1.029  -8.479  1.00 29.00 ? 298 HOH B O     1 
HETATM 1185 O O     . HOH G 3 .  ? 8.739   9.767   -3.332  1.00 42.52 ? 299 HOH B O     1 
HETATM 1186 O O     . HOH G 3 .  ? 14.391  -10.477 18.202  1.00 34.68 ? 300 HOH B O     1 
HETATM 1187 O O     . HOH G 3 .  ? 7.749   10.220  2.238   1.00 31.85 ? 301 HOH B O     1 
HETATM 1188 O O     . HOH G 3 .  ? -19.996 8.542   -6.662  1.00 49.66 ? 302 HOH B O     1 
HETATM 1189 O O     . HOH G 3 .  ? -6.214  21.486  -12.429 1.00 34.67 ? 303 HOH B O     1 
HETATM 1190 O O     . HOH G 3 .  ? -7.010  -6.139  15.788  1.00 47.06 ? 304 HOH B O     1 
HETATM 1191 O O     . HOH G 3 .  ? 0.163   22.926  -8.605  1.00 37.15 ? 305 HOH B O     1 
HETATM 1192 O O     . HOH G 3 .  ? 13.013  -1.947  -4.278  1.00 33.19 ? 306 HOH B O     1 
HETATM 1193 O O     . HOH G 3 .  ? 11.554  -3.627  -7.967  1.00 33.25 ? 307 HOH B O     1 
HETATM 1194 O O     . HOH G 3 .  ? 2.602   4.396   1.793   1.00 6.16  ? 308 HOH B O     1 
HETATM 1195 O O     . HOH H 3 .  ? -0.842  3.416   -6.472  1.00 16.04 ? 201 HOH C O     1 
HETATM 1196 O O     . HOH H 3 .  ? -3.000  0.118   12.969  1.00 14.55 ? 202 HOH C O     1 
HETATM 1197 O O     . HOH H 3 .  ? 0.201   3.943   -10.426 1.00 14.49 ? 203 HOH C O     1 
HETATM 1198 O O     . HOH H 3 .  ? 1.066   -2.815  6.943   1.00 15.93 ? 204 HOH C O     1 
HETATM 1199 O O     . HOH H 3 .  ? -4.764  1.278   9.449   1.00 18.47 ? 205 HOH C O     1 
HETATM 1200 O O     . HOH H 3 .  ? -23.537 13.594  -18.609 1.00 19.43 ? 206 HOH C O     1 
HETATM 1201 O O     . HOH H 3 .  ? 4.461   11.935  -10.108 1.00 17.50 ? 207 HOH C O     1 
HETATM 1202 O O     . HOH H 3 .  ? 0.642   5.164   -7.956  1.00 13.77 ? 208 HOH C O     1 
HETATM 1203 O O     . HOH H 3 .  ? -3.266  1.156   0.263   1.00 26.35 ? 209 HOH C O     1 
HETATM 1204 O O     . HOH H 3 .  ? 5.480   4.171   -11.079 1.00 14.69 ? 210 HOH C O     1 
HETATM 1205 O O     . HOH H 3 .  ? 12.455  -6.413  18.890  1.00 20.71 ? 211 HOH C O     1 
HETATM 1206 O O     . HOH H 3 .  ? -1.586  4.053   -3.892  1.00 18.69 ? 212 HOH C O     1 
HETATM 1207 O O     . HOH H 3 .  ? -17.751 10.363  -19.122 1.00 18.76 ? 213 HOH C O     1 
HETATM 1208 O O     . HOH H 3 .  ? 5.794   -1.364  15.767  1.00 16.69 ? 214 HOH C O     1 
HETATM 1209 O O     . HOH H 3 .  ? 5.887   8.128   -4.271  1.00 17.10 ? 215 HOH C O     1 
HETATM 1210 O O     . HOH H 3 .  ? -3.788  5.154   -12.115 1.00 19.68 ? 216 HOH C O     1 
HETATM 1211 O O     . HOH H 3 .  ? -5.173  -0.857  4.609   1.00 18.57 ? 217 HOH C O     1 
HETATM 1212 O O     . HOH H 3 .  ? 13.692  -3.817  19.141  1.00 22.42 ? 218 HOH C O     1 
HETATM 1213 O O     . HOH H 3 .  ? 11.801  -9.107  17.460  1.00 23.51 ? 219 HOH C O     1 
HETATM 1214 O O     . HOH H 3 .  ? -2.112  3.881   -0.211  1.00 19.88 ? 220 HOH C O     1 
HETATM 1215 O O     . HOH H 3 .  ? -11.325 11.871  -15.667 1.00 23.98 ? 221 HOH C O     1 
HETATM 1216 O O     . HOH H 3 .  ? -13.549 14.553  -16.903 1.00 25.54 ? 222 HOH C O     1 
HETATM 1217 O O     . HOH H 3 .  ? -1.546  4.643   -13.695 1.00 17.09 ? 223 HOH C O     1 
HETATM 1218 O O     . HOH H 3 .  ? 10.051  0.704   10.303  1.00 25.08 ? 224 HOH C O     1 
HETATM 1219 O O     . HOH H 3 .  ? 0.077   3.481   2.128   1.00 17.53 ? 225 HOH C O     1 
HETATM 1220 O O     . HOH H 3 .  ? -15.578 16.383  -16.979 1.00 24.58 ? 226 HOH C O     1 
HETATM 1221 O O     . HOH H 3 .  ? 4.754   -6.456  25.019  1.00 20.85 ? 227 HOH C O     1 
HETATM 1222 O O     . HOH H 3 .  ? -25.206 15.551  -17.488 1.00 23.51 ? 228 HOH C O     1 
HETATM 1223 O O     . HOH H 3 .  ? -3.553  2.303   2.732   1.00 17.23 ? 229 HOH C O     1 
HETATM 1224 O O     . HOH H 3 .  ? -2.659  3.122   -10.385 1.00 27.14 ? 230 HOH C O     1 
HETATM 1225 O O     . HOH H 3 .  ? -11.034 17.107  -19.217 1.00 22.61 ? 231 HOH C O     1 
HETATM 1226 O O     . HOH H 3 .  ? 1.148   12.635  -7.430  1.00 30.99 ? 232 HOH C O     1 
HETATM 1227 O O     . HOH H 3 .  ? 2.371   2.357   -16.454 1.00 26.77 ? 233 HOH C O     1 
HETATM 1228 O O     . HOH H 3 .  ? -3.294  2.091   -3.081  1.00 25.28 ? 234 HOH C O     1 
HETATM 1229 O O     . HOH H 3 .  ? 8.690   1.804   15.296  1.00 29.72 ? 235 HOH C O     1 
HETATM 1230 O O     . HOH H 3 .  ? 0.362   9.541   6.792   1.00 28.41 ? 236 HOH C O     1 
HETATM 1231 O O     . HOH H 3 .  ? -11.099 9.186   -23.758 1.00 21.66 ? 237 HOH C O     1 
HETATM 1232 O O     . HOH H 3 .  ? 0.132   7.094   8.508   1.00 21.65 ? 238 HOH C O     1 
HETATM 1233 O O     . HOH H 3 .  ? -7.118  15.570  -11.789 1.00 20.33 ? 239 HOH C O     1 
HETATM 1234 O O     . HOH H 3 .  ? 6.334   4.183   7.447   1.00 23.05 ? 240 HOH C O     1 
HETATM 1235 O O     . HOH H 3 .  ? 13.254  -8.209  20.742  1.00 23.84 ? 241 HOH C O     1 
HETATM 1236 O O     . HOH H 3 .  ? 5.112   -12.936 24.912  1.00 22.57 ? 242 HOH C O     1 
HETATM 1237 O O     . HOH H 3 .  ? -2.461  -1.612  1.000   1.00 32.97 ? 243 HOH C O     1 
HETATM 1238 O O     . HOH H 3 .  ? 6.570   -3.302  26.925  1.00 28.87 ? 244 HOH C O     1 
HETATM 1239 O O     . HOH H 3 .  ? -6.883  -0.213  10.501  1.00 21.97 ? 245 HOH C O     1 
HETATM 1240 O O     . HOH H 3 .  ? 5.039   10.178  -6.057  1.00 22.02 ? 246 HOH C O     1 
HETATM 1241 O O     . HOH H 3 .  ? -4.313  4.552   -15.815 1.00 21.89 ? 247 HOH C O     1 
HETATM 1242 O O     . HOH H 3 .  ? -8.208  18.409  -12.305 1.00 32.45 ? 248 HOH C O     1 
HETATM 1243 O O     . HOH H 3 .  ? -5.842  0.356   13.075  1.00 22.56 ? 249 HOH C O     1 
HETATM 1244 O O     . HOH H 3 .  ? 12.378  -8.994  25.496  1.00 21.23 ? 250 HOH C O     1 
HETATM 1245 O O     . HOH H 3 .  ? -1.250  8.638   10.415  1.00 30.19 ? 251 HOH C O     1 
HETATM 1246 O O     . HOH H 3 .  ? 12.989  3.073   15.049  1.00 33.83 ? 252 HOH C O     1 
HETATM 1247 O O     . HOH H 3 .  ? -0.713  -7.911  3.008   1.00 37.77 ? 253 HOH C O     1 
HETATM 1248 O O     . HOH H 3 .  ? -2.232  11.360  -3.097  1.00 27.62 ? 254 HOH C O     1 
HETATM 1249 O O     . HOH H 3 .  ? 8.799   4.881   13.612  1.00 48.90 ? 255 HOH C O     1 
HETATM 1250 O O     . HOH H 3 .  ? -6.089  4.450   -23.333 1.00 28.98 ? 256 HOH C O     1 
HETATM 1251 O O     . HOH H 3 .  ? 0.200   -1.604  2.472   1.00 25.58 ? 257 HOH C O     1 
HETATM 1252 O O     . HOH H 3 .  ? -7.472  5.994   -25.237 1.00 32.12 ? 258 HOH C O     1 
HETATM 1253 O O     . HOH H 3 .  ? -9.471  4.957   6.973   1.00 23.14 ? 259 HOH C O     1 
HETATM 1254 O O     . HOH H 3 .  ? -6.071  -0.647  8.047   1.00 30.00 ? 260 HOH C O     1 
HETATM 1255 O O     . HOH H 3 .  ? 12.388  -6.158  22.686  1.00 27.44 ? 261 HOH C O     1 
HETATM 1256 O O     . HOH H 3 .  ? -7.311  -3.032  10.334  1.00 23.85 ? 262 HOH C O     1 
HETATM 1257 O O     . HOH H 3 .  ? 19.618  -15.136 5.946   1.00 62.79 ? 263 HOH C O     1 
HETATM 1258 O O     . HOH H 3 .  ? -12.772 3.230   -21.740 1.00 19.81 ? 264 HOH C O     1 
HETATM 1259 O O     . HOH H 3 .  ? -0.779  -3.340  0.405   1.00 35.02 ? 265 HOH C O     1 
HETATM 1260 O O     . HOH H 3 .  ? 0.771   2.620   -0.743  1.00 21.88 ? 266 HOH C O     1 
HETATM 1261 O O     . HOH H 3 .  ? -7.382  7.204   -16.336 1.00 20.80 ? 267 HOH C O     1 
HETATM 1262 O O     . HOH H 3 .  ? -3.431  -2.280  3.168   1.00 28.94 ? 268 HOH C O     1 
HETATM 1263 O O     . HOH H 3 .  ? -5.222  -4.423  5.326   1.00 29.39 ? 269 HOH C O     1 
HETATM 1264 O O     . HOH H 3 .  ? -6.901  -6.094  8.362   1.00 34.10 ? 270 HOH C O     1 
HETATM 1265 O O     . HOH H 3 .  ? -17.943 8.128   -14.909 1.00 28.81 ? 271 HOH C O     1 
HETATM 1266 O O     . HOH H 3 .  ? -3.167  3.804   -7.759  1.00 23.22 ? 272 HOH C O     1 
HETATM 1267 O O     . HOH H 3 .  ? 7.797   2.642   17.766  1.00 28.36 ? 273 HOH C O     1 
HETATM 1268 O O     . HOH H 3 .  ? 3.666   2.172   -14.097 1.00 28.97 ? 274 HOH C O     1 
HETATM 1269 O O     . HOH H 3 .  ? -4.566  -3.631  13.706  1.00 27.95 ? 275 HOH C O     1 
HETATM 1270 O O     . HOH H 3 .  ? 12.517  -0.121  9.277   1.00 31.82 ? 276 HOH C O     1 
HETATM 1271 O O     . HOH H 3 .  ? 11.953  -16.883 4.861   1.00 46.32 ? 277 HOH C O     1 
HETATM 1272 O O     . HOH H 3 .  ? -6.103  -1.604  -11.156 1.00 40.84 ? 278 HOH C O     1 
HETATM 1273 O O     . HOH H 3 .  ? -9.508  7.655   6.396   1.00 34.23 ? 279 HOH C O     1 
HETATM 1274 O O     . HOH H 3 .  ? 1.278   2.380   -13.982 1.00 27.17 ? 280 HOH C O     1 
HETATM 1275 O O     . HOH H 3 .  ? 18.274  -7.609  11.174  1.00 40.92 ? 281 HOH C O     1 
HETATM 1276 O O     . HOH H 3 .  ? -10.334 1.129   -14.524 1.00 35.22 ? 282 HOH C O     1 
HETATM 1277 O O     . HOH H 3 .  ? -2.328  -7.527  7.671   1.00 42.44 ? 283 HOH C O     1 
HETATM 1278 O O     . HOH H 3 .  ? -9.921  8.967   -14.787 1.00 28.57 ? 284 HOH C O     1 
HETATM 1279 O O     . HOH H 3 .  ? 11.040  -19.155 3.039   1.00 33.27 ? 285 HOH C O     1 
HETATM 1280 O O     . HOH H 3 .  ? -22.049 12.037  -14.915 1.00 31.59 ? 286 HOH C O     1 
HETATM 1281 O O     . HOH H 3 .  ? 9.322   -2.296  28.633  1.00 34.06 ? 287 HOH C O     1 
HETATM 1282 O O     . HOH H 3 .  ? 13.262  -2.244  25.790  1.00 30.89 ? 288 HOH C O     1 
HETATM 1283 O O     . HOH H 3 .  ? -2.035  9.088   5.260   1.00 28.02 ? 289 HOH C O     1 
HETATM 1284 O O     . HOH H 3 .  ? 11.209  -16.666 -2.656  1.00 32.39 ? 290 HOH C O     1 
HETATM 1285 O O     . HOH H 3 .  ? 3.410   9.704   2.263   1.00 32.44 ? 291 HOH C O     1 
HETATM 1286 O O     . HOH H 3 .  ? 4.731   1.001   -16.500 1.00 53.85 ? 292 HOH C O     1 
HETATM 1287 O O     . HOH H 3 .  ? -11.659 2.597   1.406   1.00 32.95 ? 293 HOH C O     1 
HETATM 1288 O O     . HOH H 3 .  ? 10.712  -13.633 5.283   1.00 45.34 ? 294 HOH C O     1 
HETATM 1289 O O     . HOH H 3 .  ? 6.485   6.974   4.671   1.00 31.29 ? 295 HOH C O     1 
HETATM 1290 O O     . HOH H 3 .  ? -0.954  1.395   -13.718 1.00 28.58 ? 296 HOH C O     1 
HETATM 1291 O O     . HOH H 3 .  ? 12.036  4.887   13.311  1.00 54.24 ? 297 HOH C O     1 
HETATM 1292 O O     . HOH H 3 .  ? -12.263 9.557   -13.258 1.00 32.89 ? 298 HOH C O     1 
HETATM 1293 O O     . HOH H 3 .  ? -6.413  8.435   -25.006 1.00 23.51 ? 299 HOH C O     1 
HETATM 1294 O O     . HOH H 3 .  ? 14.401  -9.547  23.652  1.00 28.49 ? 300 HOH C O     1 
HETATM 1295 O O     . HOH H 3 .  ? -14.271 1.056   -21.504 1.00 30.90 ? 301 HOH C O     1 
# 
loop_
_pdbx_poly_seq_scheme.asym_id 
_pdbx_poly_seq_scheme.entity_id 
_pdbx_poly_seq_scheme.seq_id 
_pdbx_poly_seq_scheme.mon_id 
_pdbx_poly_seq_scheme.ndb_seq_num 
_pdbx_poly_seq_scheme.pdb_seq_num 
_pdbx_poly_seq_scheme.auth_seq_num 
_pdbx_poly_seq_scheme.pdb_mon_id 
_pdbx_poly_seq_scheme.auth_mon_id 
_pdbx_poly_seq_scheme.pdb_strand_id 
_pdbx_poly_seq_scheme.pdb_ins_code 
_pdbx_poly_seq_scheme.hetero 
A 1 1  U 1  1  ?  ? ? B . n 
A 1 2  U 2  2  2  U U B . n 
A 1 3  G 3  3  3  G G B . n 
A 1 4  C 4  4  4  C C B . n 
A 1 5  G 5  5  5  G G B . n 
A 1 6  U 6  6  6  U U B . n 
A 1 7  C 7  7  7  C C B . n 
A 1 8  G 8  8  8  G G B . n 
A 1 9  U 9  9  9  U U B . n 
A 1 10 U 10 10 10 U U B . n 
A 1 11 C 11 11 11 C C B . n 
A 1 12 C 12 12 12 C C B . n 
A 1 13 G 13 13 13 G G B . n 
A 1 14 G 14 14 14 G G B . n 
A 1 15 A 15 15 15 A A B . n 
A 1 16 A 16 16 16 A A B . n 
A 1 17 A 17 17 17 A A B . n 
A 1 18 A 18 18 18 A A B . n 
A 1 19 G 19 19 19 G G B . n 
A 1 20 U 20 20 20 U U B . n 
A 1 21 C 21 21 21 C C B . n 
A 1 22 G 22 22 22 G G B . n 
A 1 23 C 23 23 23 C C B . n 
B 1 1  U 1  1  ?  ? ? C . n 
B 1 2  U 2  2  2  U U C . n 
B 1 3  G 3  3  3  G G C . n 
B 1 4  C 4  4  4  C C C . n 
B 1 5  G 5  5  5  G G C . n 
B 1 6  U 6  6  6  U U C . n 
B 1 7  C 7  7  7  C C C . n 
B 1 8  G 8  8  8  G G C . n 
B 1 9  U 9  9  9  U U C . n 
B 1 10 U 10 10 10 U U C . n 
B 1 11 C 11 11 11 C C C . n 
B 1 12 C 12 12 12 C C C . n 
B 1 13 G 13 13 13 G G C . n 
B 1 14 G 14 14 14 G G C . n 
B 1 15 A 15 15 15 A A C . n 
B 1 16 A 16 16 16 A A C . n 
B 1 17 A 17 17 17 A A C . n 
B 1 18 A 18 18 18 A A C . n 
B 1 19 G 19 19 19 G G C . n 
B 1 20 U 20 20 20 U U C . n 
B 1 21 C 21 21 21 C C C . n 
B 1 22 G 22 22 22 G G C . n 
B 1 23 C 23 23 23 C C C . n 
# 
loop_
_pdbx_nonpoly_scheme.asym_id 
_pdbx_nonpoly_scheme.entity_id 
_pdbx_nonpoly_scheme.mon_id 
_pdbx_nonpoly_scheme.ndb_seq_num 
_pdbx_nonpoly_scheme.pdb_seq_num 
_pdbx_nonpoly_scheme.auth_seq_num 
_pdbx_nonpoly_scheme.pdb_mon_id 
_pdbx_nonpoly_scheme.auth_mon_id 
_pdbx_nonpoly_scheme.pdb_strand_id 
_pdbx_nonpoly_scheme.pdb_ins_code 
C 2 AM2 1   101 51  AM2 AM2 B . 
D 2 AM2 1   102 54  AM2 AM2 B . 
E 2 AM2 1   101 52  AM2 AM2 C . 
F 2 AM2 1   102 53  AM2 AM2 C . 
G 3 HOH 1   201 3   HOH HOH B . 
G 3 HOH 2   202 6   HOH HOH B . 
G 3 HOH 3   203 8   HOH HOH B . 
G 3 HOH 4   204 10  HOH HOH B . 
G 3 HOH 5   205 11  HOH HOH B . 
G 3 HOH 6   206 15  HOH HOH B . 
G 3 HOH 7   207 19  HOH HOH B . 
G 3 HOH 8   208 22  HOH HOH B . 
G 3 HOH 9   209 24  HOH HOH B . 
G 3 HOH 10  210 25  HOH HOH B . 
G 3 HOH 11  211 26  HOH HOH B . 
G 3 HOH 12  212 27  HOH HOH B . 
G 3 HOH 13  213 30  HOH HOH B . 
G 3 HOH 14  214 32  HOH HOH B . 
G 3 HOH 15  215 34  HOH HOH B . 
G 3 HOH 16  216 35  HOH HOH B . 
G 3 HOH 17  217 37  HOH HOH B . 
G 3 HOH 18  218 38  HOH HOH B . 
G 3 HOH 19  219 40  HOH HOH B . 
G 3 HOH 20  220 41  HOH HOH B . 
G 3 HOH 21  221 44  HOH HOH B . 
G 3 HOH 22  222 46  HOH HOH B . 
G 3 HOH 23  223 48  HOH HOH B . 
G 3 HOH 24  224 49  HOH HOH B . 
G 3 HOH 25  225 52  HOH HOH B . 
G 3 HOH 26  226 56  HOH HOH B . 
G 3 HOH 27  227 57  HOH HOH B . 
G 3 HOH 28  228 59  HOH HOH B . 
G 3 HOH 29  229 61  HOH HOH B . 
G 3 HOH 30  230 62  HOH HOH B . 
G 3 HOH 31  231 67  HOH HOH B . 
G 3 HOH 32  232 68  HOH HOH B . 
G 3 HOH 33  233 69  HOH HOH B . 
G 3 HOH 34  234 71  HOH HOH B . 
G 3 HOH 35  235 75  HOH HOH B . 
G 3 HOH 36  236 77  HOH HOH B . 
G 3 HOH 37  237 78  HOH HOH B . 
G 3 HOH 38  238 79  HOH HOH B . 
G 3 HOH 39  239 80  HOH HOH B . 
G 3 HOH 40  240 81  HOH HOH B . 
G 3 HOH 41  241 83  HOH HOH B . 
G 3 HOH 42  242 87  HOH HOH B . 
G 3 HOH 43  243 90  HOH HOH B . 
G 3 HOH 44  244 93  HOH HOH B . 
G 3 HOH 45  245 97  HOH HOH B . 
G 3 HOH 46  246 98  HOH HOH B . 
G 3 HOH 47  247 99  HOH HOH B . 
G 3 HOH 48  248 101 HOH HOH B . 
G 3 HOH 49  249 102 HOH HOH B . 
G 3 HOH 50  250 104 HOH HOH B . 
G 3 HOH 51  251 105 HOH HOH B . 
G 3 HOH 52  252 107 HOH HOH B . 
G 3 HOH 53  253 108 HOH HOH B . 
G 3 HOH 54  254 109 HOH HOH B . 
G 3 HOH 55  255 110 HOH HOH B . 
G 3 HOH 56  256 115 HOH HOH B . 
G 3 HOH 57  257 117 HOH HOH B . 
G 3 HOH 58  258 119 HOH HOH B . 
G 3 HOH 59  259 120 HOH HOH B . 
G 3 HOH 60  260 121 HOH HOH B . 
G 3 HOH 61  261 123 HOH HOH B . 
G 3 HOH 62  262 125 HOH HOH B . 
G 3 HOH 63  263 128 HOH HOH B . 
G 3 HOH 64  264 129 HOH HOH B . 
G 3 HOH 65  265 130 HOH HOH B . 
G 3 HOH 66  266 131 HOH HOH B . 
G 3 HOH 67  267 133 HOH HOH B . 
G 3 HOH 68  268 134 HOH HOH B . 
G 3 HOH 69  269 136 HOH HOH B . 
G 3 HOH 70  270 139 HOH HOH B . 
G 3 HOH 71  271 141 HOH HOH B . 
G 3 HOH 72  272 145 HOH HOH B . 
G 3 HOH 73  273 146 HOH HOH B . 
G 3 HOH 74  274 149 HOH HOH B . 
G 3 HOH 75  275 151 HOH HOH B . 
G 3 HOH 76  276 152 HOH HOH B . 
G 3 HOH 77  277 155 HOH HOH B . 
G 3 HOH 78  278 158 HOH HOH B . 
G 3 HOH 79  279 160 HOH HOH B . 
G 3 HOH 80  280 161 HOH HOH B . 
G 3 HOH 81  281 162 HOH HOH B . 
G 3 HOH 82  282 165 HOH HOH B . 
G 3 HOH 83  283 166 HOH HOH B . 
G 3 HOH 84  284 167 HOH HOH B . 
G 3 HOH 85  285 168 HOH HOH B . 
G 3 HOH 86  286 170 HOH HOH B . 
G 3 HOH 87  287 171 HOH HOH B . 
G 3 HOH 88  288 172 HOH HOH B . 
G 3 HOH 89  289 173 HOH HOH B . 
G 3 HOH 90  290 174 HOH HOH B . 
G 3 HOH 91  291 177 HOH HOH B . 
G 3 HOH 92  292 178 HOH HOH B . 
G 3 HOH 93  293 183 HOH HOH B . 
G 3 HOH 94  294 185 HOH HOH B . 
G 3 HOH 95  295 186 HOH HOH B . 
G 3 HOH 96  296 189 HOH HOH B . 
G 3 HOH 97  297 190 HOH HOH B . 
G 3 HOH 98  298 192 HOH HOH B . 
G 3 HOH 99  299 194 HOH HOH B . 
G 3 HOH 100 300 195 HOH HOH B . 
G 3 HOH 101 301 197 HOH HOH B . 
G 3 HOH 102 302 199 HOH HOH B . 
G 3 HOH 103 303 201 HOH HOH B . 
G 3 HOH 104 304 202 HOH HOH B . 
G 3 HOH 105 305 204 HOH HOH B . 
G 3 HOH 106 306 208 HOH HOH B . 
G 3 HOH 107 307 209 HOH HOH B . 
G 3 HOH 108 308 1   HOH HOH B . 
H 3 HOH 1   201 2   HOH HOH C . 
H 3 HOH 2   202 12  HOH HOH C . 
H 3 HOH 3   203 4   HOH HOH C . 
H 3 HOH 4   204 5   HOH HOH C . 
H 3 HOH 5   205 7   HOH HOH C . 
H 3 HOH 6   206 9   HOH HOH C . 
H 3 HOH 7   207 13  HOH HOH C . 
H 3 HOH 8   208 14  HOH HOH C . 
H 3 HOH 9   209 16  HOH HOH C . 
H 3 HOH 10  210 17  HOH HOH C . 
H 3 HOH 11  211 18  HOH HOH C . 
H 3 HOH 12  212 20  HOH HOH C . 
H 3 HOH 13  213 21  HOH HOH C . 
H 3 HOH 14  214 23  HOH HOH C . 
H 3 HOH 15  215 28  HOH HOH C . 
H 3 HOH 16  216 29  HOH HOH C . 
H 3 HOH 17  217 31  HOH HOH C . 
H 3 HOH 18  218 33  HOH HOH C . 
H 3 HOH 19  219 36  HOH HOH C . 
H 3 HOH 20  220 39  HOH HOH C . 
H 3 HOH 21  221 42  HOH HOH C . 
H 3 HOH 22  222 43  HOH HOH C . 
H 3 HOH 23  223 45  HOH HOH C . 
H 3 HOH 24  224 47  HOH HOH C . 
H 3 HOH 25  225 50  HOH HOH C . 
H 3 HOH 26  226 51  HOH HOH C . 
H 3 HOH 27  227 53  HOH HOH C . 
H 3 HOH 28  228 54  HOH HOH C . 
H 3 HOH 29  229 55  HOH HOH C . 
H 3 HOH 30  230 58  HOH HOH C . 
H 3 HOH 31  231 60  HOH HOH C . 
H 3 HOH 32  232 63  HOH HOH C . 
H 3 HOH 33  233 64  HOH HOH C . 
H 3 HOH 34  234 65  HOH HOH C . 
H 3 HOH 35  235 66  HOH HOH C . 
H 3 HOH 36  236 70  HOH HOH C . 
H 3 HOH 37  237 72  HOH HOH C . 
H 3 HOH 38  238 73  HOH HOH C . 
H 3 HOH 39  239 74  HOH HOH C . 
H 3 HOH 40  240 76  HOH HOH C . 
H 3 HOH 41  241 82  HOH HOH C . 
H 3 HOH 42  242 84  HOH HOH C . 
H 3 HOH 43  243 85  HOH HOH C . 
H 3 HOH 44  244 86  HOH HOH C . 
H 3 HOH 45  245 88  HOH HOH C . 
H 3 HOH 46  246 89  HOH HOH C . 
H 3 HOH 47  247 91  HOH HOH C . 
H 3 HOH 48  248 92  HOH HOH C . 
H 3 HOH 49  249 94  HOH HOH C . 
H 3 HOH 50  250 95  HOH HOH C . 
H 3 HOH 51  251 96  HOH HOH C . 
H 3 HOH 52  252 100 HOH HOH C . 
H 3 HOH 53  253 103 HOH HOH C . 
H 3 HOH 54  254 106 HOH HOH C . 
H 3 HOH 55  255 111 HOH HOH C . 
H 3 HOH 56  256 112 HOH HOH C . 
H 3 HOH 57  257 113 HOH HOH C . 
H 3 HOH 58  258 114 HOH HOH C . 
H 3 HOH 59  259 116 HOH HOH C . 
H 3 HOH 60  260 118 HOH HOH C . 
H 3 HOH 61  261 122 HOH HOH C . 
H 3 HOH 62  262 124 HOH HOH C . 
H 3 HOH 63  263 126 HOH HOH C . 
H 3 HOH 64  264 127 HOH HOH C . 
H 3 HOH 65  265 132 HOH HOH C . 
H 3 HOH 66  266 135 HOH HOH C . 
H 3 HOH 67  267 137 HOH HOH C . 
H 3 HOH 68  268 138 HOH HOH C . 
H 3 HOH 69  269 140 HOH HOH C . 
H 3 HOH 70  270 142 HOH HOH C . 
H 3 HOH 71  271 143 HOH HOH C . 
H 3 HOH 72  272 144 HOH HOH C . 
H 3 HOH 73  273 147 HOH HOH C . 
H 3 HOH 74  274 148 HOH HOH C . 
H 3 HOH 75  275 150 HOH HOH C . 
H 3 HOH 76  276 153 HOH HOH C . 
H 3 HOH 77  277 154 HOH HOH C . 
H 3 HOH 78  278 156 HOH HOH C . 
H 3 HOH 79  279 157 HOH HOH C . 
H 3 HOH 80  280 159 HOH HOH C . 
H 3 HOH 81  281 163 HOH HOH C . 
H 3 HOH 82  282 164 HOH HOH C . 
H 3 HOH 83  283 169 HOH HOH C . 
H 3 HOH 84  284 175 HOH HOH C . 
H 3 HOH 85  285 176 HOH HOH C . 
H 3 HOH 86  286 179 HOH HOH C . 
H 3 HOH 87  287 180 HOH HOH C . 
H 3 HOH 88  288 181 HOH HOH C . 
H 3 HOH 89  289 182 HOH HOH C . 
H 3 HOH 90  290 184 HOH HOH C . 
H 3 HOH 91  291 187 HOH HOH C . 
H 3 HOH 92  292 188 HOH HOH C . 
H 3 HOH 93  293 191 HOH HOH C . 
H 3 HOH 94  294 193 HOH HOH C . 
H 3 HOH 95  295 196 HOH HOH C . 
H 3 HOH 96  296 198 HOH HOH C . 
H 3 HOH 97  297 200 HOH HOH C . 
H 3 HOH 98  298 203 HOH HOH C . 
H 3 HOH 99  299 205 HOH HOH C . 
H 3 HOH 100 300 206 HOH HOH C . 
H 3 HOH 101 301 207 HOH HOH C . 
# 
_pdbx_struct_assembly.id                   1 
_pdbx_struct_assembly.details              author_and_software_defined_assembly 
_pdbx_struct_assembly.method_details       PISA 
_pdbx_struct_assembly.oligomeric_details   dimeric 
_pdbx_struct_assembly.oligomeric_count     2 
# 
_pdbx_struct_assembly_gen.assembly_id       1 
_pdbx_struct_assembly_gen.oper_expression   1 
_pdbx_struct_assembly_gen.asym_id_list      A,B,C,D,E,F,G,H 
# 
loop_
_pdbx_struct_assembly_prop.biol_id 
_pdbx_struct_assembly_prop.type 
_pdbx_struct_assembly_prop.value 
_pdbx_struct_assembly_prop.details 
1 'ABSA (A^2)' 5040 ? 
1 MORE         -63  ? 
1 'SSA (A^2)'  8260 ? 
# 
_pdbx_struct_oper_list.id                   1 
_pdbx_struct_oper_list.type                 'identity operation' 
_pdbx_struct_oper_list.name                 1_555 
_pdbx_struct_oper_list.symmetry_operation   x,y,z 
_pdbx_struct_oper_list.matrix[1][1]         1.0000000000 
_pdbx_struct_oper_list.matrix[1][2]         0.0000000000 
_pdbx_struct_oper_list.matrix[1][3]         0.0000000000 
_pdbx_struct_oper_list.vector[1]            0.0000000000 
_pdbx_struct_oper_list.matrix[2][1]         0.0000000000 
_pdbx_struct_oper_list.matrix[2][2]         1.0000000000 
_pdbx_struct_oper_list.matrix[2][3]         0.0000000000 
_pdbx_struct_oper_list.vector[2]            0.0000000000 
_pdbx_struct_oper_list.matrix[3][1]         0.0000000000 
_pdbx_struct_oper_list.matrix[3][2]         0.0000000000 
_pdbx_struct_oper_list.matrix[3][3]         1.0000000000 
_pdbx_struct_oper_list.vector[3]            0.0000000000 
# 
loop_
_pdbx_audit_revision_history.ordinal 
_pdbx_audit_revision_history.data_content_type 
_pdbx_audit_revision_history.major_revision 
_pdbx_audit_revision_history.minor_revision 
_pdbx_audit_revision_history.revision_date 
1 'Structure model' 1 0 2013-07-31 
2 'Structure model' 1 1 2013-09-04 
3 'Structure model' 1 2 2023-09-20 
# 
_pdbx_audit_revision_details.ordinal             1 
_pdbx_audit_revision_details.revision_ordinal    1 
_pdbx_audit_revision_details.data_content_type   'Structure model' 
_pdbx_audit_revision_details.provider            repository 
_pdbx_audit_revision_details.type                'Initial release' 
_pdbx_audit_revision_details.description         ? 
_pdbx_audit_revision_details.details             ? 
# 
loop_
_pdbx_audit_revision_group.ordinal 
_pdbx_audit_revision_group.revision_ordinal 
_pdbx_audit_revision_group.data_content_type 
_pdbx_audit_revision_group.group 
1 2 'Structure model' 'Database references'    
2 3 'Structure model' 'Data collection'        
3 3 'Structure model' 'Database references'    
4 3 'Structure model' 'Derived calculations'   
5 3 'Structure model' 'Refinement description' 
6 3 'Structure model' 'Structure summary'      
# 
loop_
_pdbx_audit_revision_category.ordinal 
_pdbx_audit_revision_category.revision_ordinal 
_pdbx_audit_revision_category.data_content_type 
_pdbx_audit_revision_category.category 
1 3 'Structure model' chem_comp                     
2 3 'Structure model' chem_comp_atom                
3 3 'Structure model' chem_comp_bond                
4 3 'Structure model' database_2                    
5 3 'Structure model' pdbx_initial_refinement_model 
6 3 'Structure model' struct_site                   
# 
loop_
_pdbx_audit_revision_item.ordinal 
_pdbx_audit_revision_item.revision_ordinal 
_pdbx_audit_revision_item.data_content_type 
_pdbx_audit_revision_item.item 
1 3 'Structure model' '_chem_comp.pdbx_synonyms'            
2 3 'Structure model' '_database_2.pdbx_DOI'                
3 3 'Structure model' '_database_2.pdbx_database_accession' 
4 3 'Structure model' '_struct_site.pdbx_auth_asym_id'      
5 3 'Structure model' '_struct_site.pdbx_auth_comp_id'      
6 3 'Structure model' '_struct_site.pdbx_auth_seq_id'       
# 
_software.name             PHENIX 
_software.classification   refinement 
_software.version          '(phenix.refine: 1.6.1_357)' 
_software.citation_id      ? 
_software.pdbx_ordinal     1 
# 
loop_
_pdbx_unobs_or_zero_occ_residues.id 
_pdbx_unobs_or_zero_occ_residues.PDB_model_num 
_pdbx_unobs_or_zero_occ_residues.polymer_flag 
_pdbx_unobs_or_zero_occ_residues.occupancy_flag 
_pdbx_unobs_or_zero_occ_residues.auth_asym_id 
_pdbx_unobs_or_zero_occ_residues.auth_comp_id 
_pdbx_unobs_or_zero_occ_residues.auth_seq_id 
_pdbx_unobs_or_zero_occ_residues.PDB_ins_code 
_pdbx_unobs_or_zero_occ_residues.label_asym_id 
_pdbx_unobs_or_zero_occ_residues.label_comp_id 
_pdbx_unobs_or_zero_occ_residues.label_seq_id 
1 1 Y 1 B U 1 ? A U 1 
2 1 Y 1 C U 1 ? B U 1 
# 
loop_
_chem_comp_atom.comp_id 
_chem_comp_atom.atom_id 
_chem_comp_atom.type_symbol 
_chem_comp_atom.pdbx_aromatic_flag 
_chem_comp_atom.pdbx_stereo_config 
_chem_comp_atom.pdbx_ordinal 
A   OP3    O N N 1   
A   P      P N N 2   
A   OP1    O N N 3   
A   OP2    O N N 4   
A   "O5'"  O N N 5   
A   "C5'"  C N N 6   
A   "C4'"  C N R 7   
A   "O4'"  O N N 8   
A   "C3'"  C N S 9   
A   "O3'"  O N N 10  
A   "C2'"  C N R 11  
A   "O2'"  O N N 12  
A   "C1'"  C N R 13  
A   N9     N Y N 14  
A   C8     C Y N 15  
A   N7     N Y N 16  
A   C5     C Y N 17  
A   C6     C Y N 18  
A   N6     N N N 19  
A   N1     N Y N 20  
A   C2     C Y N 21  
A   N3     N Y N 22  
A   C4     C Y N 23  
A   HOP3   H N N 24  
A   HOP2   H N N 25  
A   "H5'"  H N N 26  
A   "H5''" H N N 27  
A   "H4'"  H N N 28  
A   "H3'"  H N N 29  
A   "HO3'" H N N 30  
A   "H2'"  H N N 31  
A   "HO2'" H N N 32  
A   "H1'"  H N N 33  
A   H8     H N N 34  
A   H61    H N N 35  
A   H62    H N N 36  
A   H2     H N N 37  
AM2 CA1    C N S 38  
AM2 CA2    C N R 39  
AM2 CA3    C N N 40  
AM2 CA4    C N S 41  
AM2 CA5    C N R 42  
AM2 CA6    C N R 43  
AM2 CA7    C N S 44  
AM2 CA8    C N R 45  
AM2 CA9    C N N 46  
AM2 OA4    O N N 47  
AM2 OA5    O N N 48  
AM2 NA2    N N N 49  
AM2 NA7    N N N 50  
AM2 OA6    O N N 51  
AM2 OA8    O N N 52  
AM2 OA1    O N N 53  
AM2 CB1    C N R 54  
AM2 CB2    C N R 55  
AM2 CB3    C N S 56  
AM2 CB4    C N S 57  
AM2 CB5    C N S 58  
AM2 CB6    C N N 59  
AM2 OB1    O N N 60  
AM2 NB4    N N N 61  
AM2 OB2    O N N 62  
AM2 OB3    O N N 63  
AM2 OB6    O N N 64  
AM2 CC1    C N R 65  
AM2 CC2    C N R 66  
AM2 CC3    C N S 67  
AM2 CC4    C N R 68  
AM2 CC5    C N N 69  
AM2 CC6    C N S 70  
AM2 NC4    N N N 71  
AM2 NC6    N N N 72  
AM2 OC2    O N N 73  
AM2 OC3    O N N 74  
AM2 HA1    H N N 75  
AM2 HA2    H N N 76  
AM2 HA31   H N N 77  
AM2 HA32   H N N 78  
AM2 HA4    H N N 79  
AM2 HA5    H N N 80  
AM2 HA6    H N N 81  
AM2 HA7    H N N 82  
AM2 HA8    H N N 83  
AM2 HA91   H N N 84  
AM2 HA92   H N N 85  
AM2 HA93   H N N 86  
AM2 HA21   H N N 87  
AM2 HA22   H N N 88  
AM2 H2     H N N 89  
AM2 H1     H N N 90  
AM2 HB1    H N N 91  
AM2 HB2    H N N 92  
AM2 HB3    H N N 93  
AM2 HB4    H N N 94  
AM2 HB5    H N N 95  
AM2 HB61   H N N 96  
AM2 HB62   H N N 97  
AM2 HB41   H N N 98  
AM2 HB42   H N N 99  
AM2 H5     H N N 100 
AM2 H6     H N N 101 
AM2 HB6    H N N 102 
AM2 HC1    H N N 103 
AM2 HC2    H N N 104 
AM2 HC3    H N N 105 
AM2 HC4    H N N 106 
AM2 HC51   H N N 107 
AM2 HC52   H N N 108 
AM2 HC6    H N N 109 
AM2 HC41   H N N 110 
AM2 HC42   H N N 111 
AM2 HC61   H N N 112 
AM2 HC62   H N N 113 
AM2 H3     H N N 114 
AM2 H4     H N N 115 
C   OP3    O N N 116 
C   P      P N N 117 
C   OP1    O N N 118 
C   OP2    O N N 119 
C   "O5'"  O N N 120 
C   "C5'"  C N N 121 
C   "C4'"  C N R 122 
C   "O4'"  O N N 123 
C   "C3'"  C N S 124 
C   "O3'"  O N N 125 
C   "C2'"  C N R 126 
C   "O2'"  O N N 127 
C   "C1'"  C N R 128 
C   N1     N N N 129 
C   C2     C N N 130 
C   O2     O N N 131 
C   N3     N N N 132 
C   C4     C N N 133 
C   N4     N N N 134 
C   C5     C N N 135 
C   C6     C N N 136 
C   HOP3   H N N 137 
C   HOP2   H N N 138 
C   "H5'"  H N N 139 
C   "H5''" H N N 140 
C   "H4'"  H N N 141 
C   "H3'"  H N N 142 
C   "HO3'" H N N 143 
C   "H2'"  H N N 144 
C   "HO2'" H N N 145 
C   "H1'"  H N N 146 
C   H41    H N N 147 
C   H42    H N N 148 
C   H5     H N N 149 
C   H6     H N N 150 
G   OP3    O N N 151 
G   P      P N N 152 
G   OP1    O N N 153 
G   OP2    O N N 154 
G   "O5'"  O N N 155 
G   "C5'"  C N N 156 
G   "C4'"  C N R 157 
G   "O4'"  O N N 158 
G   "C3'"  C N S 159 
G   "O3'"  O N N 160 
G   "C2'"  C N R 161 
G   "O2'"  O N N 162 
G   "C1'"  C N R 163 
G   N9     N Y N 164 
G   C8     C Y N 165 
G   N7     N Y N 166 
G   C5     C Y N 167 
G   C6     C N N 168 
G   O6     O N N 169 
G   N1     N N N 170 
G   C2     C N N 171 
G   N2     N N N 172 
G   N3     N N N 173 
G   C4     C Y N 174 
G   HOP3   H N N 175 
G   HOP2   H N N 176 
G   "H5'"  H N N 177 
G   "H5''" H N N 178 
G   "H4'"  H N N 179 
G   "H3'"  H N N 180 
G   "HO3'" H N N 181 
G   "H2'"  H N N 182 
G   "HO2'" H N N 183 
G   "H1'"  H N N 184 
G   H8     H N N 185 
G   H1     H N N 186 
G   H21    H N N 187 
G   H22    H N N 188 
HOH O      O N N 189 
HOH H1     H N N 190 
HOH H2     H N N 191 
U   OP3    O N N 192 
U   P      P N N 193 
U   OP1    O N N 194 
U   OP2    O N N 195 
U   "O5'"  O N N 196 
U   "C5'"  C N N 197 
U   "C4'"  C N R 198 
U   "O4'"  O N N 199 
U   "C3'"  C N S 200 
U   "O3'"  O N N 201 
U   "C2'"  C N R 202 
U   "O2'"  O N N 203 
U   "C1'"  C N R 204 
U   N1     N N N 205 
U   C2     C N N 206 
U   O2     O N N 207 
U   N3     N N N 208 
U   C4     C N N 209 
U   O4     O N N 210 
U   C5     C N N 211 
U   C6     C N N 212 
U   HOP3   H N N 213 
U   HOP2   H N N 214 
U   "H5'"  H N N 215 
U   "H5''" H N N 216 
U   "H4'"  H N N 217 
U   "H3'"  H N N 218 
U   "HO3'" H N N 219 
U   "H2'"  H N N 220 
U   "HO2'" H N N 221 
U   "H1'"  H N N 222 
U   H3     H N N 223 
U   H5     H N N 224 
U   H6     H N N 225 
# 
loop_
_chem_comp_bond.comp_id 
_chem_comp_bond.atom_id_1 
_chem_comp_bond.atom_id_2 
_chem_comp_bond.value_order 
_chem_comp_bond.pdbx_aromatic_flag 
_chem_comp_bond.pdbx_stereo_config 
_chem_comp_bond.pdbx_ordinal 
A   OP3   P      sing N N 1   
A   OP3   HOP3   sing N N 2   
A   P     OP1    doub N N 3   
A   P     OP2    sing N N 4   
A   P     "O5'"  sing N N 5   
A   OP2   HOP2   sing N N 6   
A   "O5'" "C5'"  sing N N 7   
A   "C5'" "C4'"  sing N N 8   
A   "C5'" "H5'"  sing N N 9   
A   "C5'" "H5''" sing N N 10  
A   "C4'" "O4'"  sing N N 11  
A   "C4'" "C3'"  sing N N 12  
A   "C4'" "H4'"  sing N N 13  
A   "O4'" "C1'"  sing N N 14  
A   "C3'" "O3'"  sing N N 15  
A   "C3'" "C2'"  sing N N 16  
A   "C3'" "H3'"  sing N N 17  
A   "O3'" "HO3'" sing N N 18  
A   "C2'" "O2'"  sing N N 19  
A   "C2'" "C1'"  sing N N 20  
A   "C2'" "H2'"  sing N N 21  
A   "O2'" "HO2'" sing N N 22  
A   "C1'" N9     sing N N 23  
A   "C1'" "H1'"  sing N N 24  
A   N9    C8     sing Y N 25  
A   N9    C4     sing Y N 26  
A   C8    N7     doub Y N 27  
A   C8    H8     sing N N 28  
A   N7    C5     sing Y N 29  
A   C5    C6     sing Y N 30  
A   C5    C4     doub Y N 31  
A   C6    N6     sing N N 32  
A   C6    N1     doub Y N 33  
A   N6    H61    sing N N 34  
A   N6    H62    sing N N 35  
A   N1    C2     sing Y N 36  
A   C2    N3     doub Y N 37  
A   C2    H2     sing N N 38  
A   N3    C4     sing Y N 39  
AM2 CA1   CA2    sing N N 40  
AM2 CA1   OA4    sing N N 41  
AM2 CA1   OA1    sing N N 42  
AM2 CA1   HA1    sing N N 43  
AM2 CA2   CA3    sing N N 44  
AM2 CA2   NA2    sing N N 45  
AM2 CA2   HA2    sing N N 46  
AM2 CA3   CA4    sing N N 47  
AM2 CA3   HA31   sing N N 48  
AM2 CA3   HA32   sing N N 49  
AM2 CA4   CA5    sing N N 50  
AM2 CA4   OA5    sing N N 51  
AM2 CA4   HA4    sing N N 52  
AM2 CA5   CA6    sing N N 53  
AM2 CA5   OA4    sing N N 54  
AM2 CA5   HA5    sing N N 55  
AM2 CA6   CA7    sing N N 56  
AM2 CA6   OA6    sing N N 57  
AM2 CA6   HA6    sing N N 58  
AM2 CA7   CA8    sing N N 59  
AM2 CA7   NA7    sing N N 60  
AM2 CA7   HA7    sing N N 61  
AM2 CA8   OA5    sing N N 62  
AM2 CA8   OA8    sing N N 63  
AM2 CA8   HA8    sing N N 64  
AM2 CA9   NA7    sing N N 65  
AM2 CA9   HA91   sing N N 66  
AM2 CA9   HA92   sing N N 67  
AM2 CA9   HA93   sing N N 68  
AM2 NA2   HA21   sing N N 69  
AM2 NA2   HA22   sing N N 70  
AM2 NA7   H2     sing N N 71  
AM2 OA6   H1     sing N N 72  
AM2 OA8   CB1    sing N N 73  
AM2 OA1   CC1    sing N N 74  
AM2 CB1   CB2    sing N N 75  
AM2 CB1   OB1    sing N N 76  
AM2 CB1   HB1    sing N N 77  
AM2 CB2   CB3    sing N N 78  
AM2 CB2   OB2    sing N N 79  
AM2 CB2   HB2    sing N N 80  
AM2 CB3   CB4    sing N N 81  
AM2 CB3   OB3    sing N N 82  
AM2 CB3   HB3    sing N N 83  
AM2 CB4   CB5    sing N N 84  
AM2 CB4   NB4    sing N N 85  
AM2 CB4   HB4    sing N N 86  
AM2 CB5   CB6    sing N N 87  
AM2 CB5   OB1    sing N N 88  
AM2 CB5   HB5    sing N N 89  
AM2 CB6   OB6    sing N N 90  
AM2 CB6   HB61   sing N N 91  
AM2 CB6   HB62   sing N N 92  
AM2 NB4   HB41   sing N N 93  
AM2 NB4   HB42   sing N N 94  
AM2 OB2   H5     sing N N 95  
AM2 OB3   H6     sing N N 96  
AM2 OB6   HB6    sing N N 97  
AM2 CC1   CC2    sing N N 98  
AM2 CC1   CC6    sing N N 99  
AM2 CC1   HC1    sing N N 100 
AM2 CC2   CC3    sing N N 101 
AM2 CC2   OC2    sing N N 102 
AM2 CC2   HC2    sing N N 103 
AM2 CC3   CC4    sing N N 104 
AM2 CC3   OC3    sing N N 105 
AM2 CC3   HC3    sing N N 106 
AM2 CC4   CC5    sing N N 107 
AM2 CC4   NC4    sing N N 108 
AM2 CC4   HC4    sing N N 109 
AM2 CC5   CC6    sing N N 110 
AM2 CC5   HC51   sing N N 111 
AM2 CC5   HC52   sing N N 112 
AM2 CC6   NC6    sing N N 113 
AM2 CC6   HC6    sing N N 114 
AM2 NC4   HC41   sing N N 115 
AM2 NC4   HC42   sing N N 116 
AM2 NC6   HC61   sing N N 117 
AM2 NC6   HC62   sing N N 118 
AM2 OC2   H3     sing N N 119 
AM2 OC3   H4     sing N N 120 
C   OP3   P      sing N N 121 
C   OP3   HOP3   sing N N 122 
C   P     OP1    doub N N 123 
C   P     OP2    sing N N 124 
C   P     "O5'"  sing N N 125 
C   OP2   HOP2   sing N N 126 
C   "O5'" "C5'"  sing N N 127 
C   "C5'" "C4'"  sing N N 128 
C   "C5'" "H5'"  sing N N 129 
C   "C5'" "H5''" sing N N 130 
C   "C4'" "O4'"  sing N N 131 
C   "C4'" "C3'"  sing N N 132 
C   "C4'" "H4'"  sing N N 133 
C   "O4'" "C1'"  sing N N 134 
C   "C3'" "O3'"  sing N N 135 
C   "C3'" "C2'"  sing N N 136 
C   "C3'" "H3'"  sing N N 137 
C   "O3'" "HO3'" sing N N 138 
C   "C2'" "O2'"  sing N N 139 
C   "C2'" "C1'"  sing N N 140 
C   "C2'" "H2'"  sing N N 141 
C   "O2'" "HO2'" sing N N 142 
C   "C1'" N1     sing N N 143 
C   "C1'" "H1'"  sing N N 144 
C   N1    C2     sing N N 145 
C   N1    C6     sing N N 146 
C   C2    O2     doub N N 147 
C   C2    N3     sing N N 148 
C   N3    C4     doub N N 149 
C   C4    N4     sing N N 150 
C   C4    C5     sing N N 151 
C   N4    H41    sing N N 152 
C   N4    H42    sing N N 153 
C   C5    C6     doub N N 154 
C   C5    H5     sing N N 155 
C   C6    H6     sing N N 156 
G   OP3   P      sing N N 157 
G   OP3   HOP3   sing N N 158 
G   P     OP1    doub N N 159 
G   P     OP2    sing N N 160 
G   P     "O5'"  sing N N 161 
G   OP2   HOP2   sing N N 162 
G   "O5'" "C5'"  sing N N 163 
G   "C5'" "C4'"  sing N N 164 
G   "C5'" "H5'"  sing N N 165 
G   "C5'" "H5''" sing N N 166 
G   "C4'" "O4'"  sing N N 167 
G   "C4'" "C3'"  sing N N 168 
G   "C4'" "H4'"  sing N N 169 
G   "O4'" "C1'"  sing N N 170 
G   "C3'" "O3'"  sing N N 171 
G   "C3'" "C2'"  sing N N 172 
G   "C3'" "H3'"  sing N N 173 
G   "O3'" "HO3'" sing N N 174 
G   "C2'" "O2'"  sing N N 175 
G   "C2'" "C1'"  sing N N 176 
G   "C2'" "H2'"  sing N N 177 
G   "O2'" "HO2'" sing N N 178 
G   "C1'" N9     sing N N 179 
G   "C1'" "H1'"  sing N N 180 
G   N9    C8     sing Y N 181 
G   N9    C4     sing Y N 182 
G   C8    N7     doub Y N 183 
G   C8    H8     sing N N 184 
G   N7    C5     sing Y N 185 
G   C5    C6     sing N N 186 
G   C5    C4     doub Y N 187 
G   C6    O6     doub N N 188 
G   C6    N1     sing N N 189 
G   N1    C2     sing N N 190 
G   N1    H1     sing N N 191 
G   C2    N2     sing N N 192 
G   C2    N3     doub N N 193 
G   N2    H21    sing N N 194 
G   N2    H22    sing N N 195 
G   N3    C4     sing N N 196 
HOH O     H1     sing N N 197 
HOH O     H2     sing N N 198 
U   OP3   P      sing N N 199 
U   OP3   HOP3   sing N N 200 
U   P     OP1    doub N N 201 
U   P     OP2    sing N N 202 
U   P     "O5'"  sing N N 203 
U   OP2   HOP2   sing N N 204 
U   "O5'" "C5'"  sing N N 205 
U   "C5'" "C4'"  sing N N 206 
U   "C5'" "H5'"  sing N N 207 
U   "C5'" "H5''" sing N N 208 
U   "C4'" "O4'"  sing N N 209 
U   "C4'" "C3'"  sing N N 210 
U   "C4'" "H4'"  sing N N 211 
U   "O4'" "C1'"  sing N N 212 
U   "C3'" "O3'"  sing N N 213 
U   "C3'" "C2'"  sing N N 214 
U   "C3'" "H3'"  sing N N 215 
U   "O3'" "HO3'" sing N N 216 
U   "C2'" "O2'"  sing N N 217 
U   "C2'" "C1'"  sing N N 218 
U   "C2'" "H2'"  sing N N 219 
U   "O2'" "HO2'" sing N N 220 
U   "C1'" N1     sing N N 221 
U   "C1'" "H1'"  sing N N 222 
U   N1    C2     sing N N 223 
U   N1    C6     sing N N 224 
U   C2    O2     doub N N 225 
U   C2    N3     sing N N 226 
U   N3    C4     sing N N 227 
U   N3    H3     sing N N 228 
U   C4    O4     doub N N 229 
U   C4    C5     sing N N 230 
U   C5    C6     doub N N 231 
U   C5    H5     sing N N 232 
U   C6    H6     sing N N 233 
# 
loop_
_ndb_struct_conf_na.entry_id 
_ndb_struct_conf_na.feature 
4K31 'double helix'         
4K31 'a-form double helix'  
4K31 'bulge loop'           
4K31 'mismatched base pair' 
# 
loop_
_ndb_struct_na_base_pair.model_number 
_ndb_struct_na_base_pair.i_label_asym_id 
_ndb_struct_na_base_pair.i_label_comp_id 
_ndb_struct_na_base_pair.i_label_seq_id 
_ndb_struct_na_base_pair.i_symmetry 
_ndb_struct_na_base_pair.j_label_asym_id 
_ndb_struct_na_base_pair.j_label_comp_id 
_ndb_struct_na_base_pair.j_label_seq_id 
_ndb_struct_na_base_pair.j_symmetry 
_ndb_struct_na_base_pair.shear 
_ndb_struct_na_base_pair.stretch 
_ndb_struct_na_base_pair.stagger 
_ndb_struct_na_base_pair.buckle 
_ndb_struct_na_base_pair.propeller 
_ndb_struct_na_base_pair.opening 
_ndb_struct_na_base_pair.pair_number 
_ndb_struct_na_base_pair.pair_name 
_ndb_struct_na_base_pair.i_auth_asym_id 
_ndb_struct_na_base_pair.i_auth_seq_id 
_ndb_struct_na_base_pair.i_PDB_ins_code 
_ndb_struct_na_base_pair.j_auth_asym_id 
_ndb_struct_na_base_pair.j_auth_seq_id 
_ndb_struct_na_base_pair.j_PDB_ins_code 
_ndb_struct_na_base_pair.hbond_type_28 
_ndb_struct_na_base_pair.hbond_type_12 
1 A G 3  1_555 B C 23 1_555 -0.174 -0.157 0.082  -2.870  3.569   -0.905  1  B_G3:C23_C  B 3  ? C 23 ? 19 1 
1 A C 4  1_555 B G 22 1_555 0.123  -0.113 -0.014 4.920   -5.312  -0.303  2  B_C4:G22_C  B 4  ? C 22 ? 19 1 
1 A G 5  1_555 B C 21 1_555 -0.135 -0.130 -0.118 -5.027  -18.351 2.575   3  B_G5:C21_C  B 5  ? C 21 ? 19 1 
1 A U 6  1_555 B U 20 1_555 2.477  -1.699 0.219  -1.625  -14.583 6.521   4  B_U6:U20_C  B 6  ? C 20 ? 16 1 
1 A C 7  1_555 B G 19 1_555 0.240  -0.178 -0.112 6.215   -11.712 -1.032  5  B_C7:G19_C  B 7  ? C 19 ? 19 1 
1 A G 8  1_555 B A 17 1_555 0.250  1.629  -0.140 9.899   -5.092  -17.870 6  B_G8:A17_C  B 8  ? C 17 ? 8  1 
1 A U 9  1_555 B A 16 1_555 0.055  0.006  0.086  17.014  -17.682 -4.935  7  B_U9:A16_C  B 9  ? C 16 ? 20 1 
1 A U 10 1_555 B A 15 1_555 -0.140 0.054  -0.019 15.313  -16.466 -0.609  8  B_U10:A15_C B 10 ? C 15 ? 20 1 
1 A C 11 1_555 B G 14 1_555 0.249  -0.149 0.183  2.686   -10.951 1.365   9  B_C11:G14_C B 11 ? C 14 ? 19 1 
1 A C 12 1_555 B G 13 1_555 -0.006 -0.170 0.266  -4.606  -6.268  0.675   10 B_C12:G13_C B 12 ? C 13 ? 19 1 
1 A G 13 1_555 B C 12 1_555 0.044  -0.179 0.410  1.366   -9.164  1.392   11 B_G13:C12_C B 13 ? C 12 ? 19 1 
1 A G 14 1_555 B C 11 1_555 -0.130 -0.053 -0.405 -8.965  -14.344 2.187   12 B_G14:C11_C B 14 ? C 11 ? 19 1 
1 A A 15 1_555 B U 10 1_555 0.184  -0.021 -0.126 -12.583 -13.128 0.729   13 B_A15:U10_C B 15 ? C 10 ? 20 1 
1 A A 16 1_555 B U 9  1_555 0.041  -0.069 0.246  -20.769 -16.228 -2.822  14 B_A16:U9_C  B 16 ? C 9  ? 20 1 
1 A A 17 1_555 B G 8  1_555 -0.263 1.612  -0.201 -6.822  -8.910  -10.736 15 B_A17:G8_C  B 17 ? C 8  ? 8  1 
1 A G 19 1_555 B C 7  1_555 -0.206 -0.145 -0.059 -5.572  -11.891 0.042   16 B_G19:C7_C  B 19 ? C 7  ? 19 1 
1 A U 20 1_555 B U 6  1_555 -2.439 -1.677 0.242  2.180   -14.955 6.054   17 B_U20:U6_C  B 20 ? C 6  ? 16 1 
1 A C 21 1_555 B G 5  1_555 0.151  -0.152 -0.136 5.113   -18.185 2.296   18 B_C21:G5_C  B 21 ? C 5  ? 19 1 
1 A G 22 1_555 B C 4  1_555 -0.128 -0.111 -0.029 -5.063  -5.630  -0.338  19 B_G22:C4_C  B 22 ? C 4  ? 19 1 
1 A C 23 1_555 B G 3  1_555 0.207  -0.160 0.104  2.922   3.169   -0.953  20 B_C23:G3_C  B 23 ? C 3  ? 19 1 
# 
loop_
_ndb_struct_na_base_pair_step.model_number 
_ndb_struct_na_base_pair_step.i_label_asym_id_1 
_ndb_struct_na_base_pair_step.i_label_comp_id_1 
_ndb_struct_na_base_pair_step.i_label_seq_id_1 
_ndb_struct_na_base_pair_step.i_symmetry_1 
_ndb_struct_na_base_pair_step.j_label_asym_id_1 
_ndb_struct_na_base_pair_step.j_label_comp_id_1 
_ndb_struct_na_base_pair_step.j_label_seq_id_1 
_ndb_struct_na_base_pair_step.j_symmetry_1 
_ndb_struct_na_base_pair_step.i_label_asym_id_2 
_ndb_struct_na_base_pair_step.i_label_comp_id_2 
_ndb_struct_na_base_pair_step.i_label_seq_id_2 
_ndb_struct_na_base_pair_step.i_symmetry_2 
_ndb_struct_na_base_pair_step.j_label_asym_id_2 
_ndb_struct_na_base_pair_step.j_label_comp_id_2 
_ndb_struct_na_base_pair_step.j_label_seq_id_2 
_ndb_struct_na_base_pair_step.j_symmetry_2 
_ndb_struct_na_base_pair_step.shift 
_ndb_struct_na_base_pair_step.slide 
_ndb_struct_na_base_pair_step.rise 
_ndb_struct_na_base_pair_step.tilt 
_ndb_struct_na_base_pair_step.roll 
_ndb_struct_na_base_pair_step.twist 
_ndb_struct_na_base_pair_step.x_displacement 
_ndb_struct_na_base_pair_step.y_displacement 
_ndb_struct_na_base_pair_step.helical_rise 
_ndb_struct_na_base_pair_step.inclination 
_ndb_struct_na_base_pair_step.tip 
_ndb_struct_na_base_pair_step.helical_twist 
_ndb_struct_na_base_pair_step.step_number 
_ndb_struct_na_base_pair_step.step_name 
_ndb_struct_na_base_pair_step.i_auth_asym_id_1 
_ndb_struct_na_base_pair_step.i_auth_seq_id_1 
_ndb_struct_na_base_pair_step.i_PDB_ins_code_1 
_ndb_struct_na_base_pair_step.j_auth_asym_id_1 
_ndb_struct_na_base_pair_step.j_auth_seq_id_1 
_ndb_struct_na_base_pair_step.j_PDB_ins_code_1 
_ndb_struct_na_base_pair_step.i_auth_asym_id_2 
_ndb_struct_na_base_pair_step.i_auth_seq_id_2 
_ndb_struct_na_base_pair_step.i_PDB_ins_code_2 
_ndb_struct_na_base_pair_step.j_auth_asym_id_2 
_ndb_struct_na_base_pair_step.j_auth_seq_id_2 
_ndb_struct_na_base_pair_step.j_PDB_ins_code_2 
1 A G 3  1_555 B C 23 1_555 A C 4  1_555 B G 22 1_555 -0.281 -1.829 3.205 0.576  -1.004 32.788 -3.068 0.595  3.253 -1.778 -1.020  
32.808 1  BB_G3C4:G22C23_CC   B 3  ? C 23 ? B 4  ? C 22 ? 
1 A C 4  1_555 B G 22 1_555 A G 5  1_555 B C 21 1_555 -0.186 -1.849 3.407 -0.622 11.070 27.554 -5.799 0.241  2.497 22.138 1.244   
29.661 2  BB_C4G5:C21G22_CC   B 4  ? C 22 ? B 5  ? C 21 ? 
1 A G 5  1_555 B C 21 1_555 A U 6  1_555 B U 20 1_555 0.515  -0.931 3.176 -0.660 4.929  45.960 -1.587 -0.710 3.059 6.291  0.842   
46.214 3  BB_G5U6:U20C21_CC   B 5  ? C 21 ? B 6  ? C 20 ? 
1 A U 6  1_555 B U 20 1_555 A C 7  1_555 B G 19 1_555 -0.218 -1.725 2.895 7.877  3.969  25.601 -4.532 2.140  2.431 8.636  -17.140 
27.054 4  BB_U6C7:G19U20_CC   B 6  ? C 20 ? B 7  ? C 19 ? 
1 A C 7  1_555 B G 19 1_555 A G 8  1_555 B A 17 1_555 0.776  -3.573 3.395 -5.042 5.667  32.253 -7.158 -2.151 2.599 10.028 8.923   
33.110 5  BB_C7G8:A17G19_CC   B 7  ? C 19 ? B 8  ? C 17 ? 
1 A G 8  1_555 B A 17 1_555 A U 9  1_555 B A 16 1_555 -0.381 -1.884 2.867 -7.006 7.533  27.020 -5.145 -0.508 2.294 15.432 14.351  
28.878 6  BB_G8U9:A16A17_CC   B 8  ? C 17 ? B 9  ? C 16 ? 
1 A U 9  1_555 B A 16 1_555 A U 10 1_555 B A 15 1_555 0.296  -1.603 3.259 -4.098 6.183  36.029 -3.345 -1.001 2.904 9.868  6.541   
36.760 7  BB_U9U10:A15A16_CC  B 9  ? C 16 ? B 10 ? C 15 ? 
1 A U 10 1_555 B A 15 1_555 A C 11 1_555 B G 14 1_555 -0.239 -1.652 3.345 -0.072 7.231  34.063 -3.834 0.389  2.943 12.174 0.121   
34.800 8  BB_U10C11:G14A15_CC B 10 ? C 15 ? B 11 ? C 14 ? 
1 A C 11 1_555 B G 14 1_555 A C 12 1_555 B G 13 1_555 -0.041 -1.835 3.264 2.504  6.704  31.524 -4.416 0.491  2.813 12.144 -4.535  
32.306 9  BB_C11C12:G13G14_CC B 11 ? C 14 ? B 12 ? C 13 ? 
1 A C 12 1_555 B G 13 1_555 A G 13 1_555 B C 12 1_555 0.017  -2.152 3.249 -0.095 10.260 22.619 -7.658 -0.064 2.087 24.596 0.227   
24.810 10 BB_C12G13:C12G13_CC B 12 ? C 13 ? B 13 ? C 12 ? 
1 A G 13 1_555 B C 12 1_555 A G 14 1_555 B C 11 1_555 -0.033 -1.740 3.505 1.537  11.429 32.181 -4.748 0.296  2.741 19.839 -2.668  
34.133 11 BB_G13G14:C11C12_CC B 13 ? C 12 ? B 14 ? C 11 ? 
1 A G 14 1_555 B C 11 1_555 A A 15 1_555 B U 10 1_555 0.125  -1.474 3.171 -3.300 8.900  32.958 -3.778 -0.685 2.670 15.296 5.673   
34.261 12 BB_G14A15:U10C11_CC B 14 ? C 11 ? B 15 ? C 10 ? 
1 A A 15 1_555 B U 10 1_555 A A 16 1_555 B U 9  1_555 -0.317 -1.490 3.320 -0.991 3.332  36.757 -2.801 0.368  3.185 5.270  1.568   
36.916 13 BB_A15A16:U9U10_CC  B 15 ? C 10 ? B 16 ? C 9  ? 
1 A A 16 1_555 B U 9  1_555 A A 17 1_555 B G 8  1_555 0.307  -1.905 2.772 11.473 5.156  28.504 -4.361 1.224  2.347 9.886  -21.997 
31.103 14 BB_A16A17:G8U9_CC   B 16 ? C 9  ? B 17 ? C 8  ? 
1 A A 17 1_555 B G 8  1_555 A G 19 1_555 B C 7  1_555 -0.760 -3.513 3.427 4.182  8.195  29.552 -8.004 2.148  2.268 15.597 -7.960  
30.920 15 BB_A17G19:C7G8_CC   B 17 ? C 8  ? B 19 ? C 7  ? 
1 A G 19 1_555 B C 7  1_555 A U 20 1_555 B U 6  1_555 0.173  -1.729 2.900 -7.788 3.808  25.492 -4.539 -2.055 2.461 8.328  17.032  
26.903 16 BB_G19U20:U6C7_CC   B 19 ? C 7  ? B 20 ? C 6  ? 
1 A U 20 1_555 B U 6  1_555 A C 21 1_555 B G 5  1_555 -0.516 -0.952 3.199 1.125  4.818  45.387 -1.632 0.759  3.075 6.223  -1.453  
45.641 17 BB_U20C21:G5U6_CC   B 20 ? C 6  ? B 21 ? C 5  ? 
1 A C 21 1_555 B G 5  1_555 A G 22 1_555 B C 4  1_555 0.211  -1.855 3.408 0.882  11.118 27.521 -5.822 -0.239 2.492 22.246 -1.765  
29.655 18 BB_C21G22:C4G5_CC   B 21 ? C 5  ? B 22 ? C 4  ? 
1 A G 22 1_555 B C 4  1_555 A C 23 1_555 B G 3  1_555 0.309  -1.819 3.210 -0.782 -0.911 32.996 -3.047 -0.675 3.250 -1.603 1.376   
33.018 19 BB_G22C23:G3C4_CC   B 22 ? C 4  ? B 23 ? C 3  ? 
# 
loop_
_pdbx_entity_nonpoly.entity_id 
_pdbx_entity_nonpoly.name 
_pdbx_entity_nonpoly.comp_id 
2 APRAMYCIN AM2 
3 water     HOH 
# 
_pdbx_initial_refinement_model.id               1 
_pdbx_initial_refinement_model.entity_id_list   ? 
_pdbx_initial_refinement_model.type             'experimental model' 
_pdbx_initial_refinement_model.source_name      PDB 
_pdbx_initial_refinement_model.accession_code   2G5K 
_pdbx_initial_refinement_model.details          'pdb entry 2G5K' 
# 
